data_7BVF
#
_entry.id   7BVF
#
_cell.length_a   1.00
_cell.length_b   1.00
_cell.length_c   1.00
_cell.angle_alpha   90.00
_cell.angle_beta   90.00
_cell.angle_gamma   90.00
#
_symmetry.space_group_name_H-M   'P 1'
#
loop_
_entity.id
_entity.type
_entity.pdbx_description
1 polymer 'Probable arabinosyltransferase B'
2 polymer 'Probable arabinosyltransferase A'
3 polymer 'Meromycolate extension acyl carrier protein'
4 non-polymer 'CALCIUM ION'
5 non-polymer Ethambutol
6 non-polymer 'MONO-TRANS, OCTA-CIS DECAPRENYL-PHOSPHATE'
7 non-polymer CARDIOLIPIN
#
loop_
_entity_poly.entity_id
_entity_poly.type
_entity_poly.pdbx_seq_one_letter_code
_entity_poly.pdbx_strand_id
1 'polypeptide(L)'
;MTQCASRRKSTPNRAILGAFASARGTRWVATIAGLIGFVLSVATPLLPVVQTTAMLDWPQRGQLGSVTAPLISLTPVDFT
ATVPCDVVRAMPPAGGVVLGTAPKQGKDANLQALFVVVSAQRVDVTDRNVVILSVPREQVTSPQCQRIEVTSTHAGTFAN
FVGLKDPSGAPLRSGFPDPNLRPQIVGVFTDLTGPAPPGLAVSATIDTRFSTRPTTLKLLAIIGAIVATVVALIALWRLD
QLDGRGSIAQLLLRPFRPASSPGGMRRLIPASWRTFTLTDAVVIFGFLLWHVIGANSSDDGYILGMARVADHAGYMSNYF
RWFGSPEDPFGWYYNLLALMTHVSDASLWMRLPDLAAGLVCWLLLSREVLPRLGPAVEASKPAYWAAAMVLLTAWMPFNN
GLRPEGIIALGSLVTYVLIERSMRYSRLTPAALAVVTAAFTLGVQPTGLIAVAALVAGGRPMLRILVRRHRLVGTLPLVS
PMLAAGTVILTVVFADQTLSTVLEATRVRAKIGPSQAWYTENLRYYYLILPTVDGSLSRRFGFLITALCLFTAVFIMLRR
KRIPSVARGPAWRLMGVIFGTMFFLMFTPTKWVHHFGLFAAVGAAMAALTTVLVSPSVLRWSRNRMAFLAALFFLLALCW
ATTNGWWYVSSYGVPFNSAMPKIDGITVSTIFFALFAIAAGYAAWLHFAPRGAGEGRLIRALTTAPVPIVAGFMAAVFVA
SMVAGIVRQYPTYSNGWSNVRAFVGGCGLADDVLVEPDTNAGFMKPLDGDSGSWGPLGPLGGVNPVGFTPNGVPEHTVAE
AIVMKPNQPGTDYDWDAPTKLTSPGINGSTVPLPYGLDPARVPLAGTYTTGAQQQSTLVSAWYLLPKPDDGHPLVVVTAA
GKIAGNSVLHGYTPGQTVVLEYAMPGPGALVPAGRMVPDDLYGEQPKAWRNLRFARAKMPADAVAVRVVAEDLSLTPEDW
IAVTPPRVPDLRSLQEYVGSTQPVLLDWAVGLAFPCQQPMLHANGIAEIPKFRITPDYSAKKLDTDTWEDGTNGGLLGIT
DLLLRAHVMATYLSRDWARDWGSLRKFDTLVDAPPAQLELGTATRSGLWSPGKIRIGPHLGGIKAFHHHHHHHHHH
;
B
2 'polypeptide(L)'
;DYKDDDDKVPHDGNERSHRIARLAAVVSGIAGLLLCGIVPLLPVNQTTATIFWPQGSTADGNITQITAPLVSGAPRALDI
SIPCSAIATLPANGGLVLSTLPAGGVDTGKAGLFVRANQDTVVVAFRDSVAAVAARSTIAAGGCSALHIWADTGGAGADF
MGIPGGAGTLPPEKKPQVGGIFTDLKVGAQPGLSARVDIDTRFITTPGALKKAVMLLGVLAVLVAMVGLAALDRLSRGRT
LRDWLTRYRPRVRVGFASRLADAAVIATLLLWHVIGATSSDDGYLLTVARVAPKAGYVANYYRYFGTTEAPFDWYTSVLA
QLAAVSTAGVWMRLPATLAGIACWLIVSRFVLRRLGPGPGGLASNRVAVFTAGAVFLSAWLPFNNGLRPEPLIALGVLVT
WVLVERSIALGRLAPAAVAIIVATLTATLAPQGLIALAPLLTGARAIAQRIRRRRATDGLLAPLAVLAAALSLITVVVFR
DQTLATVAESARIKYKVGPTIAWYQDFLRYYFLTVESNVEGSMSRRFAVLVLLFCLFGVLFVLLRRGRVAGLASGPAWRL
IGTTAVGLLLLTFTPTKWAVQFGAFAGLAGVLGAVTAFTFARIGLHSRRNLTLYVTALLFVLAWATSGINGWFYVGNYGV
PWYDIQPVIASHPVTSMFLTLSILTGLLAAWYHFRMDYAGHTEVKDNRRNRILASTPLLVVAVIMVAGEVGSMAKAAVFR
YPLYTTAKANLTALSTGLSSCAMADDVLAEPDPNAGMLQPVPGQAFGPDGPLGGISPVGFKPEGVGEDLKSDPVVSKPGL
VNSDASPNKPNAAITDSAGTAGGKGPVGINGSHAALPFGLDPARTPVMGSYGENNLAATATSAWYQLPPRSPDRPLVVVS
AAGAIWSYKEDGDFIYGQSLKLQWGVTGPDGRIQPLGQVFPIDIGPQPAWRNLRFPLAWAPPEADVARIVAYDPNLSPEQ
WFAFTPPRVPVLESLQRLIGSATPVLMDIATAANFPCQRPFSEHLGIAELPQYRILPDHKQTAASSNLWQSSSTGGPFLF
TQALLRTSTIATYLRGDWYRDWGSVEQYHRLVPADQAPDAVVEEGVITVPGWGRPGPIRALP
;
A
3 'polypeptide(L)'
;MAATQEEIIAGLAEIIEEVTGIEPSEVTPEKSFVDDLDIDSLSMVEIAVQTEDKYGVKIPDEDLAGLRTVGDVVAYIQKL
EEENPEAAAALREKFAADQ
;
P
#
# COMPACT_ATOMS: atom_id res chain seq x y z
N ARG A 24 64.08 -10.14 13.31
CA ARG A 24 64.06 -9.04 12.35
C ARG A 24 64.11 -9.56 10.93
N GLY A 25 64.47 -10.83 10.78
CA GLY A 25 64.41 -11.46 9.48
C GLY A 25 63.01 -11.88 9.09
N THR A 26 62.17 -12.20 10.07
CA THR A 26 60.77 -12.52 9.84
C THR A 26 59.87 -11.30 10.01
N ARG A 27 60.44 -10.10 10.07
CA ARG A 27 59.65 -8.87 10.00
C ARG A 27 59.72 -8.21 8.64
N TRP A 28 60.76 -8.50 7.85
CA TRP A 28 60.80 -8.02 6.48
C TRP A 28 59.92 -8.87 5.57
N VAL A 29 59.75 -10.15 5.91
CA VAL A 29 58.84 -10.99 5.15
C VAL A 29 57.42 -10.49 5.26
N ALA A 30 56.94 -10.30 6.49
CA ALA A 30 55.58 -9.82 6.73
C ALA A 30 55.35 -8.42 6.18
N THR A 31 56.38 -7.74 5.70
CA THR A 31 56.23 -6.44 5.06
C THR A 31 56.24 -6.54 3.54
N ILE A 32 57.28 -7.17 2.98
CA ILE A 32 57.39 -7.22 1.52
C ILE A 32 56.31 -8.14 0.94
N ALA A 33 56.08 -9.31 1.56
CA ALA A 33 55.05 -10.19 1.05
C ALA A 33 53.66 -9.72 1.38
N GLY A 34 53.51 -8.62 2.11
CA GLY A 34 52.21 -8.06 2.39
C GLY A 34 51.91 -6.87 1.51
N LEU A 35 52.98 -6.18 1.07
CA LEU A 35 52.79 -5.12 0.09
C LEU A 35 52.72 -5.66 -1.33
N ILE A 36 53.41 -6.76 -1.61
CA ILE A 36 53.35 -7.38 -2.93
C ILE A 36 51.95 -7.92 -3.19
N GLY A 37 51.40 -8.65 -2.23
CA GLY A 37 50.05 -9.17 -2.34
C GLY A 37 48.96 -8.13 -2.33
N PHE A 38 49.31 -6.86 -2.18
CA PHE A 38 48.38 -5.75 -2.29
C PHE A 38 48.51 -5.03 -3.63
N VAL A 39 49.74 -4.70 -4.04
CA VAL A 39 49.93 -4.07 -5.33
C VAL A 39 49.72 -5.03 -6.49
N LEU A 40 49.68 -6.34 -6.23
CA LEU A 40 49.38 -7.32 -7.27
C LEU A 40 47.91 -7.71 -7.28
N SER A 41 47.15 -7.37 -6.24
CA SER A 41 45.74 -7.69 -6.19
C SER A 41 44.84 -6.49 -6.42
N VAL A 42 45.36 -5.28 -6.28
CA VAL A 42 44.60 -4.08 -6.61
C VAL A 42 44.88 -3.72 -8.07
N ALA A 43 45.57 -4.62 -8.78
CA ALA A 43 45.95 -4.39 -10.16
C ALA A 43 45.50 -5.50 -11.10
N THR A 44 44.72 -6.47 -10.63
CA THR A 44 44.20 -7.48 -11.54
C THR A 44 43.02 -6.97 -12.37
N PRO A 45 42.08 -6.14 -11.83
CA PRO A 45 41.00 -5.67 -12.70
C PRO A 45 41.42 -4.50 -13.57
N LEU A 46 42.63 -4.57 -14.11
CA LEU A 46 43.11 -3.59 -15.07
C LEU A 46 43.97 -4.20 -16.16
N LEU A 47 44.14 -5.52 -16.15
CA LEU A 47 45.05 -6.23 -17.03
C LEU A 47 44.31 -6.82 -18.22
N PRO A 48 45.01 -7.12 -19.30
CA PRO A 48 44.32 -7.53 -20.54
C PRO A 48 43.52 -8.80 -20.38
N VAL A 49 42.51 -8.94 -21.22
CA VAL A 49 41.74 -10.16 -21.40
C VAL A 49 41.66 -10.46 -22.88
N VAL A 50 41.08 -11.60 -23.22
CA VAL A 50 40.96 -12.04 -24.61
C VAL A 50 39.48 -12.21 -24.89
N GLN A 51 38.88 -11.23 -25.57
CA GLN A 51 37.48 -11.29 -25.92
C GLN A 51 37.28 -12.06 -27.21
N THR A 52 36.17 -12.79 -27.28
CA THR A 52 35.75 -13.47 -28.50
C THR A 52 34.65 -12.64 -29.17
N THR A 53 34.85 -12.30 -30.43
CA THR A 53 34.01 -11.35 -31.15
C THR A 53 33.27 -12.07 -32.28
N ALA A 54 31.96 -11.94 -32.29
CA ALA A 54 31.12 -12.53 -33.32
C ALA A 54 30.61 -11.46 -34.27
N MET A 55 30.32 -11.86 -35.51
CA MET A 55 29.80 -10.95 -36.51
C MET A 55 28.60 -11.62 -37.18
N LEU A 56 28.15 -11.05 -38.30
CA LEU A 56 26.98 -11.57 -38.99
C LEU A 56 26.88 -10.98 -40.40
N ASP A 57 26.41 -11.79 -41.32
CA ASP A 57 26.45 -11.24 -42.69
C ASP A 57 25.56 -12.00 -43.59
N TRP A 58 24.36 -11.51 -43.80
CA TRP A 58 23.46 -12.21 -44.73
C TRP A 58 23.71 -11.69 -46.15
N PRO A 59 23.16 -12.23 -47.25
CA PRO A 59 23.19 -13.64 -47.68
C PRO A 59 23.38 -14.96 -46.91
N GLN A 60 24.60 -15.42 -46.59
CA GLN A 60 25.04 -16.64 -45.82
C GLN A 60 25.61 -17.70 -46.77
N ARG A 61 24.75 -18.46 -47.43
CA ARG A 61 25.13 -19.46 -48.42
C ARG A 61 24.96 -18.95 -49.84
N GLY A 62 24.74 -17.65 -50.03
CA GLY A 62 24.45 -17.11 -51.34
C GLY A 62 23.14 -17.63 -51.88
N GLN A 63 22.08 -17.58 -51.07
CA GLN A 63 20.79 -18.09 -51.50
C GLN A 63 19.61 -17.19 -51.15
N LEU A 64 19.84 -16.07 -50.47
CA LEU A 64 18.82 -15.03 -50.28
C LEU A 64 17.59 -15.57 -49.56
N GLY A 65 17.81 -16.17 -48.40
CA GLY A 65 16.74 -16.64 -47.56
C GLY A 65 16.83 -16.03 -46.17
N SER A 66 15.74 -16.18 -45.43
CA SER A 66 15.73 -15.68 -44.07
C SER A 66 16.63 -16.53 -43.19
N VAL A 67 17.11 -15.93 -42.10
CA VAL A 67 17.87 -16.62 -41.08
C VAL A 67 17.33 -16.18 -39.72
N THR A 68 17.95 -16.69 -38.66
CA THR A 68 17.51 -16.38 -37.30
C THR A 68 18.72 -16.19 -36.41
N ALA A 69 18.73 -15.10 -35.65
CA ALA A 69 19.82 -14.78 -34.74
C ALA A 69 19.28 -13.99 -33.58
N PRO A 70 18.67 -14.67 -32.61
CA PRO A 70 18.03 -13.97 -31.50
C PRO A 70 19.02 -13.43 -30.49
N LEU A 71 19.55 -12.23 -30.73
CA LEU A 71 20.50 -11.62 -29.80
C LEU A 71 19.91 -11.55 -28.41
N ILE A 72 20.72 -11.90 -27.41
CA ILE A 72 20.25 -11.91 -26.03
C ILE A 72 20.34 -10.53 -25.38
N SER A 73 21.18 -9.65 -25.88
CA SER A 73 21.25 -8.28 -25.40
C SER A 73 20.21 -7.39 -26.07
N LEU A 74 19.40 -7.94 -26.98
CA LEU A 74 18.27 -7.31 -27.63
C LEU A 74 18.68 -6.20 -28.60
N THR A 75 19.96 -6.05 -28.88
CA THR A 75 20.44 -4.94 -29.69
C THR A 75 21.89 -5.18 -30.10
N PRO A 76 22.28 -4.89 -31.34
CA PRO A 76 23.67 -5.06 -31.73
C PRO A 76 24.55 -3.90 -31.29
N VAL A 77 25.81 -3.90 -31.71
CA VAL A 77 26.65 -2.72 -31.54
C VAL A 77 26.59 -1.82 -32.77
N ASP A 78 26.66 -2.41 -33.96
CA ASP A 78 26.54 -1.72 -35.23
C ASP A 78 25.44 -2.35 -36.06
N PHE A 79 25.16 -1.72 -37.20
CA PHE A 79 24.26 -2.31 -38.19
C PHE A 79 24.49 -1.58 -39.52
N THR A 80 24.44 -2.32 -40.62
CA THR A 80 24.74 -1.73 -41.92
C THR A 80 24.07 -2.54 -43.02
N ALA A 81 23.28 -1.88 -43.85
CA ALA A 81 22.64 -2.52 -45.00
C ALA A 81 22.95 -1.70 -46.25
N THR A 82 23.01 -2.39 -47.39
CA THR A 82 23.41 -1.76 -48.65
C THR A 82 22.30 -1.68 -49.68
N VAL A 83 21.64 -2.79 -49.99
CA VAL A 83 20.41 -2.78 -50.79
C VAL A 83 20.57 -2.00 -52.09
N PRO A 84 21.19 -2.56 -53.13
CA PRO A 84 21.33 -1.83 -54.40
C PRO A 84 19.99 -1.49 -55.03
N CYS A 85 20.01 -0.77 -56.14
CA CYS A 85 18.78 -0.26 -56.75
C CYS A 85 18.12 -1.28 -57.66
N ASP A 86 18.88 -2.20 -58.27
CA ASP A 86 18.28 -3.20 -59.14
C ASP A 86 17.34 -4.12 -58.38
N VAL A 87 17.66 -4.41 -57.12
CA VAL A 87 16.79 -5.24 -56.30
C VAL A 87 15.40 -4.62 -56.19
N VAL A 88 15.34 -3.30 -56.05
CA VAL A 88 14.04 -2.62 -55.96
C VAL A 88 13.42 -2.47 -57.34
N ARG A 89 14.24 -2.27 -58.37
CA ARG A 89 13.70 -2.12 -59.72
C ARG A 89 13.06 -3.42 -60.22
N ALA A 90 13.51 -4.56 -59.72
CA ALA A 90 13.05 -5.87 -60.19
C ALA A 90 12.08 -6.52 -59.20
N MET A 91 11.24 -5.71 -58.58
CA MET A 91 10.21 -6.22 -57.68
C MET A 91 8.84 -6.16 -58.33
N PRO A 92 7.89 -6.97 -57.88
CA PRO A 92 6.54 -6.92 -58.44
C PRO A 92 5.87 -5.58 -58.14
N PRO A 93 4.77 -5.25 -58.82
CA PRO A 93 4.05 -4.01 -58.50
C PRO A 93 3.54 -3.95 -57.07
N ALA A 94 3.51 -5.06 -56.35
CA ALA A 94 3.16 -5.05 -54.94
C ALA A 94 4.37 -4.61 -54.12
N GLY A 95 4.15 -4.42 -52.82
CA GLY A 95 5.19 -3.86 -51.99
C GLY A 95 6.37 -4.75 -51.70
N GLY A 96 6.16 -5.80 -50.90
CA GLY A 96 7.26 -6.60 -50.43
C GLY A 96 8.10 -5.89 -49.38
N VAL A 97 8.86 -6.68 -48.64
CA VAL A 97 9.77 -6.20 -47.60
C VAL A 97 11.15 -6.66 -48.00
N VAL A 98 11.90 -5.80 -48.70
CA VAL A 98 13.19 -6.21 -49.25
C VAL A 98 14.16 -6.59 -48.14
N LEU A 99 13.97 -6.03 -46.95
CA LEU A 99 14.92 -6.29 -45.87
C LEU A 99 14.24 -5.94 -44.55
N GLY A 100 14.18 -6.91 -43.65
CA GLY A 100 13.64 -6.70 -42.32
C GLY A 100 14.60 -7.23 -41.27
N THR A 101 14.23 -6.99 -40.02
CA THR A 101 15.00 -7.44 -38.89
C THR A 101 14.23 -8.39 -37.99
N ALA A 102 12.92 -8.20 -37.87
CA ALA A 102 11.98 -9.11 -37.26
C ALA A 102 10.97 -9.52 -38.31
N PRO A 103 10.22 -10.61 -38.10
CA PRO A 103 9.19 -10.97 -39.08
C PRO A 103 8.10 -9.92 -39.13
N LYS A 104 7.57 -9.71 -40.33
CA LYS A 104 6.65 -8.59 -40.54
C LYS A 104 5.40 -8.71 -39.69
N GLN A 105 4.99 -9.93 -39.35
CA GLN A 105 3.77 -10.18 -38.60
C GLN A 105 4.04 -10.46 -37.12
N GLY A 106 5.17 -9.99 -36.59
CA GLY A 106 5.47 -10.15 -35.18
C GLY A 106 4.52 -9.38 -34.29
N LYS A 107 4.71 -9.43 -32.97
CA LYS A 107 3.79 -8.75 -32.07
C LYS A 107 3.91 -7.24 -32.21
N ASP A 108 5.08 -6.69 -31.90
CA ASP A 108 5.41 -5.31 -32.20
C ASP A 108 6.63 -5.35 -33.11
N ALA A 109 6.38 -5.54 -34.41
CA ALA A 109 7.47 -5.64 -35.36
C ALA A 109 7.83 -4.29 -35.94
N ASN A 110 6.84 -3.44 -36.21
CA ASN A 110 7.13 -2.09 -36.70
C ASN A 110 7.93 -1.32 -35.66
N LEU A 111 7.47 -1.34 -34.42
CA LEU A 111 8.30 -0.90 -33.31
C LEU A 111 9.47 -1.86 -33.15
N GLN A 112 10.56 -1.35 -32.58
CA GLN A 112 11.74 -2.15 -32.20
C GLN A 112 12.23 -3.06 -33.33
N ALA A 113 12.27 -2.54 -34.54
CA ALA A 113 12.88 -3.25 -35.67
C ALA A 113 13.07 -2.26 -36.80
N LEU A 114 13.71 -2.72 -37.87
CA LEU A 114 14.05 -1.87 -39.00
C LEU A 114 13.53 -2.51 -40.28
N PHE A 115 12.89 -1.71 -41.12
CA PHE A 115 12.32 -2.19 -42.36
C PHE A 115 12.67 -1.26 -43.51
N VAL A 116 12.75 -1.81 -44.71
CA VAL A 116 13.16 -1.12 -45.92
C VAL A 116 12.04 -1.20 -46.94
N VAL A 117 10.80 -1.03 -46.47
CA VAL A 117 9.64 -1.48 -47.25
C VAL A 117 9.52 -0.70 -48.55
N VAL A 118 8.97 -1.37 -49.57
CA VAL A 118 9.02 -0.92 -50.96
C VAL A 118 7.59 -0.80 -51.51
N SER A 119 6.68 -0.27 -50.70
CA SER A 119 5.26 -0.39 -50.99
C SER A 119 4.92 0.20 -52.36
N ALA A 120 3.74 -0.18 -52.85
CA ALA A 120 3.36 0.06 -54.25
C ALA A 120 3.36 1.52 -54.64
N GLN A 121 3.53 2.44 -53.69
CA GLN A 121 3.59 3.86 -54.00
C GLN A 121 4.91 4.51 -53.64
N ARG A 122 5.73 3.90 -52.78
CA ARG A 122 6.92 4.58 -52.30
C ARG A 122 7.84 3.59 -51.61
N VAL A 123 9.14 3.90 -51.65
CA VAL A 123 10.15 3.20 -50.87
C VAL A 123 10.37 3.98 -49.59
N ASP A 124 10.56 3.28 -48.47
CA ASP A 124 10.82 3.98 -47.24
C ASP A 124 11.55 3.08 -46.25
N VAL A 125 12.58 3.66 -45.64
CA VAL A 125 13.32 3.05 -44.54
C VAL A 125 12.73 3.57 -43.23
N THR A 126 12.26 2.64 -42.41
CA THR A 126 11.61 2.92 -41.14
C THR A 126 12.47 2.40 -39.99
N ASP A 127 12.04 2.71 -38.77
CA ASP A 127 12.72 2.29 -37.55
C ASP A 127 11.70 2.12 -36.45
N ARG A 128 12.11 2.25 -35.19
CA ARG A 128 11.19 2.02 -34.09
C ARG A 128 10.12 3.10 -34.07
N ASN A 129 9.18 3.00 -35.01
CA ASN A 129 8.01 3.87 -35.17
C ASN A 129 8.36 5.27 -35.67
N VAL A 130 9.50 5.43 -36.34
CA VAL A 130 9.86 6.70 -36.95
C VAL A 130 10.26 6.44 -38.39
N VAL A 131 9.83 7.31 -39.29
CA VAL A 131 10.15 7.18 -40.71
C VAL A 131 11.51 7.87 -40.91
N ILE A 132 12.57 7.07 -41.06
CA ILE A 132 13.89 7.65 -41.26
C ILE A 132 14.00 8.28 -42.63
N LEU A 133 13.55 7.59 -43.67
CA LEU A 133 13.57 8.19 -45.00
C LEU A 133 12.42 7.62 -45.83
N SER A 134 11.94 8.41 -46.78
CA SER A 134 10.87 7.99 -47.68
C SER A 134 11.03 8.73 -49.00
N VAL A 135 10.93 7.98 -50.10
CA VAL A 135 11.09 8.53 -51.45
C VAL A 135 10.06 7.87 -52.37
N PRO A 136 9.35 8.64 -53.19
CA PRO A 136 8.44 8.02 -54.17
C PRO A 136 9.15 7.02 -55.07
N ARG A 137 8.42 5.97 -55.43
CA ARG A 137 9.05 4.83 -56.11
C ARG A 137 9.44 5.16 -57.54
N GLU A 138 8.66 6.00 -58.22
CA GLU A 138 8.99 6.36 -59.60
C GLU A 138 10.27 7.17 -59.70
N GLN A 139 10.83 7.61 -58.57
CA GLN A 139 12.11 8.30 -58.57
C GLN A 139 13.28 7.33 -58.38
N VAL A 140 13.14 6.37 -57.46
CA VAL A 140 14.19 5.38 -57.29
C VAL A 140 14.25 4.44 -58.48
N THR A 141 13.13 4.25 -59.17
CA THR A 141 13.12 3.46 -60.40
C THR A 141 13.54 4.37 -61.56
N SER A 142 14.83 4.66 -61.58
CA SER A 142 15.43 5.56 -62.56
C SER A 142 16.92 5.27 -62.62
N PRO A 143 17.59 5.61 -63.73
CA PRO A 143 19.03 5.34 -63.85
C PRO A 143 19.90 6.14 -62.90
N GLN A 144 19.29 6.94 -62.03
CA GLN A 144 20.04 7.80 -61.12
C GLN A 144 20.45 7.08 -59.84
N CYS A 145 19.47 6.48 -59.14
CA CYS A 145 19.76 5.85 -57.85
C CYS A 145 20.70 4.67 -58.04
N GLN A 146 21.49 4.38 -56.99
CA GLN A 146 22.45 3.28 -57.07
C GLN A 146 22.34 2.28 -55.93
N ARG A 147 22.08 2.75 -54.71
CA ARG A 147 21.99 1.84 -53.56
C ARG A 147 21.35 2.59 -52.40
N ILE A 148 21.10 1.86 -51.31
CA ILE A 148 20.44 2.41 -50.13
C ILE A 148 21.27 2.00 -48.90
N GLU A 149 22.16 2.88 -48.46
CA GLU A 149 22.97 2.62 -47.27
C GLU A 149 22.21 2.98 -46.01
N VAL A 150 22.08 2.02 -45.09
CA VAL A 150 21.19 2.20 -43.94
C VAL A 150 21.97 2.06 -42.63
N THR A 151 23.20 2.55 -42.60
CA THR A 151 24.04 2.43 -41.41
C THR A 151 23.31 2.90 -40.15
N SER A 152 23.66 2.26 -39.03
CA SER A 152 23.05 2.58 -37.73
C SER A 152 24.05 2.17 -36.65
N THR A 153 24.57 3.15 -35.92
CA THR A 153 25.63 2.92 -34.95
C THR A 153 25.33 3.78 -33.72
N HIS A 154 26.33 3.96 -32.86
CA HIS A 154 26.21 4.89 -31.76
C HIS A 154 26.16 6.32 -32.30
N ALA A 155 25.11 7.04 -31.92
CA ALA A 155 24.89 8.42 -32.36
C ALA A 155 24.82 8.53 -33.89
N GLY A 156 23.78 7.90 -34.43
CA GLY A 156 23.47 8.05 -35.84
C GLY A 156 22.61 6.95 -36.41
N THR A 157 21.58 7.31 -37.16
CA THR A 157 20.71 6.33 -37.81
C THR A 157 20.34 6.82 -39.22
N PHE A 158 21.32 7.28 -39.98
CA PHE A 158 21.07 7.95 -41.25
C PHE A 158 20.82 6.93 -42.37
N ALA A 159 20.24 7.42 -43.48
CA ALA A 159 19.71 6.54 -44.51
C ALA A 159 20.22 6.78 -45.93
N ASN A 160 20.73 7.97 -46.26
CA ASN A 160 21.64 8.18 -47.39
C ASN A 160 21.32 7.42 -48.68
N PHE A 161 20.20 7.70 -49.34
CA PHE A 161 19.99 7.15 -50.68
C PHE A 161 21.03 7.72 -51.62
N VAL A 162 21.99 6.90 -52.05
CA VAL A 162 22.96 7.36 -53.02
C VAL A 162 22.27 7.60 -54.37
N GLY A 163 22.89 8.46 -55.18
CA GLY A 163 22.29 8.79 -56.46
C GLY A 163 21.45 10.04 -56.42
N LEU A 164 20.14 9.86 -56.24
CA LEU A 164 19.15 10.93 -56.24
C LEU A 164 19.55 12.12 -55.38
N LYS A 165 19.05 13.30 -55.70
CA LYS A 165 19.38 14.53 -55.00
C LYS A 165 18.13 15.16 -54.40
N ASP A 166 18.27 15.64 -53.17
CA ASP A 166 17.25 16.52 -52.60
C ASP A 166 17.06 17.71 -53.52
N PRO A 167 15.80 18.16 -53.73
CA PRO A 167 15.52 19.25 -54.69
C PRO A 167 16.56 20.35 -54.79
N SER A 168 17.07 20.87 -53.66
CA SER A 168 18.02 21.98 -53.76
C SER A 168 19.44 21.48 -54.04
N GLY A 169 20.07 20.84 -53.07
CA GLY A 169 21.40 20.30 -53.30
C GLY A 169 21.78 19.05 -52.53
N ALA A 170 20.87 18.54 -51.70
CA ALA A 170 21.41 17.50 -50.83
C ALA A 170 21.25 16.13 -51.47
N PRO A 171 22.12 15.18 -51.14
CA PRO A 171 22.01 13.81 -51.66
C PRO A 171 21.08 12.89 -50.86
N LEU A 172 19.92 13.42 -50.48
CA LEU A 172 18.87 12.66 -49.80
C LEU A 172 19.41 11.81 -48.65
N ARG A 173 19.89 12.50 -47.63
CA ARG A 173 20.28 11.85 -46.40
C ARG A 173 19.19 12.04 -45.35
N SER A 174 19.30 11.27 -44.27
CA SER A 174 18.37 11.37 -43.15
C SER A 174 19.13 11.64 -41.86
N GLY A 175 18.41 11.58 -40.74
CA GLY A 175 18.98 12.02 -39.49
C GLY A 175 18.57 11.22 -38.28
N PHE A 176 18.13 11.92 -37.24
CA PHE A 176 17.85 11.36 -35.92
C PHE A 176 19.11 10.73 -35.34
N PRO A 177 20.07 11.55 -34.90
CA PRO A 177 21.31 11.01 -34.33
C PRO A 177 21.13 10.37 -32.97
N ASP A 178 19.88 10.15 -32.57
CA ASP A 178 19.58 9.47 -31.32
C ASP A 178 20.33 8.14 -31.25
N PRO A 179 21.13 7.90 -30.21
CA PRO A 179 21.78 6.59 -30.06
C PRO A 179 20.84 5.49 -29.60
N ASN A 180 19.64 5.83 -29.12
CA ASN A 180 18.63 4.85 -28.77
C ASN A 180 17.70 4.53 -29.92
N LEU A 181 18.25 4.24 -31.09
CA LEU A 181 17.44 3.89 -32.25
C LEU A 181 17.95 2.64 -32.94
N ARG A 182 18.86 1.91 -32.31
CA ARG A 182 19.34 0.67 -32.89
C ARG A 182 18.24 -0.37 -32.88
N PRO A 183 18.01 -1.09 -33.97
CA PRO A 183 16.91 -2.04 -34.02
C PRO A 183 17.18 -3.27 -33.19
N GLN A 184 16.12 -3.85 -32.62
CA GLN A 184 16.21 -5.12 -31.94
C GLN A 184 16.22 -6.23 -32.98
N ILE A 185 17.27 -7.05 -33.00
CA ILE A 185 17.48 -8.02 -34.05
C ILE A 185 17.07 -9.41 -33.58
N VAL A 186 16.24 -10.08 -34.37
CA VAL A 186 16.00 -11.51 -34.24
C VAL A 186 16.24 -12.25 -35.54
N GLY A 187 16.58 -11.55 -36.62
CA GLY A 187 16.92 -12.22 -37.86
C GLY A 187 17.14 -11.22 -38.95
N VAL A 188 17.27 -11.72 -40.18
CA VAL A 188 17.37 -10.84 -41.34
C VAL A 188 16.28 -11.23 -42.34
N PHE A 189 15.11 -11.60 -41.81
CA PHE A 189 13.98 -11.99 -42.64
C PHE A 189 13.77 -11.03 -43.82
N THR A 190 13.48 -11.61 -44.98
CA THR A 190 13.31 -10.88 -46.23
C THR A 190 12.16 -11.49 -47.03
N ASP A 191 11.57 -10.67 -47.90
CA ASP A 191 10.59 -11.17 -48.86
C ASP A 191 11.21 -11.36 -50.23
N LEU A 192 12.17 -12.27 -50.35
CA LEU A 192 12.84 -12.49 -51.63
C LEU A 192 13.21 -13.96 -51.75
N THR A 193 13.31 -14.41 -53.00
CA THR A 193 13.66 -15.79 -53.32
C THR A 193 14.54 -15.81 -54.55
N GLY A 194 15.63 -16.58 -54.49
CA GLY A 194 16.52 -16.71 -55.61
C GLY A 194 17.98 -16.60 -55.21
N PRO A 195 18.88 -16.66 -56.19
CA PRO A 195 20.31 -16.52 -55.89
C PRO A 195 20.64 -15.11 -55.43
N ALA A 196 21.83 -14.98 -54.85
CA ALA A 196 22.23 -13.72 -54.24
C ALA A 196 22.52 -12.67 -55.31
N PRO A 197 21.81 -11.54 -55.34
CA PRO A 197 22.15 -10.47 -56.27
C PRO A 197 23.34 -9.68 -55.75
N PRO A 198 24.25 -9.27 -56.63
CA PRO A 198 25.47 -8.62 -56.18
C PRO A 198 25.20 -7.24 -55.58
N GLY A 199 25.87 -6.93 -54.49
CA GLY A 199 25.71 -5.66 -53.82
C GLY A 199 24.98 -5.75 -52.50
N LEU A 200 23.95 -6.58 -52.45
CA LEU A 200 23.15 -6.73 -51.24
C LEU A 200 24.01 -7.33 -50.13
N ALA A 201 24.07 -6.62 -48.99
CA ALA A 201 24.96 -7.04 -47.91
C ALA A 201 24.50 -6.41 -46.60
N VAL A 202 24.12 -7.25 -45.65
CA VAL A 202 23.82 -6.82 -44.30
C VAL A 202 24.99 -7.23 -43.41
N SER A 203 25.17 -6.50 -42.31
CA SER A 203 26.29 -6.78 -41.40
C SER A 203 25.97 -6.20 -40.03
N ALA A 204 25.90 -7.05 -39.02
CA ALA A 204 25.73 -6.63 -37.64
C ALA A 204 26.92 -7.07 -36.81
N THR A 205 27.06 -6.44 -35.64
CA THR A 205 28.16 -6.71 -34.73
C THR A 205 27.57 -7.00 -33.35
N ILE A 206 27.70 -8.24 -32.90
CA ILE A 206 27.02 -8.69 -31.70
C ILE A 206 27.82 -8.28 -30.47
N ASP A 207 27.11 -7.92 -29.40
CA ASP A 207 27.72 -7.39 -28.18
C ASP A 207 28.12 -8.54 -27.27
N THR A 208 29.23 -9.18 -27.60
CA THR A 208 29.81 -10.24 -26.78
C THR A 208 30.93 -9.68 -25.91
N ARG A 209 30.58 -8.77 -25.00
CA ARG A 209 31.57 -8.11 -24.17
C ARG A 209 31.83 -8.82 -22.85
N PHE A 210 30.92 -9.68 -22.41
CA PHE A 210 31.07 -10.37 -21.14
C PHE A 210 31.78 -11.72 -21.27
N SER A 211 31.97 -12.22 -22.49
CA SER A 211 32.57 -13.53 -22.70
C SER A 211 34.05 -13.36 -23.00
N THR A 212 34.83 -13.25 -21.93
CA THR A 212 36.29 -13.08 -22.01
C THR A 212 36.97 -14.21 -21.25
N ARG A 213 38.28 -14.31 -21.44
CA ARG A 213 39.11 -15.23 -20.69
C ARG A 213 40.43 -14.51 -20.38
N PRO A 214 41.00 -14.73 -19.19
CA PRO A 214 42.19 -13.98 -18.81
C PRO A 214 43.40 -14.38 -19.64
N THR A 215 44.33 -13.44 -19.77
CA THR A 215 45.60 -13.70 -20.44
C THR A 215 46.52 -14.45 -19.48
N THR A 216 47.80 -14.58 -19.85
CA THR A 216 48.77 -15.11 -18.91
C THR A 216 49.25 -14.04 -17.94
N LEU A 217 49.33 -12.79 -18.40
CA LEU A 217 49.74 -11.68 -17.55
C LEU A 217 48.74 -11.38 -16.46
N LYS A 218 47.55 -11.98 -16.49
CA LYS A 218 46.57 -11.86 -15.43
C LYS A 218 46.55 -13.08 -14.51
N LEU A 219 46.76 -14.27 -15.07
CA LEU A 219 46.91 -15.45 -14.24
C LEU A 219 48.13 -15.35 -13.35
N LEU A 220 49.24 -14.84 -13.89
CA LEU A 220 50.43 -14.64 -13.07
C LEU A 220 50.15 -13.69 -11.91
N ALA A 221 49.41 -12.62 -12.16
CA ALA A 221 49.12 -11.66 -11.11
C ALA A 221 48.21 -12.27 -10.04
N ILE A 222 47.22 -13.06 -10.45
CA ILE A 222 46.34 -13.71 -9.49
C ILE A 222 47.12 -14.68 -8.60
N ILE A 223 47.93 -15.53 -9.23
CA ILE A 223 48.73 -16.50 -8.49
C ILE A 223 49.68 -15.80 -7.53
N GLY A 224 50.33 -14.73 -8.00
CA GLY A 224 51.26 -14.01 -7.15
C GLY A 224 50.57 -13.35 -5.97
N ALA A 225 49.41 -12.74 -6.20
CA ALA A 225 48.67 -12.13 -5.10
C ALA A 225 48.32 -13.16 -4.04
N ILE A 226 47.85 -14.33 -4.47
CA ILE A 226 47.43 -15.34 -3.48
C ILE A 226 48.64 -15.88 -2.72
N VAL A 227 49.74 -16.16 -3.42
CA VAL A 227 50.92 -16.68 -2.75
C VAL A 227 51.47 -15.66 -1.75
N ALA A 228 51.48 -14.38 -2.13
CA ALA A 228 52.00 -13.35 -1.25
C ALA A 228 51.12 -13.18 -0.02
N THR A 229 49.79 -13.20 -0.19
CA THR A 229 48.93 -13.07 0.98
C THR A 229 48.89 -14.33 1.84
N VAL A 230 49.37 -15.46 1.34
CA VAL A 230 49.56 -16.61 2.23
C VAL A 230 50.86 -16.48 3.00
N VAL A 231 51.93 -16.05 2.34
CA VAL A 231 53.21 -15.90 3.03
C VAL A 231 53.15 -14.80 4.08
N ALA A 232 52.41 -13.72 3.82
CA ALA A 232 52.28 -12.66 4.82
C ALA A 232 51.59 -13.16 6.08
N LEU A 233 50.54 -13.97 5.92
CA LEU A 233 49.85 -14.51 7.08
C LEU A 233 50.71 -15.52 7.82
N ILE A 234 51.49 -16.31 7.10
CA ILE A 234 52.40 -17.25 7.77
C ILE A 234 53.43 -16.49 8.59
N ALA A 235 53.96 -15.38 8.04
CA ALA A 235 54.94 -14.60 8.79
C ALA A 235 54.31 -13.89 9.98
N LEU A 236 53.07 -13.42 9.84
CA LEU A 236 52.38 -12.80 10.96
C LEU A 236 52.13 -13.82 12.08
N TRP A 237 51.78 -15.05 11.70
CA TRP A 237 51.65 -16.11 12.69
C TRP A 237 52.97 -16.35 13.41
N ARG A 238 54.05 -16.56 12.63
CA ARG A 238 55.36 -16.79 13.23
C ARG A 238 55.84 -15.60 14.06
N LEU A 239 55.30 -14.41 13.82
CA LEU A 239 55.68 -13.23 14.58
C LEU A 239 54.88 -13.07 15.85
N ASP A 240 53.62 -13.54 15.86
CA ASP A 240 52.79 -13.44 17.05
C ASP A 240 53.24 -14.37 18.18
N GLN A 241 54.26 -15.21 17.95
CA GLN A 241 54.68 -16.20 18.93
C GLN A 241 55.97 -15.82 19.64
N LEU A 242 56.25 -14.53 19.75
CA LEU A 242 57.37 -14.07 20.58
C LEU A 242 56.89 -13.75 21.99
N ASP A 243 56.14 -14.69 22.58
CA ASP A 243 55.58 -14.53 23.92
C ASP A 243 55.99 -15.70 24.80
N GLY A 244 56.11 -16.88 24.19
CA GLY A 244 56.45 -18.08 24.93
C GLY A 244 55.43 -19.18 24.76
N ARG A 245 54.68 -19.14 23.66
CA ARG A 245 53.69 -20.16 23.35
C ARG A 245 53.83 -20.52 21.88
N GLY A 246 52.85 -21.26 21.36
CA GLY A 246 52.85 -21.61 19.96
C GLY A 246 52.18 -22.96 19.74
N SER A 247 52.59 -23.61 18.66
CA SER A 247 52.06 -24.91 18.25
C SER A 247 50.55 -24.90 18.10
N ILE A 269 42.24 -31.89 22.61
CA ILE A 269 40.85 -31.52 22.40
C ILE A 269 40.20 -31.29 23.76
N PRO A 270 39.53 -30.14 23.92
CA PRO A 270 38.88 -29.84 25.20
C PRO A 270 37.77 -30.81 25.56
N ALA A 271 37.21 -30.66 26.76
CA ALA A 271 36.12 -31.52 27.20
C ALA A 271 34.78 -31.13 26.62
N SER A 272 34.68 -30.00 25.94
CA SER A 272 33.42 -29.59 25.34
C SER A 272 33.18 -30.29 24.02
N TRP A 273 34.20 -30.38 23.17
CA TRP A 273 34.07 -31.05 21.88
C TRP A 273 33.99 -32.57 22.00
N ARG A 274 34.00 -33.13 23.21
CA ARG A 274 34.03 -34.57 23.40
C ARG A 274 32.72 -35.15 23.90
N THR A 275 31.79 -34.31 24.35
CA THR A 275 30.53 -34.79 24.90
C THR A 275 29.42 -34.75 23.85
N PHE A 276 28.42 -35.59 24.06
CA PHE A 276 27.22 -35.64 23.23
C PHE A 276 26.00 -35.50 24.13
N THR A 277 24.98 -34.80 23.64
CA THR A 277 23.86 -34.42 24.48
C THR A 277 22.55 -34.62 23.75
N LEU A 278 21.48 -34.76 24.53
CA LEU A 278 20.15 -34.88 23.97
C LEU A 278 19.80 -33.68 23.10
N THR A 279 20.29 -32.50 23.44
CA THR A 279 20.07 -31.33 22.60
C THR A 279 20.71 -31.52 21.23
N ASP A 280 21.94 -32.03 21.19
CA ASP A 280 22.60 -32.28 19.92
C ASP A 280 21.85 -33.32 19.11
N ALA A 281 21.40 -34.39 19.76
CA ALA A 281 20.63 -35.41 19.05
C ALA A 281 19.37 -34.81 18.44
N VAL A 282 18.64 -34.00 19.20
CA VAL A 282 17.42 -33.40 18.69
C VAL A 282 17.70 -32.48 17.52
N VAL A 283 18.76 -31.67 17.62
CA VAL A 283 19.05 -30.73 16.54
C VAL A 283 19.46 -31.47 15.27
N ILE A 284 20.30 -32.51 15.40
CA ILE A 284 20.73 -33.25 14.22
C ILE A 284 19.54 -33.95 13.57
N PHE A 285 18.67 -34.55 14.37
CA PHE A 285 17.51 -35.23 13.79
C PHE A 285 16.57 -34.24 13.12
N GLY A 286 16.34 -33.08 13.74
CA GLY A 286 15.46 -32.08 13.15
C GLY A 286 16.06 -31.35 11.97
N PHE A 287 17.37 -31.43 11.77
CA PHE A 287 17.94 -30.93 10.52
C PHE A 287 17.84 -31.98 9.42
N LEU A 288 18.16 -33.24 9.73
CA LEU A 288 18.12 -34.28 8.72
C LEU A 288 16.70 -34.58 8.26
N LEU A 289 15.71 -34.42 9.13
CA LEU A 289 14.32 -34.66 8.73
C LEU A 289 13.82 -33.54 7.83
N TRP A 290 14.11 -32.29 8.19
CA TRP A 290 13.67 -31.15 7.39
C TRP A 290 14.40 -31.08 6.06
N HIS A 291 15.60 -31.64 5.95
CA HIS A 291 16.27 -31.64 4.65
C HIS A 291 15.51 -32.50 3.65
N VAL A 292 14.76 -33.49 4.10
CA VAL A 292 14.08 -34.44 3.22
C VAL A 292 12.61 -34.06 3.04
N ILE A 293 11.88 -33.83 4.12
CA ILE A 293 10.45 -33.57 4.03
C ILE A 293 10.11 -32.08 4.06
N GLY A 294 11.10 -31.22 4.10
CA GLY A 294 10.84 -29.82 4.36
C GLY A 294 10.59 -29.00 3.11
N ALA A 295 10.10 -27.78 3.33
CA ALA A 295 9.81 -26.85 2.27
C ALA A 295 11.10 -26.23 1.73
N ASN A 296 10.96 -25.46 0.66
CA ASN A 296 12.07 -24.81 0.00
C ASN A 296 11.78 -23.31 -0.12
N SER A 297 12.77 -22.57 -0.65
CA SER A 297 12.64 -21.14 -0.81
C SER A 297 11.95 -20.81 -2.12
N SER A 298 11.87 -19.53 -2.44
CA SER A 298 11.29 -19.08 -3.70
C SER A 298 12.34 -18.99 -4.80
N ASP A 299 13.58 -18.64 -4.43
CA ASP A 299 14.68 -18.44 -5.40
C ASP A 299 15.48 -19.72 -5.63
N ASP A 300 14.81 -20.88 -5.77
CA ASP A 300 15.49 -22.12 -6.06
C ASP A 300 15.53 -22.43 -7.54
N GLY A 301 14.38 -22.33 -8.22
CA GLY A 301 14.38 -22.45 -9.66
C GLY A 301 15.22 -21.39 -10.32
N TYR A 302 15.23 -20.18 -9.75
CA TYR A 302 16.04 -19.09 -10.27
C TYR A 302 17.51 -19.47 -10.33
N ILE A 303 18.09 -19.81 -9.18
CA ILE A 303 19.51 -20.11 -9.09
C ILE A 303 19.83 -21.39 -9.84
N LEU A 304 18.94 -22.38 -9.79
CA LEU A 304 19.22 -23.61 -10.53
C LEU A 304 19.25 -23.36 -12.03
N GLY A 305 18.31 -22.57 -12.54
CA GLY A 305 18.29 -22.29 -13.96
C GLY A 305 19.43 -21.43 -14.42
N MET A 306 19.89 -20.50 -13.58
CA MET A 306 21.02 -19.68 -13.99
C MET A 306 22.36 -20.31 -13.66
N ALA A 307 22.37 -21.45 -12.96
CA ALA A 307 23.58 -22.23 -12.78
C ALA A 307 23.69 -23.36 -13.78
N ARG A 308 22.58 -23.82 -14.35
CA ARG A 308 22.62 -24.87 -15.36
C ARG A 308 23.03 -24.35 -16.73
N VAL A 309 22.99 -23.04 -16.95
CA VAL A 309 23.29 -22.45 -18.25
C VAL A 309 24.59 -21.66 -18.22
N ALA A 310 25.40 -21.82 -17.18
CA ALA A 310 26.58 -21.00 -16.97
C ALA A 310 27.88 -21.68 -17.38
N ASP A 311 27.82 -22.92 -17.86
CA ASP A 311 29.00 -23.59 -18.38
C ASP A 311 29.08 -23.54 -19.90
N HIS A 312 27.96 -23.26 -20.56
CA HIS A 312 27.92 -23.07 -22.00
C HIS A 312 28.15 -21.61 -22.38
N ALA A 313 27.57 -20.68 -21.63
CA ALA A 313 27.74 -19.26 -21.90
C ALA A 313 29.19 -18.82 -21.68
N GLY A 314 29.87 -19.41 -20.70
CA GLY A 314 31.22 -19.04 -20.37
C GLY A 314 31.35 -18.02 -19.27
N TYR A 315 30.26 -17.66 -18.61
CA TYR A 315 30.27 -16.70 -17.51
C TYR A 315 28.95 -16.83 -16.76
N MET A 316 28.96 -16.35 -15.53
CA MET A 316 27.78 -16.45 -14.66
C MET A 316 26.83 -15.31 -15.01
N SER A 317 25.86 -15.59 -15.87
CA SER A 317 24.88 -14.60 -16.29
C SER A 317 23.66 -14.66 -15.40
N ASN A 318 22.81 -13.65 -15.51
CA ASN A 318 21.55 -13.68 -14.79
C ASN A 318 20.48 -14.45 -15.57
N TYR A 319 20.45 -14.26 -16.89
CA TYR A 319 19.69 -15.09 -17.82
C TYR A 319 18.19 -14.85 -17.75
N PHE A 320 17.72 -14.06 -16.79
CA PHE A 320 16.28 -13.88 -16.65
C PHE A 320 15.82 -12.45 -16.84
N ARG A 321 16.51 -11.47 -16.25
CA ARG A 321 16.00 -10.10 -16.29
C ARG A 321 16.88 -9.16 -17.09
N TRP A 322 18.15 -8.98 -16.75
CA TRP A 322 18.84 -7.87 -17.39
C TRP A 322 19.46 -8.34 -18.71
N PHE A 323 20.07 -7.39 -19.42
CA PHE A 323 20.43 -7.63 -20.81
C PHE A 323 21.61 -8.57 -20.94
N GLY A 324 21.48 -9.79 -20.42
CA GLY A 324 22.58 -10.74 -20.40
C GLY A 324 23.72 -10.34 -19.50
N SER A 325 23.53 -9.36 -18.63
CA SER A 325 24.62 -8.86 -17.81
C SER A 325 24.92 -9.87 -16.70
N PRO A 326 26.19 -10.06 -16.36
CA PRO A 326 26.52 -11.06 -15.35
C PRO A 326 26.22 -10.55 -13.96
N GLU A 327 26.62 -11.30 -12.95
CA GLU A 327 26.60 -10.84 -11.57
C GLU A 327 28.00 -11.10 -11.04
N ASP A 328 28.91 -10.18 -11.31
CA ASP A 328 30.29 -10.44 -10.93
C ASP A 328 30.98 -9.25 -10.26
N PRO A 329 30.31 -8.49 -9.38
CA PRO A 329 31.01 -7.98 -8.20
C PRO A 329 30.83 -8.96 -7.07
N PHE A 330 29.83 -9.83 -7.24
CA PHE A 330 29.43 -10.83 -6.27
C PHE A 330 29.39 -12.19 -6.94
N GLY A 331 28.83 -13.19 -6.26
CA GLY A 331 28.55 -14.46 -6.88
C GLY A 331 29.74 -15.34 -7.18
N TRP A 332 30.66 -15.46 -6.22
CA TRP A 332 31.66 -16.53 -6.31
C TRP A 332 31.09 -17.85 -5.82
N TYR A 333 29.94 -17.82 -5.16
CA TYR A 333 29.30 -19.02 -4.61
C TYR A 333 28.47 -19.76 -5.65
N TYR A 334 27.93 -19.04 -6.64
CA TYR A 334 27.18 -19.69 -7.71
C TYR A 334 28.10 -20.47 -8.64
N ASN A 335 29.38 -20.09 -8.72
CA ASN A 335 30.34 -20.87 -9.48
C ASN A 335 30.66 -22.20 -8.83
N LEU A 336 30.17 -22.45 -7.61
CA LEU A 336 30.29 -23.75 -6.96
C LEU A 336 29.08 -24.62 -7.24
N LEU A 337 27.88 -24.04 -7.27
CA LEU A 337 26.72 -24.79 -7.72
C LEU A 337 26.82 -25.15 -9.19
N ALA A 338 27.42 -24.27 -10.00
CA ALA A 338 27.65 -24.61 -11.40
C ALA A 338 28.53 -25.85 -11.53
N LEU A 339 29.46 -26.06 -10.60
CA LEU A 339 30.29 -27.25 -10.62
C LEU A 339 29.54 -28.45 -10.06
N MET A 340 28.72 -28.23 -9.04
CA MET A 340 27.95 -29.33 -8.46
C MET A 340 26.94 -29.90 -9.45
N THR A 341 26.40 -29.07 -10.35
CA THR A 341 25.44 -29.58 -11.32
C THR A 341 26.04 -30.55 -12.31
N HIS A 342 27.35 -30.80 -12.27
CA HIS A 342 27.94 -31.78 -13.18
C HIS A 342 27.60 -33.20 -12.74
N VAL A 343 27.55 -33.44 -11.43
CA VAL A 343 27.19 -34.77 -10.92
C VAL A 343 25.73 -35.06 -11.20
N SER A 344 24.84 -34.24 -10.64
CA SER A 344 23.40 -34.33 -10.88
C SER A 344 22.77 -33.07 -10.34
N ASP A 345 21.56 -32.78 -10.82
CA ASP A 345 20.80 -31.63 -10.37
C ASP A 345 19.58 -32.05 -9.55
N ALA A 346 19.73 -33.08 -8.74
CA ALA A 346 18.68 -33.50 -7.84
C ALA A 346 18.44 -32.43 -6.77
N SER A 347 17.40 -32.63 -5.98
CA SER A 347 17.09 -31.69 -4.91
C SER A 347 17.76 -32.03 -3.60
N LEU A 348 17.99 -33.32 -3.34
CA LEU A 348 18.70 -33.72 -2.14
C LEU A 348 20.20 -33.47 -2.23
N TRP A 349 20.74 -33.37 -3.44
CA TRP A 349 22.17 -33.18 -3.66
C TRP A 349 22.56 -31.72 -3.81
N MET A 350 21.65 -30.88 -4.28
CA MET A 350 21.97 -29.49 -4.55
C MET A 350 21.87 -28.62 -3.31
N ARG A 351 21.17 -29.07 -2.27
CA ARG A 351 21.01 -28.31 -1.04
C ARG A 351 21.76 -28.93 0.12
N LEU A 352 22.95 -29.49 -0.16
CA LEU A 352 23.83 -30.03 0.87
C LEU A 352 24.62 -28.93 1.58
N PRO A 353 25.14 -27.91 0.87
CA PRO A 353 25.78 -26.80 1.58
C PRO A 353 24.89 -26.14 2.62
N ASP A 354 23.60 -25.98 2.33
CA ASP A 354 22.70 -25.34 3.28
C ASP A 354 22.43 -26.22 4.49
N LEU A 355 22.74 -27.51 4.43
CA LEU A 355 22.62 -28.39 5.58
C LEU A 355 23.91 -28.41 6.39
N ALA A 356 25.05 -28.52 5.71
CA ALA A 356 26.33 -28.44 6.40
C ALA A 356 26.51 -27.10 7.10
N ALA A 357 25.99 -26.02 6.50
CA ALA A 357 26.10 -24.72 7.15
C ALA A 357 25.33 -24.68 8.46
N GLY A 358 24.12 -25.23 8.48
CA GLY A 358 23.34 -25.24 9.72
C GLY A 358 23.96 -26.12 10.79
N LEU A 359 24.49 -27.28 10.38
CA LEU A 359 25.16 -28.14 11.35
C LEU A 359 26.39 -27.47 11.94
N VAL A 360 27.19 -26.81 11.11
CA VAL A 360 28.36 -26.12 11.63
C VAL A 360 27.97 -24.92 12.48
N CYS A 361 26.87 -24.24 12.14
CA CYS A 361 26.40 -23.14 12.97
C CYS A 361 26.02 -23.63 14.36
N TRP A 362 25.32 -24.76 14.45
CA TRP A 362 25.01 -25.29 15.78
C TRP A 362 26.27 -25.70 16.52
N LEU A 363 27.21 -26.35 15.82
CA LEU A 363 28.44 -26.77 16.47
C LEU A 363 29.22 -25.59 17.04
N LEU A 364 29.27 -24.48 16.31
CA LEU A 364 29.96 -23.30 16.81
C LEU A 364 29.18 -22.65 17.93
N LEU A 365 27.86 -22.52 17.78
CA LEU A 365 27.04 -21.83 18.75
C LEU A 365 27.08 -22.51 20.11
N SER A 366 26.87 -23.82 20.14
CA SER A 366 26.76 -24.51 21.42
C SER A 366 28.09 -24.73 22.12
N ARG A 367 29.21 -24.46 21.45
CA ARG A 367 30.51 -24.81 21.99
C ARG A 367 31.53 -23.69 22.00
N GLU A 368 31.24 -22.52 21.44
CA GLU A 368 32.21 -21.44 21.47
C GLU A 368 31.55 -20.13 21.89
N VAL A 369 30.25 -19.99 21.65
CA VAL A 369 29.56 -18.74 21.93
C VAL A 369 28.86 -18.79 23.28
N LEU A 370 28.20 -19.89 23.60
CA LEU A 370 27.44 -19.97 24.84
C LEU A 370 28.32 -20.15 26.06
N PRO A 371 29.40 -20.97 26.01
CA PRO A 371 30.32 -21.00 27.16
C PRO A 371 31.26 -19.81 27.18
N ARG A 372 30.69 -18.63 26.93
CA ARG A 372 31.44 -17.38 26.92
C ARG A 372 30.68 -16.25 27.59
N LEU A 373 29.37 -16.34 27.70
CA LEU A 373 28.57 -15.34 28.39
C LEU A 373 28.46 -15.70 29.86
N GLY A 374 29.45 -16.38 30.39
CA GLY A 374 29.54 -16.61 31.81
C GLY A 374 29.15 -18.00 32.23
N PRO A 375 29.42 -18.34 33.49
CA PRO A 375 29.06 -19.67 34.00
C PRO A 375 27.59 -19.86 34.31
N ALA A 376 26.73 -18.91 33.96
CA ALA A 376 25.29 -19.07 34.16
C ALA A 376 24.57 -19.45 32.89
N VAL A 377 25.01 -18.97 31.73
CA VAL A 377 24.43 -19.42 30.48
C VAL A 377 24.75 -20.87 30.23
N GLU A 378 26.03 -21.23 30.30
CA GLU A 378 26.37 -22.63 30.44
C GLU A 378 25.99 -23.09 31.84
N ALA A 379 26.01 -24.41 32.04
CA ALA A 379 25.47 -25.02 33.25
C ALA A 379 24.01 -24.60 33.47
N SER A 380 23.24 -24.65 32.39
CA SER A 380 21.82 -24.28 32.41
C SER A 380 21.16 -24.95 31.22
N LYS A 381 20.17 -25.80 31.47
CA LYS A 381 19.51 -26.56 30.41
C LYS A 381 18.51 -25.72 29.62
N PRO A 382 17.65 -24.92 30.27
CA PRO A 382 16.72 -24.09 29.48
C PRO A 382 17.40 -23.19 28.49
N ALA A 383 18.60 -22.70 28.77
CA ALA A 383 19.30 -21.83 27.82
C ALA A 383 19.71 -22.60 26.56
N TYR A 384 20.25 -23.80 26.74
CA TYR A 384 20.62 -24.62 25.58
C TYR A 384 19.39 -25.01 24.77
N TRP A 385 18.30 -25.37 25.44
CA TRP A 385 17.09 -25.72 24.71
C TRP A 385 16.52 -24.52 23.98
N ALA A 386 16.59 -23.32 24.57
CA ALA A 386 16.11 -22.13 23.89
C ALA A 386 16.93 -21.83 22.65
N ALA A 387 18.26 -21.92 22.77
CA ALA A 387 19.12 -21.70 21.61
C ALA A 387 18.81 -22.69 20.50
N ALA A 388 18.71 -23.98 20.84
CA ALA A 388 18.43 -25.00 19.84
C ALA A 388 17.10 -24.74 19.14
N MET A 389 16.05 -24.48 19.92
CA MET A 389 14.73 -24.35 19.33
C MET A 389 14.61 -23.08 18.48
N VAL A 390 15.23 -21.98 18.92
CA VAL A 390 15.15 -20.76 18.11
C VAL A 390 15.98 -20.93 16.83
N LEU A 391 17.12 -21.61 16.91
CA LEU A 391 17.89 -21.89 15.70
C LEU A 391 17.07 -22.71 14.71
N LEU A 392 16.37 -23.73 15.20
CA LEU A 392 15.55 -24.54 14.31
C LEU A 392 14.42 -23.72 13.68
N THR A 393 13.65 -23.01 14.49
CA THR A 393 12.50 -22.30 13.94
C THR A 393 12.88 -21.06 13.15
N ALA A 394 14.14 -20.62 13.21
CA ALA A 394 14.58 -19.55 12.31
C ALA A 394 15.31 -20.06 11.09
N TRP A 395 15.81 -21.30 11.12
CA TRP A 395 16.44 -21.90 9.95
C TRP A 395 15.45 -22.67 9.09
N MET A 396 14.28 -23.04 9.62
CA MET A 396 13.35 -23.84 8.85
C MET A 396 12.72 -23.06 7.69
N PRO A 397 12.04 -21.94 7.90
CA PRO A 397 11.30 -21.33 6.79
C PRO A 397 12.18 -20.64 5.77
N PHE A 398 13.36 -20.14 6.17
CA PHE A 398 14.18 -19.32 5.29
C PHE A 398 15.31 -20.10 4.64
N ASN A 399 16.18 -20.71 5.44
CA ASN A 399 17.47 -21.21 4.98
C ASN A 399 17.41 -22.67 4.57
N ASN A 400 16.49 -23.05 3.70
CA ASN A 400 16.45 -24.43 3.19
C ASN A 400 16.67 -24.53 1.69
N GLY A 401 16.40 -23.49 0.93
CA GLY A 401 16.56 -23.54 -0.50
C GLY A 401 18.01 -23.39 -0.94
N LEU A 402 18.22 -22.68 -2.05
CA LEU A 402 19.55 -22.48 -2.59
C LEU A 402 20.10 -21.08 -2.35
N ARG A 403 19.31 -20.18 -1.76
CA ARG A 403 19.78 -18.83 -1.48
C ARG A 403 20.96 -18.88 -0.49
N PRO A 404 21.86 -17.92 -0.55
CA PRO A 404 23.06 -17.99 0.29
C PRO A 404 22.89 -17.38 1.68
N GLU A 405 21.65 -17.17 2.11
CA GLU A 405 21.42 -16.63 3.45
C GLU A 405 22.02 -17.53 4.53
N GLY A 406 21.93 -18.85 4.34
CA GLY A 406 22.48 -19.77 5.32
C GLY A 406 23.98 -19.84 5.33
N ILE A 407 24.64 -19.39 4.25
CA ILE A 407 26.09 -19.30 4.24
C ILE A 407 26.57 -17.96 4.78
N ILE A 408 25.80 -16.89 4.53
CA ILE A 408 26.13 -15.60 5.11
C ILE A 408 25.95 -15.65 6.63
N ALA A 409 24.94 -16.37 7.11
CA ALA A 409 24.74 -16.49 8.55
C ALA A 409 25.85 -17.27 9.24
N LEU A 410 26.57 -18.12 8.51
CA LEU A 410 27.71 -18.84 9.06
C LEU A 410 29.00 -18.03 8.96
N GLY A 411 29.19 -17.34 7.84
CA GLY A 411 30.33 -16.44 7.73
C GLY A 411 30.27 -15.26 8.67
N SER A 412 29.07 -14.87 9.10
CA SER A 412 28.92 -13.81 10.08
C SER A 412 29.13 -14.28 11.51
N LEU A 413 29.11 -15.59 11.75
CA LEU A 413 29.38 -16.15 13.05
C LEU A 413 30.82 -16.58 13.22
N VAL A 414 31.45 -17.08 12.15
CA VAL A 414 32.87 -17.42 12.22
C VAL A 414 33.70 -16.16 12.49
N THR A 415 33.28 -15.01 11.95
CA THR A 415 34.00 -13.77 12.22
C THR A 415 33.93 -13.39 13.68
N TYR A 416 32.71 -13.40 14.25
CA TYR A 416 32.53 -13.10 15.67
C TYR A 416 33.35 -14.05 16.53
N VAL A 417 33.36 -15.34 16.19
CA VAL A 417 34.11 -16.31 16.98
C VAL A 417 35.60 -16.04 16.90
N LEU A 418 36.12 -15.78 15.70
CA LEU A 418 37.55 -15.54 15.55
C LEU A 418 37.98 -14.26 16.26
N ILE A 419 37.14 -13.24 16.27
CA ILE A 419 37.50 -12.00 16.97
C ILE A 419 37.49 -12.21 18.48
N GLU A 420 36.44 -12.85 19.00
CA GLU A 420 36.37 -13.12 20.43
C GLU A 420 37.44 -14.09 20.88
N ARG A 421 38.02 -14.86 19.96
CA ARG A 421 39.17 -15.69 20.28
C ARG A 421 40.48 -14.92 20.20
N SER A 422 40.58 -13.98 19.26
CA SER A 422 41.75 -13.11 19.19
C SER A 422 41.92 -12.33 20.48
N MET A 423 40.84 -11.70 20.95
CA MET A 423 40.93 -10.92 22.18
C MET A 423 40.82 -11.78 23.44
N ARG A 424 41.58 -12.86 23.50
CA ARG A 424 41.60 -13.72 24.68
C ARG A 424 43.03 -14.12 25.00
N TYR A 425 43.88 -14.17 23.97
CA TYR A 425 45.31 -14.38 24.13
C TYR A 425 46.13 -13.21 23.62
N SER A 426 45.47 -12.12 23.24
CA SER A 426 46.13 -10.93 22.68
C SER A 426 46.96 -11.27 21.45
N ARG A 427 46.39 -12.10 20.57
CA ARG A 427 47.02 -12.47 19.31
C ARG A 427 46.37 -11.72 18.17
N LEU A 428 47.08 -11.65 17.04
CA LEU A 428 46.63 -10.90 15.88
C LEU A 428 46.31 -11.79 14.68
N THR A 429 46.57 -13.08 14.76
CA THR A 429 46.33 -13.96 13.61
C THR A 429 44.84 -14.22 13.41
N PRO A 430 44.07 -14.58 14.44
CA PRO A 430 42.61 -14.68 14.24
C PRO A 430 41.98 -13.37 13.84
N ALA A 431 42.51 -12.23 14.29
CA ALA A 431 42.00 -10.94 13.84
C ALA A 431 42.39 -10.64 12.40
N ALA A 432 43.33 -11.38 11.82
CA ALA A 432 43.63 -11.26 10.40
C ALA A 432 42.84 -12.25 9.57
N LEU A 433 42.45 -13.38 10.15
CA LEU A 433 41.57 -14.32 9.46
C LEU A 433 40.12 -13.86 9.46
N ALA A 434 39.71 -13.11 10.49
CA ALA A 434 38.37 -12.56 10.51
C ALA A 434 38.14 -11.58 9.38
N VAL A 435 39.18 -10.84 8.98
CA VAL A 435 39.05 -9.92 7.86
C VAL A 435 38.85 -10.67 6.55
N VAL A 436 39.59 -11.77 6.36
CA VAL A 436 39.40 -12.60 5.18
C VAL A 436 37.99 -13.19 5.15
N THR A 437 37.52 -13.67 6.31
CA THR A 437 36.16 -14.21 6.38
C THR A 437 35.11 -13.15 6.05
N ALA A 438 35.27 -11.94 6.59
CA ALA A 438 34.32 -10.88 6.30
C ALA A 438 34.33 -10.49 4.84
N ALA A 439 35.52 -10.44 4.23
CA ALA A 439 35.59 -10.12 2.80
C ALA A 439 34.91 -11.18 1.96
N PHE A 440 35.21 -12.45 2.21
CA PHE A 440 34.60 -13.51 1.44
C PHE A 440 33.11 -13.65 1.72
N THR A 441 32.63 -13.16 2.86
CA THR A 441 31.19 -13.15 3.10
C THR A 441 30.52 -12.00 2.37
N LEU A 442 31.18 -10.84 2.30
CA LEU A 442 30.63 -9.73 1.54
C LEU A 442 30.63 -10.02 0.05
N GLY A 443 31.58 -10.80 -0.44
CA GLY A 443 31.65 -11.11 -1.85
C GLY A 443 30.62 -12.11 -2.34
N VAL A 444 29.67 -12.48 -1.49
CA VAL A 444 28.66 -13.48 -1.83
C VAL A 444 27.38 -12.83 -2.32
N GLN A 445 26.94 -11.76 -1.67
CA GLN A 445 25.64 -11.15 -1.94
C GLN A 445 25.66 -9.75 -1.38
N PRO A 446 24.93 -8.80 -1.98
CA PRO A 446 24.88 -7.45 -1.42
C PRO A 446 24.42 -7.42 0.02
N THR A 447 23.50 -8.30 0.40
CA THR A 447 23.06 -8.40 1.79
C THR A 447 24.12 -9.01 2.69
N GLY A 448 25.26 -9.40 2.14
CA GLY A 448 26.33 -9.96 2.95
C GLY A 448 27.16 -8.89 3.59
N LEU A 449 26.62 -7.68 3.68
CA LEU A 449 27.31 -6.60 4.40
C LEU A 449 27.10 -6.72 5.90
N ILE A 450 27.34 -7.92 6.42
CA ILE A 450 27.39 -8.22 7.83
C ILE A 450 28.62 -9.09 8.04
N ALA A 451 28.99 -9.24 9.31
CA ALA A 451 30.31 -9.55 9.83
C ALA A 451 31.21 -8.33 9.73
N VAL A 452 30.79 -7.28 9.02
CA VAL A 452 31.37 -5.96 9.27
C VAL A 452 30.85 -5.43 10.60
N ALA A 453 29.59 -5.75 10.92
CA ALA A 453 29.09 -5.48 12.27
C ALA A 453 29.89 -6.26 13.31
N ALA A 454 30.27 -7.50 13.00
CA ALA A 454 31.05 -8.29 13.94
C ALA A 454 32.48 -7.78 14.06
N LEU A 455 33.01 -7.18 13.00
CA LEU A 455 34.32 -6.54 13.08
C LEU A 455 34.25 -5.26 13.92
N VAL A 456 33.18 -4.48 13.75
CA VAL A 456 33.06 -3.21 14.46
C VAL A 456 32.77 -3.43 15.94
N ALA A 457 31.99 -4.47 16.27
CA ALA A 457 31.66 -4.75 17.66
C ALA A 457 32.91 -4.96 18.50
N GLY A 458 33.70 -5.96 18.16
CA GLY A 458 34.97 -6.16 18.83
C GLY A 458 36.04 -5.24 18.26
N GLY A 459 35.92 -3.95 18.55
CA GLY A 459 36.85 -2.97 18.02
C GLY A 459 37.65 -2.25 19.08
N ARG A 460 37.07 -2.06 20.25
CA ARG A 460 37.77 -1.35 21.31
C ARG A 460 38.79 -2.24 22.02
N PRO A 461 38.45 -3.47 22.43
CA PRO A 461 39.46 -4.35 23.01
C PRO A 461 40.38 -5.00 21.98
N MET A 462 40.24 -4.65 20.70
CA MET A 462 41.20 -5.04 19.68
C MET A 462 42.26 -3.98 19.46
N LEU A 463 41.92 -2.71 19.70
CA LEU A 463 42.92 -1.66 19.70
C LEU A 463 43.91 -1.85 20.84
N ARG A 464 43.46 -2.41 21.97
CA ARG A 464 44.38 -2.70 23.06
C ARG A 464 45.41 -3.75 22.67
N ILE A 465 45.13 -4.55 21.65
CA ILE A 465 46.09 -5.52 21.15
C ILE A 465 46.97 -4.92 20.07
N LEU A 466 46.35 -4.20 19.12
CA LEU A 466 47.13 -3.52 18.10
C LEU A 466 48.15 -2.58 18.70
N VAL A 467 47.75 -1.79 19.71
CA VAL A 467 48.65 -0.81 20.29
C VAL A 467 49.78 -1.50 21.05
N ARG A 468 49.45 -2.49 21.86
CA ARG A 468 50.47 -3.14 22.68
C ARG A 468 51.35 -4.08 21.89
N ARG A 469 50.98 -4.42 20.65
CA ARG A 469 51.89 -5.14 19.77
C ARG A 469 52.67 -4.20 18.86
N HIS A 470 52.16 -3.00 18.61
CA HIS A 470 52.91 -1.99 17.86
C HIS A 470 54.20 -1.59 18.55
N ARG A 471 54.30 -1.78 19.86
CA ARG A 471 55.52 -1.42 20.58
C ARG A 471 56.59 -2.49 20.48
N LEU A 472 56.25 -3.71 20.06
CA LEU A 472 57.24 -4.78 19.99
C LEU A 472 57.86 -4.86 18.60
N VAL A 473 57.05 -5.11 17.57
CA VAL A 473 57.57 -5.24 16.21
C VAL A 473 57.02 -4.14 15.32
N GLY A 474 57.73 -3.01 15.28
CA GLY A 474 57.45 -1.92 14.37
C GLY A 474 55.99 -1.54 14.21
N THR A 475 55.64 -1.05 13.03
CA THR A 475 54.25 -0.80 12.68
C THR A 475 53.89 -1.23 11.27
N LEU A 476 54.86 -1.50 10.41
CA LEU A 476 54.61 -1.93 9.05
C LEU A 476 54.24 -3.41 8.97
N PRO A 477 54.92 -4.32 9.74
CA PRO A 477 54.44 -5.70 9.75
C PRO A 477 53.25 -5.91 10.67
N LEU A 478 52.35 -4.94 10.65
CA LEU A 478 51.01 -5.08 11.20
C LEU A 478 49.93 -4.56 10.25
N VAL A 479 50.25 -3.60 9.38
CA VAL A 479 49.31 -3.14 8.36
C VAL A 479 49.66 -3.63 6.98
N SER A 480 50.78 -4.33 6.81
CA SER A 480 51.00 -5.00 5.53
C SER A 480 50.19 -6.30 5.45
N PRO A 481 50.30 -7.21 6.43
CA PRO A 481 49.51 -8.46 6.32
C PRO A 481 48.02 -8.24 6.33
N MET A 482 47.52 -7.33 7.15
CA MET A 482 46.08 -7.08 7.20
C MET A 482 45.58 -6.19 6.08
N LEU A 483 46.47 -5.67 5.23
CA LEU A 483 46.08 -5.08 3.96
C LEU A 483 46.03 -6.14 2.86
N ALA A 484 47.07 -6.98 2.80
CA ALA A 484 47.08 -8.07 1.82
C ALA A 484 45.92 -9.02 2.04
N ALA A 485 45.56 -9.28 3.30
CA ALA A 485 44.44 -10.19 3.57
C ALA A 485 43.11 -9.56 3.19
N GLY A 486 42.94 -8.27 3.47
CA GLY A 486 41.67 -7.63 3.17
C GLY A 486 41.47 -7.35 1.69
N THR A 487 42.56 -7.17 0.94
CA THR A 487 42.47 -6.84 -0.48
C THR A 487 42.81 -8.04 -1.35
N VAL A 488 42.37 -9.23 -0.96
CA VAL A 488 42.57 -10.44 -1.76
C VAL A 488 41.29 -10.92 -2.43
N ILE A 489 40.13 -10.40 -2.01
CA ILE A 489 38.88 -10.79 -2.63
C ILE A 489 38.77 -10.26 -4.05
N LEU A 490 39.60 -9.28 -4.42
CA LEU A 490 39.54 -8.74 -5.78
C LEU A 490 40.02 -9.75 -6.81
N THR A 491 40.97 -10.61 -6.44
CA THR A 491 41.44 -11.64 -7.36
C THR A 491 40.41 -12.75 -7.58
N VAL A 492 39.34 -12.79 -6.79
CA VAL A 492 38.29 -13.77 -6.95
C VAL A 492 37.09 -13.09 -7.60
N VAL A 493 36.94 -11.79 -7.34
CA VAL A 493 35.84 -11.03 -7.91
C VAL A 493 36.08 -10.75 -9.39
N PHE A 494 37.28 -10.25 -9.72
CA PHE A 494 37.64 -9.94 -11.10
C PHE A 494 38.48 -11.03 -11.74
N ALA A 495 38.24 -12.30 -11.39
CA ALA A 495 39.01 -13.38 -11.98
C ALA A 495 38.59 -13.66 -13.42
N ASP A 496 37.31 -13.47 -13.74
CA ASP A 496 36.83 -13.59 -15.11
C ASP A 496 36.57 -12.23 -15.75
N GLN A 497 35.80 -11.38 -15.10
CA GLN A 497 35.42 -10.09 -15.68
C GLN A 497 36.53 -9.07 -15.47
N THR A 498 36.27 -7.85 -15.94
CA THR A 498 37.17 -6.72 -15.82
C THR A 498 36.48 -5.60 -15.06
N LEU A 499 37.10 -4.42 -15.02
CA LEU A 499 36.53 -3.30 -14.31
C LEU A 499 35.39 -2.64 -15.09
N SER A 500 35.61 -2.40 -16.39
CA SER A 500 34.60 -1.76 -17.21
C SER A 500 33.34 -2.62 -17.29
N THR A 501 33.51 -3.94 -17.33
CA THR A 501 32.37 -4.83 -17.40
C THR A 501 31.54 -4.78 -16.13
N VAL A 502 32.19 -4.81 -14.97
CA VAL A 502 31.49 -4.69 -13.69
C VAL A 502 30.77 -3.35 -13.62
N LEU A 503 31.40 -2.29 -14.13
CA LEU A 503 30.79 -0.97 -14.11
C LEU A 503 29.54 -0.93 -14.99
N GLU A 504 29.59 -1.55 -16.16
CA GLU A 504 28.43 -1.54 -17.05
C GLU A 504 27.29 -2.38 -16.48
N ALA A 505 27.60 -3.55 -15.93
CA ALA A 505 26.58 -4.36 -15.29
C ALA A 505 25.93 -3.61 -14.15
N THR A 506 26.72 -2.92 -13.33
CA THR A 506 26.17 -2.12 -12.24
C THR A 506 25.27 -1.02 -12.74
N ARG A 507 25.70 -0.32 -13.80
CA ARG A 507 24.89 0.75 -14.35
C ARG A 507 23.54 0.24 -14.83
N VAL A 508 23.54 -0.89 -15.55
CA VAL A 508 22.29 -1.46 -16.04
C VAL A 508 21.38 -1.86 -14.89
N ARG A 509 21.94 -2.62 -13.93
CA ARG A 509 21.14 -3.11 -12.82
C ARG A 509 20.58 -1.97 -11.98
N ALA A 510 21.29 -0.84 -11.89
CA ALA A 510 20.82 0.28 -11.09
C ALA A 510 19.81 1.14 -11.83
N LYS A 511 19.97 1.31 -13.14
CA LYS A 511 19.03 2.11 -13.90
C LYS A 511 17.71 1.38 -14.15
N ILE A 512 17.74 0.06 -14.22
CA ILE A 512 16.51 -0.69 -14.53
C ILE A 512 15.90 -1.31 -13.29
N GLY A 513 16.63 -2.24 -12.68
CA GLY A 513 16.05 -3.16 -11.72
C GLY A 513 15.51 -2.50 -10.47
N PRO A 514 14.86 -3.29 -9.63
CA PRO A 514 14.38 -2.76 -8.36
C PRO A 514 15.52 -2.47 -7.40
N SER A 515 15.82 -1.20 -7.19
CA SER A 515 16.93 -0.78 -6.32
C SER A 515 16.41 0.36 -5.45
N GLN A 516 15.95 0.03 -4.26
CA GLN A 516 15.36 1.01 -3.38
C GLN A 516 16.44 1.83 -2.68
N ALA A 517 16.03 2.98 -2.13
CA ALA A 517 16.91 3.86 -1.40
C ALA A 517 16.92 3.49 0.08
N TRP A 518 17.91 4.04 0.80
CA TRP A 518 18.08 3.67 2.21
C TRP A 518 16.90 4.11 3.07
N TYR A 519 16.19 5.16 2.66
CA TYR A 519 15.08 5.66 3.45
C TYR A 519 13.77 4.95 3.18
N THR A 520 13.77 3.92 2.32
CA THR A 520 12.61 3.08 2.09
C THR A 520 12.76 1.74 2.78
N GLU A 521 13.41 1.72 3.95
CA GLU A 521 13.64 0.47 4.68
C GLU A 521 12.37 -0.06 5.32
N ASN A 522 11.38 0.79 5.58
CA ASN A 522 10.14 0.35 6.20
C ASN A 522 9.35 -0.63 5.33
N LEU A 523 9.69 -0.76 4.06
CA LEU A 523 9.02 -1.74 3.22
C LEU A 523 9.29 -3.16 3.69
N ARG A 524 10.50 -3.41 4.19
CA ARG A 524 10.86 -4.75 4.66
C ARG A 524 9.96 -5.20 5.80
N TYR A 525 9.55 -4.28 6.66
CA TYR A 525 8.66 -4.61 7.77
C TYR A 525 7.19 -4.46 7.42
N TYR A 526 6.87 -3.65 6.41
CA TYR A 526 5.48 -3.59 5.93
C TYR A 526 5.09 -4.88 5.23
N TYR A 527 6.01 -5.48 4.47
CA TYR A 527 5.74 -6.74 3.80
C TYR A 527 5.53 -7.88 4.79
N LEU A 528 5.96 -7.72 6.03
CA LEU A 528 5.92 -8.80 7.01
C LEU A 528 4.60 -8.90 7.76
N ILE A 529 3.84 -7.80 7.83
CA ILE A 529 2.58 -7.80 8.56
C ILE A 529 1.38 -7.89 7.61
N LEU A 530 1.58 -8.40 6.40
CA LEU A 530 0.46 -8.58 5.49
C LEU A 530 0.03 -10.05 5.49
N PRO A 531 -1.27 -10.32 5.36
CA PRO A 531 -1.74 -11.72 5.35
C PRO A 531 -1.58 -12.37 3.97
N THR A 532 -0.34 -12.71 3.64
CA THR A 532 -0.01 -13.30 2.36
C THR A 532 0.94 -14.46 2.61
N VAL A 533 1.54 -14.97 1.54
CA VAL A 533 2.59 -15.98 1.69
C VAL A 533 3.91 -15.32 2.02
N ASP A 534 4.16 -14.13 1.49
CA ASP A 534 5.34 -13.34 1.83
C ASP A 534 5.09 -12.70 3.19
N GLY A 535 5.26 -13.51 4.22
CA GLY A 535 4.95 -13.14 5.59
C GLY A 535 3.74 -13.90 6.08
N SER A 536 4.00 -14.99 6.80
CA SER A 536 2.99 -15.90 7.30
C SER A 536 3.41 -16.35 8.69
N LEU A 537 2.63 -17.23 9.31
CA LEU A 537 2.92 -17.56 10.70
C LEU A 537 4.23 -18.32 10.85
N SER A 538 4.81 -18.81 9.76
CA SER A 538 6.11 -19.47 9.81
C SER A 538 7.26 -18.51 9.55
N ARG A 539 7.00 -17.36 8.93
CA ARG A 539 8.03 -16.39 8.62
C ARG A 539 7.98 -15.16 9.50
N ARG A 540 7.02 -15.08 10.41
CA ARG A 540 6.97 -13.99 11.38
C ARG A 540 7.67 -14.35 12.69
N PHE A 541 7.53 -15.61 13.10
CA PHE A 541 8.00 -16.02 14.42
C PHE A 541 9.50 -15.86 14.55
N GLY A 542 10.25 -16.25 13.52
CA GLY A 542 11.70 -16.20 13.61
C GLY A 542 12.23 -14.81 13.93
N PHE A 543 11.59 -13.78 13.37
CA PHE A 543 12.03 -12.42 13.62
C PHE A 543 11.43 -11.84 14.89
N LEU A 544 10.16 -12.18 15.19
CA LEU A 544 9.52 -11.60 16.36
C LEU A 544 10.14 -12.12 17.65
N ILE A 545 10.45 -13.42 17.71
CA ILE A 545 11.06 -13.98 18.90
C ILE A 545 12.48 -13.44 19.11
N THR A 546 13.12 -12.95 18.05
CA THR A 546 14.43 -12.34 18.20
C THR A 546 14.31 -10.91 18.68
N ALA A 547 13.38 -10.14 18.10
CA ALA A 547 13.19 -8.76 18.50
C ALA A 547 12.76 -8.65 19.96
N LEU A 548 11.86 -9.54 20.39
CA LEU A 548 11.38 -9.49 21.77
C LEU A 548 12.52 -9.68 22.76
N CYS A 549 13.33 -10.72 22.55
CA CYS A 549 14.43 -10.98 23.47
C CYS A 549 15.49 -9.88 23.40
N LEU A 550 15.81 -9.40 22.20
CA LEU A 550 16.78 -8.32 22.08
C LEU A 550 16.34 -7.08 22.83
N PHE A 551 15.05 -6.75 22.77
CA PHE A 551 14.58 -5.54 23.42
C PHE A 551 14.32 -5.72 24.90
N THR A 552 14.12 -6.94 25.38
CA THR A 552 13.94 -7.13 26.81
C THR A 552 15.25 -7.38 27.55
N ALA A 553 16.32 -7.77 26.84
CA ALA A 553 17.61 -7.88 27.52
C ALA A 553 18.26 -6.53 27.76
N VAL A 554 17.99 -5.56 26.88
CA VAL A 554 18.58 -4.23 27.02
C VAL A 554 18.03 -3.53 28.26
N PHE A 555 16.72 -3.60 28.48
CA PHE A 555 16.12 -2.94 29.63
C PHE A 555 16.61 -3.52 30.94
N ILE A 556 16.98 -4.80 30.96
CA ILE A 556 17.46 -5.41 32.19
C ILE A 556 18.93 -5.10 32.40
N MET A 557 19.73 -5.16 31.34
CA MET A 557 21.15 -4.87 31.48
C MET A 557 21.43 -3.38 31.65
N LEU A 558 20.47 -2.51 31.34
CA LEU A 558 20.66 -1.09 31.64
C LEU A 558 20.48 -0.83 33.13
N ARG A 559 19.37 -1.29 33.71
CA ARG A 559 19.13 -1.08 35.13
C ARG A 559 20.15 -1.84 35.97
N ARG A 560 20.21 -3.16 35.82
CA ARG A 560 21.14 -3.99 36.58
C ARG A 560 22.51 -3.90 35.93
N LYS A 561 23.43 -3.15 36.55
CA LYS A 561 24.77 -3.02 35.98
C LYS A 561 25.53 -4.32 36.05
N ARG A 562 25.70 -4.86 37.26
CA ARG A 562 26.42 -6.11 37.49
C ARG A 562 25.42 -7.21 37.82
N ILE A 563 25.41 -8.24 36.99
CA ILE A 563 24.58 -9.42 37.21
C ILE A 563 25.52 -10.60 37.49
N PRO A 564 25.28 -11.40 38.53
CA PRO A 564 26.25 -12.44 38.89
C PRO A 564 26.34 -13.53 37.84
N SER A 565 27.56 -13.81 37.40
CA SER A 565 27.88 -14.93 36.52
C SER A 565 27.32 -14.76 35.11
N VAL A 566 27.25 -13.53 34.61
CA VAL A 566 26.77 -13.27 33.26
C VAL A 566 27.86 -12.72 32.35
N ALA A 567 29.01 -12.30 32.89
CA ALA A 567 30.18 -11.92 32.10
C ALA A 567 29.82 -10.78 31.14
N ARG A 568 29.56 -9.63 31.74
CA ARG A 568 29.27 -8.42 30.97
C ARG A 568 30.40 -8.10 30.00
N GLY A 569 30.02 -7.67 28.81
CA GLY A 569 30.95 -7.24 27.79
C GLY A 569 30.87 -8.10 26.55
N PRO A 570 30.92 -9.42 26.72
CA PRO A 570 30.45 -10.29 25.63
C PRO A 570 28.95 -10.22 25.45
N ALA A 571 28.20 -10.07 26.55
CA ALA A 571 26.76 -9.89 26.46
C ALA A 571 26.39 -8.58 25.77
N TRP A 572 27.28 -7.58 25.83
CA TRP A 572 27.03 -6.33 25.14
C TRP A 572 27.51 -6.35 23.70
N ARG A 573 28.62 -7.04 23.41
CA ARG A 573 29.02 -7.22 22.03
C ARG A 573 28.02 -8.07 21.26
N LEU A 574 27.36 -9.01 21.92
CA LEU A 574 26.35 -9.83 21.25
C LEU A 574 25.15 -8.99 20.82
N MET A 575 24.78 -7.96 21.58
CA MET A 575 23.71 -7.07 21.15
C MET A 575 24.20 -6.03 20.16
N GLY A 576 25.44 -5.57 20.31
CA GLY A 576 26.00 -4.67 19.30
C GLY A 576 26.02 -5.30 17.93
N VAL A 577 26.31 -6.60 17.86
CA VAL A 577 26.31 -7.30 16.58
C VAL A 577 24.94 -7.26 15.93
N ILE A 578 23.89 -7.49 16.72
CA ILE A 578 22.53 -7.53 16.17
C ILE A 578 22.08 -6.13 15.75
N PHE A 579 22.39 -5.12 16.55
CA PHE A 579 22.02 -3.76 16.17
C PHE A 579 22.77 -3.29 14.93
N GLY A 580 24.06 -3.60 14.85
CA GLY A 580 24.81 -3.27 13.65
C GLY A 580 24.32 -4.03 12.43
N THR A 581 23.85 -5.26 12.62
CA THR A 581 23.27 -6.00 11.51
C THR A 581 22.00 -5.33 11.02
N MET A 582 21.11 -4.94 11.94
CA MET A 582 19.88 -4.26 11.54
C MET A 582 20.17 -2.89 10.93
N PHE A 583 21.29 -2.27 11.28
CA PHE A 583 21.64 -0.97 10.70
C PHE A 583 22.25 -1.13 9.31
N PHE A 584 23.11 -2.13 9.13
CA PHE A 584 23.72 -2.37 7.83
C PHE A 584 22.76 -3.01 6.84
N LEU A 585 21.69 -3.63 7.31
CA LEU A 585 20.66 -4.15 6.42
C LEU A 585 19.88 -3.03 5.75
N MET A 586 20.14 -1.77 6.09
CA MET A 586 19.40 -0.65 5.54
C MET A 586 19.95 -0.22 4.19
N PHE A 587 21.24 -0.37 3.96
CA PHE A 587 21.89 0.02 2.71
C PHE A 587 21.98 -1.14 1.72
N THR A 588 20.85 -1.78 1.44
CA THR A 588 20.84 -2.85 0.45
C THR A 588 19.89 -2.49 -0.68
N PRO A 589 20.20 -2.87 -1.91
CA PRO A 589 19.37 -2.44 -3.05
C PRO A 589 17.96 -2.99 -3.01
N THR A 590 17.76 -4.19 -2.50
CA THR A 590 16.46 -4.85 -2.51
C THR A 590 16.00 -5.11 -1.09
N LYS A 591 14.73 -4.81 -0.82
CA LYS A 591 14.15 -4.95 0.52
C LYS A 591 13.14 -6.10 0.46
N TRP A 592 13.64 -7.32 0.63
CA TRP A 592 12.79 -8.51 0.68
C TRP A 592 12.67 -9.02 2.09
N VAL A 593 11.67 -9.89 2.30
CA VAL A 593 11.54 -10.60 3.57
C VAL A 593 12.47 -11.80 3.66
N HIS A 594 13.06 -12.21 2.54
CA HIS A 594 14.00 -13.33 2.57
C HIS A 594 15.22 -13.01 3.42
N HIS A 595 15.55 -11.74 3.59
CA HIS A 595 16.76 -11.33 4.29
C HIS A 595 16.62 -11.39 5.79
N PHE A 596 15.53 -11.95 6.31
CA PHE A 596 15.36 -12.16 7.74
C PHE A 596 15.90 -13.51 8.18
N GLY A 597 16.56 -14.24 7.29
CA GLY A 597 17.18 -15.50 7.62
C GLY A 597 18.60 -15.36 8.12
N LEU A 598 19.14 -14.14 8.14
CA LEU A 598 20.46 -13.89 8.69
C LEU A 598 20.47 -13.88 10.21
N PHE A 599 19.32 -13.65 10.83
CA PHE A 599 19.21 -13.63 12.29
C PHE A 599 18.96 -15.02 12.87
N ALA A 600 19.31 -16.07 12.14
CA ALA A 600 19.10 -17.43 12.62
C ALA A 600 20.17 -17.89 13.59
N ALA A 601 21.33 -17.24 13.61
CA ALA A 601 22.43 -17.65 14.47
C ALA A 601 22.78 -16.65 15.55
N VAL A 602 22.26 -15.43 15.49
CA VAL A 602 22.48 -14.46 16.56
C VAL A 602 21.22 -14.38 17.41
N GLY A 603 20.06 -14.58 16.80
CA GLY A 603 18.84 -14.69 17.57
C GLY A 603 18.82 -15.90 18.46
N ALA A 604 19.40 -17.01 17.99
CA ALA A 604 19.49 -18.22 18.80
C ALA A 604 20.39 -18.02 20.01
N ALA A 605 21.41 -17.17 19.89
CA ALA A 605 22.28 -16.86 21.01
C ALA A 605 21.74 -15.73 21.88
N MET A 606 20.79 -14.94 21.38
CA MET A 606 20.12 -13.96 22.20
C MET A 606 19.02 -14.58 23.04
N ALA A 607 18.35 -15.61 22.52
CA ALA A 607 17.32 -16.29 23.30
C ALA A 607 17.92 -17.02 24.49
N ALA A 608 19.11 -17.60 24.31
CA ALA A 608 19.77 -18.30 25.41
C ALA A 608 20.20 -17.34 26.50
N LEU A 609 20.47 -16.08 26.16
CA LEU A 609 20.85 -15.09 27.16
C LEU A 609 19.62 -14.53 27.86
N THR A 610 18.55 -14.27 27.12
CA THR A 610 17.32 -13.79 27.74
C THR A 610 16.73 -14.84 28.68
N THR A 611 16.83 -16.12 28.32
CA THR A 611 16.30 -17.17 29.19
C THR A 611 16.99 -17.18 30.54
N VAL A 612 18.21 -16.67 30.63
CA VAL A 612 18.89 -16.55 31.91
C VAL A 612 18.59 -15.21 32.59
N LEU A 613 18.44 -14.15 31.81
CA LEU A 613 18.17 -12.83 32.40
C LEU A 613 16.75 -12.69 32.93
N VAL A 614 15.80 -13.50 32.47
CA VAL A 614 14.43 -13.38 32.96
C VAL A 614 14.09 -14.54 33.90
N SER A 615 15.08 -15.23 34.44
CA SER A 615 14.83 -16.36 35.30
C SER A 615 14.49 -15.90 36.71
N PRO A 616 13.82 -16.76 37.50
CA PRO A 616 13.42 -16.35 38.86
C PRO A 616 14.59 -16.03 39.79
N SER A 617 15.82 -16.17 39.31
CA SER A 617 16.99 -15.84 40.10
C SER A 617 17.59 -14.48 39.75
N VAL A 618 17.33 -13.96 38.55
CA VAL A 618 17.81 -12.65 38.15
C VAL A 618 16.70 -11.61 38.19
N LEU A 619 15.49 -12.01 37.82
CA LEU A 619 14.31 -11.14 37.87
C LEU A 619 13.47 -11.63 39.05
N ARG A 620 13.55 -10.92 40.16
CA ARG A 620 13.11 -11.45 41.45
C ARG A 620 11.64 -11.18 41.77
N TRP A 621 11.01 -10.21 41.13
CA TRP A 621 9.63 -9.86 41.43
C TRP A 621 8.70 -10.52 40.43
N SER A 622 7.56 -11.02 40.94
CA SER A 622 6.64 -11.78 40.11
C SER A 622 5.96 -10.91 39.07
N ARG A 623 5.76 -9.63 39.36
CA ARG A 623 5.09 -8.75 38.41
C ARG A 623 5.85 -8.66 37.10
N ASN A 624 7.18 -8.56 37.18
CA ASN A 624 8.00 -8.44 35.97
C ASN A 624 7.96 -9.73 35.14
N ARG A 625 8.01 -10.88 35.80
CA ARG A 625 7.98 -12.15 35.07
C ARG A 625 6.61 -12.39 34.45
N MET A 626 5.53 -12.02 35.15
CA MET A 626 4.21 -12.10 34.54
C MET A 626 4.07 -11.14 33.36
N ALA A 627 4.70 -9.96 33.45
CA ALA A 627 4.67 -9.03 32.32
C ALA A 627 5.38 -9.61 31.10
N PHE A 628 6.52 -10.27 31.33
CA PHE A 628 7.21 -10.92 30.21
C PHE A 628 6.37 -12.03 29.60
N LEU A 629 5.71 -12.82 30.45
CA LEU A 629 4.84 -13.88 29.93
C LEU A 629 3.68 -13.30 29.11
N ALA A 630 3.09 -12.21 29.58
CA ALA A 630 2.01 -11.57 28.82
C ALA A 630 2.52 -11.03 27.49
N ALA A 631 3.76 -10.51 27.47
CA ALA A 631 4.34 -10.05 26.21
C ALA A 631 4.54 -11.21 25.24
N LEU A 632 4.96 -12.36 25.75
CA LEU A 632 5.08 -13.55 24.90
C LEU A 632 3.74 -13.96 24.31
N PHE A 633 2.69 -13.93 25.14
CA PHE A 633 1.36 -14.30 24.63
C PHE A 633 0.88 -13.31 23.58
N PHE A 634 1.14 -12.01 23.78
CA PHE A 634 0.78 -11.01 22.77
C PHE A 634 1.53 -11.26 21.46
N LEU A 635 2.82 -11.58 21.56
CA LEU A 635 3.60 -11.88 20.36
C LEU A 635 3.04 -13.09 19.62
N LEU A 636 2.62 -14.12 20.36
CA LEU A 636 2.02 -15.29 19.72
C LEU A 636 0.70 -14.93 19.04
N ALA A 637 -0.13 -14.15 19.71
CA ALA A 637 -1.40 -13.73 19.11
C ALA A 637 -1.18 -12.92 17.84
N LEU A 638 -0.11 -12.12 17.80
CA LEU A 638 0.19 -11.36 16.60
C LEU A 638 0.77 -12.25 15.50
N CYS A 639 1.50 -13.29 15.87
CA CYS A 639 2.13 -14.16 14.89
C CYS A 639 1.11 -15.09 14.23
N TRP A 640 0.12 -15.57 14.97
CA TRP A 640 -0.84 -16.53 14.45
C TRP A 640 -1.97 -15.88 13.66
N ALA A 641 -1.93 -14.57 13.44
CA ALA A 641 -3.01 -13.85 12.76
C ALA A 641 -2.73 -13.72 11.26
N THR A 642 -2.48 -14.84 10.60
CA THR A 642 -2.19 -14.87 9.16
C THR A 642 -2.35 -16.31 8.69
N THR A 643 -1.96 -16.57 7.45
CA THR A 643 -2.14 -17.87 6.85
C THR A 643 -0.97 -18.80 7.20
N ASN A 644 -1.15 -20.08 6.87
CA ASN A 644 -0.12 -21.10 7.03
C ASN A 644 0.50 -21.45 5.69
N GLY A 645 0.68 -20.46 4.82
CA GLY A 645 1.05 -20.71 3.45
C GLY A 645 2.55 -20.86 3.25
N TRP A 646 2.91 -21.80 2.39
CA TRP A 646 4.28 -21.98 1.91
C TRP A 646 4.34 -21.65 0.43
N TRP A 647 5.50 -21.88 -0.17
CA TRP A 647 5.78 -21.46 -1.54
C TRP A 647 5.27 -22.45 -2.58
N TYR A 648 5.80 -22.32 -3.80
CA TYR A 648 5.25 -22.86 -5.03
C TYR A 648 4.65 -24.26 -4.92
N VAL A 649 5.45 -25.28 -4.62
CA VAL A 649 4.95 -26.65 -4.53
C VAL A 649 5.08 -27.20 -3.12
N SER A 650 5.46 -26.38 -2.16
CA SER A 650 5.51 -26.78 -0.77
C SER A 650 4.17 -26.61 -0.08
N SER A 651 3.19 -26.03 -0.77
CA SER A 651 1.87 -25.78 -0.22
C SER A 651 0.86 -26.83 -0.62
N TYR A 652 1.31 -27.93 -1.23
CA TYR A 652 0.40 -28.98 -1.68
C TYR A 652 0.02 -29.84 -0.49
N GLY A 653 -1.13 -29.57 0.09
CA GLY A 653 -1.72 -30.43 1.11
C GLY A 653 -1.72 -29.86 2.51
N VAL A 654 -0.95 -28.81 2.78
CA VAL A 654 -0.86 -28.27 4.13
C VAL A 654 -2.21 -27.67 4.50
N PRO A 655 -2.66 -27.82 5.76
CA PRO A 655 -4.06 -27.56 6.09
C PRO A 655 -4.58 -26.16 5.82
N PHE A 656 -4.05 -25.14 6.50
CA PHE A 656 -4.59 -23.79 6.40
C PHE A 656 -3.74 -22.91 5.50
N ASN A 657 -3.65 -23.28 4.23
CA ASN A 657 -2.75 -22.59 3.33
C ASN A 657 -3.30 -21.28 2.80
N SER A 658 -4.60 -21.06 2.89
CA SER A 658 -5.19 -19.87 2.27
C SER A 658 -6.14 -19.14 3.20
N ALA A 659 -6.12 -19.44 4.49
CA ALA A 659 -7.00 -18.79 5.45
C ALA A 659 -6.34 -18.83 6.81
N MET A 660 -6.99 -18.20 7.78
CA MET A 660 -6.49 -18.23 9.13
C MET A 660 -6.89 -19.55 9.82
N PRO A 661 -6.05 -20.05 10.72
CA PRO A 661 -6.30 -21.36 11.34
C PRO A 661 -7.71 -21.58 11.85
N LYS A 662 -8.22 -20.74 12.76
CA LYS A 662 -9.65 -20.72 13.07
C LYS A 662 -10.16 -22.09 13.52
N ILE A 663 -9.68 -22.50 14.69
CA ILE A 663 -10.15 -23.75 15.29
C ILE A 663 -11.58 -23.57 15.79
N ASP A 664 -12.51 -24.32 15.18
CA ASP A 664 -13.92 -24.35 15.59
C ASP A 664 -14.54 -22.95 15.53
N GLY A 665 -14.50 -22.35 14.34
CA GLY A 665 -15.19 -21.10 14.12
C GLY A 665 -14.49 -19.87 14.67
N ILE A 666 -13.76 -20.03 15.77
CA ILE A 666 -13.04 -18.95 16.43
C ILE A 666 -11.57 -19.09 16.11
N THR A 667 -10.92 -17.98 15.78
CA THR A 667 -9.53 -18.02 15.36
C THR A 667 -8.64 -18.39 16.54
N VAL A 668 -7.37 -18.66 16.24
CA VAL A 668 -6.40 -18.99 17.27
C VAL A 668 -5.74 -17.75 17.85
N SER A 669 -5.62 -16.69 17.06
CA SER A 669 -5.12 -15.44 17.60
C SER A 669 -6.06 -14.88 18.66
N THR A 670 -7.36 -15.14 18.52
CA THR A 670 -8.30 -14.74 19.58
C THR A 670 -8.05 -15.51 20.86
N ILE A 671 -7.70 -16.79 20.75
CA ILE A 671 -7.41 -17.59 21.94
C ILE A 671 -6.14 -17.10 22.61
N PHE A 672 -5.10 -16.82 21.82
CA PHE A 672 -3.87 -16.29 22.41
C PHE A 672 -4.09 -14.90 22.97
N PHE A 673 -5.01 -14.12 22.41
CA PHE A 673 -5.32 -12.82 22.98
C PHE A 673 -6.07 -12.94 24.30
N ALA A 674 -6.94 -13.94 24.41
CA ALA A 674 -7.58 -14.20 25.70
C ALA A 674 -6.55 -14.60 26.75
N LEU A 675 -5.59 -15.45 26.38
CA LEU A 675 -4.53 -15.83 27.31
C LEU A 675 -3.69 -14.61 27.71
N PHE A 676 -3.37 -13.75 26.75
CA PHE A 676 -2.63 -12.53 27.05
C PHE A 676 -3.41 -11.63 27.99
N ALA A 677 -4.72 -11.52 27.79
CA ALA A 677 -5.54 -10.69 28.66
C ALA A 677 -5.55 -11.23 30.09
N ILE A 678 -5.64 -12.55 30.24
CA ILE A 678 -5.62 -13.13 31.58
C ILE A 678 -4.27 -12.91 32.26
N ALA A 679 -3.17 -13.12 31.52
CA ALA A 679 -1.85 -12.92 32.12
C ALA A 679 -1.61 -11.47 32.47
N ALA A 680 -2.08 -10.54 31.64
CA ALA A 680 -1.95 -9.12 31.94
C ALA A 680 -2.83 -8.73 33.12
N GLY A 681 -4.00 -9.36 33.26
CA GLY A 681 -4.81 -9.10 34.44
C GLY A 681 -4.12 -9.55 35.72
N TYR A 682 -3.46 -10.70 35.67
CA TYR A 682 -2.74 -11.15 36.86
C TYR A 682 -1.54 -10.26 37.15
N ALA A 683 -0.84 -9.80 36.11
CA ALA A 683 0.28 -8.89 36.33
C ALA A 683 -0.21 -7.57 36.93
N ALA A 684 -1.33 -7.05 36.43
CA ALA A 684 -1.88 -5.82 36.98
C ALA A 684 -2.34 -6.01 38.43
N TRP A 685 -2.85 -7.19 38.77
CA TRP A 685 -3.19 -7.43 40.17
C TRP A 685 -1.93 -7.46 41.03
N LEU A 686 -0.87 -8.12 40.55
CA LEU A 686 0.39 -8.14 41.28
C LEU A 686 1.00 -6.76 41.42
N HIS A 687 0.64 -5.82 40.55
CA HIS A 687 1.06 -4.43 40.71
C HIS A 687 0.52 -3.84 42.01
N PHE A 688 -0.75 -4.09 42.31
CA PHE A 688 -1.39 -3.61 43.54
C PHE A 688 -1.39 -4.74 44.58
N ALA A 689 -0.20 -5.07 45.09
CA ALA A 689 -0.11 -6.22 45.97
C ALA A 689 1.08 -6.05 46.91
N PRO A 690 1.03 -6.64 48.11
CA PRO A 690 2.09 -6.40 49.08
C PRO A 690 3.39 -7.15 48.84
N ARG A 691 3.91 -7.09 47.62
CA ARG A 691 5.31 -7.43 47.34
C ARG A 691 5.64 -8.90 47.53
N GLY A 692 4.71 -9.68 48.07
CA GLY A 692 4.94 -11.10 48.26
C GLY A 692 3.74 -11.92 47.88
N ALA A 693 2.92 -11.40 46.96
CA ALA A 693 1.66 -12.05 46.64
C ALA A 693 1.89 -13.33 45.86
N GLY A 694 2.44 -13.23 44.66
CA GLY A 694 2.64 -14.41 43.85
C GLY A 694 4.02 -15.02 44.02
N GLU A 695 4.12 -16.04 44.87
CA GLU A 695 5.38 -16.74 45.08
C GLU A 695 5.18 -18.24 45.24
N GLY A 696 4.01 -18.77 44.93
CA GLY A 696 3.76 -20.19 45.02
C GLY A 696 4.53 -20.95 43.97
N ARG A 697 4.32 -22.27 43.96
CA ARG A 697 5.05 -23.12 43.03
C ARG A 697 4.45 -23.12 41.63
N LEU A 698 3.18 -22.75 41.48
CA LEU A 698 2.56 -22.77 40.16
C LEU A 698 3.14 -21.70 39.25
N ILE A 699 3.07 -20.43 39.67
CA ILE A 699 3.61 -19.36 38.84
C ILE A 699 5.12 -19.25 38.94
N ARG A 700 5.74 -19.94 39.89
CA ARG A 700 7.19 -20.09 39.87
C ARG A 700 7.61 -21.15 38.85
N ALA A 701 6.76 -22.15 38.62
CA ALA A 701 7.07 -23.19 37.65
C ALA A 701 6.81 -22.72 36.23
N LEU A 702 5.64 -22.12 35.99
CA LEU A 702 5.29 -21.73 34.63
C LEU A 702 6.03 -20.50 34.15
N THR A 703 7.00 -19.98 34.89
CA THR A 703 7.81 -18.84 34.47
C THR A 703 9.30 -19.12 34.55
N THR A 704 9.70 -20.39 34.52
CA THR A 704 11.11 -20.74 34.52
C THR A 704 11.70 -20.80 33.12
N ALA A 705 10.93 -21.26 32.14
CA ALA A 705 11.40 -21.36 30.77
C ALA A 705 10.23 -21.32 29.79
N PRO A 706 9.71 -20.15 29.45
CA PRO A 706 8.60 -20.08 28.49
C PRO A 706 9.04 -20.04 27.04
N VAL A 707 10.23 -19.50 26.78
CA VAL A 707 10.73 -19.35 25.41
C VAL A 707 11.04 -20.72 24.80
N PRO A 708 11.75 -21.64 25.50
CA PRO A 708 11.93 -22.96 24.92
C PRO A 708 10.63 -23.67 24.60
N ILE A 709 9.63 -23.53 25.47
CA ILE A 709 8.36 -24.22 25.25
C ILE A 709 7.63 -23.65 24.05
N VAL A 710 7.59 -22.31 23.94
CA VAL A 710 6.91 -21.69 22.80
C VAL A 710 7.60 -22.07 21.50
N ALA A 711 8.93 -22.01 21.48
CA ALA A 711 9.64 -22.34 20.25
C ALA A 711 9.51 -23.81 19.88
N GLY A 712 9.48 -24.70 20.87
CA GLY A 712 9.27 -26.12 20.58
C GLY A 712 7.88 -26.40 20.06
N PHE A 713 6.87 -25.73 20.62
CA PHE A 713 5.51 -25.85 20.09
C PHE A 713 5.45 -25.39 18.64
N MET A 714 6.12 -24.28 18.32
CA MET A 714 6.11 -23.79 16.95
C MET A 714 6.84 -24.75 16.01
N ALA A 715 7.97 -25.32 16.45
CA ALA A 715 8.69 -26.26 15.60
C ALA A 715 7.86 -27.53 15.35
N ALA A 716 7.15 -28.00 16.37
CA ALA A 716 6.27 -29.14 16.18
C ALA A 716 5.16 -28.82 15.20
N VAL A 717 4.63 -27.59 15.24
CA VAL A 717 3.63 -27.19 14.26
C VAL A 717 4.20 -27.21 12.85
N PHE A 718 5.43 -26.69 12.69
CA PHE A 718 6.06 -26.68 11.37
C PHE A 718 6.24 -28.09 10.82
N VAL A 719 6.68 -29.02 11.67
CA VAL A 719 6.89 -30.39 11.19
C VAL A 719 5.56 -31.08 10.88
N ALA A 720 4.54 -30.82 11.71
CA ALA A 720 3.24 -31.43 11.48
C ALA A 720 2.62 -30.95 10.18
N SER A 721 2.88 -29.69 9.80
CA SER A 721 2.36 -29.20 8.52
C SER A 721 2.83 -30.06 7.36
N MET A 722 4.14 -30.29 7.25
CA MET A 722 4.67 -31.05 6.13
C MET A 722 4.31 -32.52 6.24
N VAL A 723 4.24 -33.07 7.45
CA VAL A 723 3.87 -34.48 7.56
C VAL A 723 2.41 -34.68 7.14
N ALA A 724 1.53 -33.75 7.51
CA ALA A 724 0.13 -33.86 7.10
C ALA A 724 -0.05 -33.54 5.63
N GLY A 725 0.85 -32.77 5.02
CA GLY A 725 0.81 -32.59 3.59
C GLY A 725 1.35 -33.77 2.81
N ILE A 726 2.22 -34.57 3.41
CA ILE A 726 2.70 -35.79 2.77
C ILE A 726 1.68 -36.91 2.89
N VAL A 727 1.06 -37.04 4.07
CA VAL A 727 0.15 -38.16 4.32
C VAL A 727 -1.06 -38.09 3.40
N ARG A 728 -1.84 -37.02 3.52
CA ARG A 728 -2.87 -36.77 2.53
C ARG A 728 -2.21 -36.24 1.27
N GLN A 729 -2.80 -36.50 0.13
CA GLN A 729 -2.12 -35.94 -1.05
C GLN A 729 -0.94 -36.80 -1.44
N TYR A 730 -1.14 -38.09 -1.43
CA TYR A 730 -0.18 -39.14 -1.79
C TYR A 730 -1.02 -40.22 -2.44
N PRO A 731 -0.82 -40.79 -3.65
CA PRO A 731 0.44 -41.05 -4.27
C PRO A 731 0.81 -39.94 -5.23
N THR A 732 0.21 -38.77 -5.13
CA THR A 732 0.45 -37.64 -6.05
C THR A 732 1.66 -36.83 -5.61
N TYR A 733 1.90 -35.66 -6.16
CA TYR A 733 3.15 -34.97 -5.87
C TYR A 733 3.17 -34.38 -4.47
N SER A 734 4.27 -34.61 -3.76
CA SER A 734 4.63 -33.87 -2.56
C SER A 734 6.14 -33.80 -2.49
N ASN A 735 6.65 -32.87 -1.66
CA ASN A 735 8.08 -32.66 -1.57
C ASN A 735 8.80 -33.90 -1.04
N GLY A 736 8.32 -34.43 0.09
CA GLY A 736 9.00 -35.55 0.73
C GLY A 736 8.95 -36.82 -0.09
N TRP A 737 7.86 -37.04 -0.83
CA TRP A 737 7.75 -38.22 -1.66
C TRP A 737 8.60 -38.09 -2.92
N SER A 738 8.65 -36.90 -3.50
CA SER A 738 9.48 -36.68 -4.69
C SER A 738 10.96 -36.80 -4.36
N ASN A 739 11.38 -36.26 -3.22
CA ASN A 739 12.80 -36.30 -2.87
C ASN A 739 13.33 -37.72 -2.78
N VAL A 740 12.54 -38.63 -2.20
CA VAL A 740 12.97 -40.03 -2.10
C VAL A 740 12.64 -40.83 -3.35
N ARG A 741 11.70 -40.39 -4.18
CA ARG A 741 11.43 -41.05 -5.45
C ARG A 741 12.47 -40.70 -6.50
N ALA A 742 13.21 -39.61 -6.31
CA ALA A 742 14.28 -39.25 -7.24
C ALA A 742 15.51 -40.12 -7.11
N PHE A 743 15.51 -41.17 -6.28
CA PHE A 743 16.65 -42.08 -6.20
C PHE A 743 16.60 -43.13 -7.30
N VAL A 744 15.42 -43.67 -7.57
CA VAL A 744 15.25 -44.72 -8.55
C VAL A 744 14.84 -44.15 -9.91
N GLY A 745 15.00 -42.85 -10.11
CA GLY A 745 14.58 -42.21 -11.34
C GLY A 745 13.29 -41.45 -11.18
N GLY A 746 13.39 -40.14 -11.02
CA GLY A 746 12.22 -39.32 -10.81
C GLY A 746 12.41 -37.97 -11.48
N CYS A 747 11.31 -37.38 -11.93
CA CYS A 747 11.37 -36.16 -12.72
C CYS A 747 10.61 -35.01 -12.06
N GLY A 748 10.31 -35.12 -10.78
CA GLY A 748 9.61 -34.04 -10.10
C GLY A 748 8.15 -34.00 -10.51
N LEU A 749 7.68 -32.81 -10.89
CA LEU A 749 6.30 -32.66 -11.32
C LEU A 749 6.06 -33.22 -12.71
N ALA A 750 7.10 -33.45 -13.48
CA ALA A 750 6.91 -33.93 -14.85
C ALA A 750 6.40 -35.34 -14.91
N ASP A 751 6.13 -36.00 -13.79
CA ASP A 751 5.53 -37.33 -13.78
C ASP A 751 4.06 -37.31 -13.38
N ASP A 752 3.64 -36.32 -12.59
CA ASP A 752 2.28 -36.23 -12.12
C ASP A 752 1.41 -35.32 -12.95
N VAL A 753 1.99 -34.55 -13.85
CA VAL A 753 1.22 -33.68 -14.74
C VAL A 753 0.87 -34.47 -15.99
N LEU A 754 -0.42 -34.49 -16.33
CA LEU A 754 -0.92 -35.11 -17.55
C LEU A 754 -1.28 -34.02 -18.54
N VAL A 755 -0.99 -34.27 -19.81
CA VAL A 755 -1.25 -33.32 -20.88
C VAL A 755 -2.12 -34.00 -21.94
N GLU A 756 -3.01 -33.23 -22.53
CA GLU A 756 -3.89 -33.73 -23.60
C GLU A 756 -3.44 -33.15 -24.93
N PRO A 757 -2.68 -33.87 -25.74
CA PRO A 757 -2.38 -33.39 -27.09
C PRO A 757 -3.51 -33.79 -28.04
N ASP A 758 -3.80 -32.90 -29.00
CA ASP A 758 -4.90 -33.10 -29.94
C ASP A 758 -6.23 -33.24 -29.18
N THR A 759 -6.64 -32.13 -28.58
CA THR A 759 -7.86 -32.12 -27.79
C THR A 759 -9.10 -32.08 -28.68
N ASN A 760 -9.15 -32.99 -29.65
CA ASN A 760 -10.32 -33.19 -30.49
C ASN A 760 -10.80 -34.63 -30.46
N ALA A 761 -10.14 -35.50 -29.72
CA ALA A 761 -10.57 -36.86 -29.51
C ALA A 761 -11.20 -37.02 -28.14
N GLY A 762 -12.02 -38.03 -27.99
CA GLY A 762 -12.76 -38.27 -26.77
C GLY A 762 -14.16 -37.71 -26.77
N PHE A 763 -14.61 -37.10 -27.85
CA PHE A 763 -15.96 -36.58 -27.93
C PHE A 763 -16.93 -37.73 -28.14
N MET A 764 -17.94 -37.82 -27.27
CA MET A 764 -18.88 -38.92 -27.32
C MET A 764 -19.97 -38.66 -28.35
N LYS A 765 -20.80 -39.66 -28.59
CA LYS A 765 -21.85 -39.51 -29.57
C LYS A 765 -23.22 -39.60 -28.91
N PRO A 766 -24.19 -38.80 -29.35
CA PRO A 766 -25.49 -38.77 -28.65
C PRO A 766 -26.19 -40.11 -28.72
N LEU A 767 -26.62 -40.59 -27.56
CA LEU A 767 -27.37 -41.84 -27.50
C LEU A 767 -28.72 -41.72 -28.20
N ASP A 768 -29.35 -40.56 -28.11
CA ASP A 768 -30.70 -40.37 -28.65
C ASP A 768 -30.65 -40.52 -30.17
N GLY A 769 -31.29 -41.57 -30.67
CA GLY A 769 -31.31 -41.82 -32.10
C GLY A 769 -32.41 -41.05 -32.81
N ASP A 770 -32.66 -39.82 -32.36
CA ASP A 770 -33.71 -38.98 -32.91
C ASP A 770 -33.10 -37.70 -33.47
N SER A 771 -33.18 -37.54 -34.79
CA SER A 771 -32.81 -36.30 -35.46
C SER A 771 -33.99 -35.35 -35.62
N GLY A 772 -34.94 -35.41 -34.70
CA GLY A 772 -36.21 -34.73 -34.76
C GLY A 772 -36.17 -33.48 -33.89
N SER A 773 -36.65 -33.59 -32.66
CA SER A 773 -36.77 -32.48 -31.71
C SER A 773 -35.55 -31.56 -31.68
N TRP A 774 -34.37 -32.09 -32.02
CA TRP A 774 -33.19 -31.27 -32.12
C TRP A 774 -33.36 -30.20 -33.19
N GLY A 775 -33.44 -28.94 -32.77
CA GLY A 775 -33.72 -27.86 -33.68
C GLY A 775 -32.47 -27.23 -34.26
N PRO A 776 -32.41 -25.90 -34.26
CA PRO A 776 -31.26 -25.19 -34.84
C PRO A 776 -30.02 -25.19 -33.96
N LEU A 777 -30.07 -25.77 -32.77
CA LEU A 777 -28.93 -25.79 -31.88
C LEU A 777 -28.21 -27.12 -31.84
N GLY A 778 -28.80 -28.18 -32.40
CA GLY A 778 -28.14 -29.46 -32.52
C GLY A 778 -28.47 -30.39 -31.38
N PRO A 779 -27.66 -31.45 -31.22
CA PRO A 779 -27.84 -32.33 -30.07
C PRO A 779 -27.45 -31.69 -28.75
N LEU A 780 -26.58 -30.69 -28.76
CA LEU A 780 -26.20 -30.00 -27.53
C LEU A 780 -27.37 -29.23 -26.94
N GLY A 781 -28.31 -28.79 -27.77
CA GLY A 781 -29.46 -28.06 -27.30
C GLY A 781 -30.55 -28.97 -26.75
N GLY A 782 -30.87 -30.02 -27.48
CA GLY A 782 -31.85 -30.98 -27.00
C GLY A 782 -33.25 -30.56 -27.36
N VAL A 783 -34.16 -30.63 -26.39
CA VAL A 783 -35.56 -30.29 -26.57
C VAL A 783 -35.82 -28.96 -25.87
N ASN A 784 -36.35 -28.00 -26.63
CA ASN A 784 -36.68 -26.66 -26.13
C ASN A 784 -35.48 -26.00 -25.45
N PRO A 785 -34.49 -25.56 -26.21
CA PRO A 785 -33.28 -24.99 -25.61
C PRO A 785 -33.41 -23.53 -25.20
N VAL A 786 -34.65 -23.06 -25.01
CA VAL A 786 -34.99 -21.64 -24.90
C VAL A 786 -34.00 -20.84 -24.08
N GLY A 787 -33.53 -19.72 -24.63
CA GLY A 787 -32.57 -18.85 -24.00
C GLY A 787 -31.19 -18.89 -24.63
N PHE A 788 -30.79 -20.03 -25.18
CA PHE A 788 -29.44 -20.25 -25.68
C PHE A 788 -29.39 -20.00 -27.18
N THR A 789 -28.22 -19.56 -27.65
CA THR A 789 -27.97 -19.21 -29.05
C THR A 789 -26.53 -19.54 -29.37
N PRO A 790 -26.21 -19.90 -30.63
CA PRO A 790 -24.83 -20.26 -30.94
C PRO A 790 -23.83 -19.13 -30.76
N ASN A 791 -24.18 -17.91 -31.14
CA ASN A 791 -23.28 -16.76 -30.99
C ASN A 791 -23.52 -16.04 -29.68
N GLY A 792 -23.47 -16.77 -28.56
CA GLY A 792 -23.78 -16.18 -27.28
C GLY A 792 -22.58 -15.93 -26.41
N VAL A 793 -21.49 -15.44 -26.99
CA VAL A 793 -20.27 -15.17 -26.24
C VAL A 793 -19.81 -13.76 -26.58
N PRO A 794 -19.21 -13.02 -25.64
CA PRO A 794 -18.67 -11.69 -25.98
C PRO A 794 -17.50 -11.76 -26.93
N GLU A 795 -16.88 -10.60 -27.21
CA GLU A 795 -15.92 -10.52 -28.30
C GLU A 795 -14.55 -11.07 -27.91
N HIS A 796 -13.90 -10.46 -26.93
CA HIS A 796 -12.53 -10.82 -26.58
C HIS A 796 -12.54 -11.77 -25.38
N THR A 797 -13.10 -12.96 -25.60
CA THR A 797 -13.09 -14.03 -24.62
C THR A 797 -11.96 -14.98 -24.98
N VAL A 798 -11.01 -15.17 -24.05
CA VAL A 798 -9.82 -15.95 -24.31
C VAL A 798 -9.66 -17.02 -23.23
N ALA A 799 -8.73 -17.93 -23.46
CA ALA A 799 -8.53 -19.07 -22.60
C ALA A 799 -7.66 -18.68 -21.40
N GLU A 800 -8.25 -18.72 -20.21
CA GLU A 800 -7.51 -18.56 -18.95
C GLU A 800 -6.87 -17.18 -18.83
N ALA A 801 -7.54 -16.15 -19.33
CA ALA A 801 -7.02 -14.80 -19.24
C ALA A 801 -8.15 -13.82 -19.53
N ILE A 802 -7.88 -12.55 -19.26
CA ILE A 802 -8.81 -11.45 -19.52
C ILE A 802 -8.06 -10.36 -20.25
N VAL A 803 -8.51 -10.04 -21.47
CA VAL A 803 -7.81 -9.07 -22.30
C VAL A 803 -7.98 -7.68 -21.72
N MET A 804 -6.89 -6.90 -21.70
CA MET A 804 -6.90 -5.53 -21.24
C MET A 804 -6.31 -4.62 -22.33
N LYS A 805 -6.28 -3.32 -22.05
CA LYS A 805 -5.99 -2.34 -23.10
C LYS A 805 -4.55 -2.40 -23.60
N PRO A 806 -3.53 -2.14 -22.78
CA PRO A 806 -2.17 -2.06 -23.32
C PRO A 806 -1.56 -3.44 -23.51
N ASN A 807 -0.56 -3.48 -24.37
CA ASN A 807 0.11 -4.75 -24.68
C ASN A 807 0.81 -5.29 -23.44
N GLN A 808 0.39 -6.47 -23.00
CA GLN A 808 0.98 -7.13 -21.84
C GLN A 808 2.06 -8.11 -22.29
N PRO A 809 3.07 -8.35 -21.46
CA PRO A 809 4.16 -9.24 -21.87
C PRO A 809 3.84 -10.70 -21.60
N GLY A 810 4.31 -11.55 -22.51
CA GLY A 810 4.12 -12.98 -22.38
C GLY A 810 2.66 -13.38 -22.41
N THR A 811 1.97 -13.04 -23.48
CA THR A 811 0.57 -13.37 -23.67
C THR A 811 0.39 -14.25 -24.89
N ASP A 812 -0.75 -14.91 -24.96
CA ASP A 812 -1.01 -15.81 -26.07
C ASP A 812 -1.40 -15.03 -27.32
N TYR A 813 -1.44 -15.74 -28.46
CA TYR A 813 -1.80 -15.09 -29.71
C TYR A 813 -3.30 -14.78 -29.77
N ASP A 814 -4.12 -15.52 -29.02
CA ASP A 814 -5.55 -15.30 -29.05
C ASP A 814 -5.96 -13.96 -28.43
N TRP A 815 -5.00 -13.15 -27.98
CA TRP A 815 -5.31 -11.76 -27.61
C TRP A 815 -5.41 -10.86 -28.83
N ASP A 816 -4.79 -11.25 -29.95
CA ASP A 816 -4.71 -10.42 -31.14
C ASP A 816 -5.41 -10.99 -32.35
N ALA A 817 -5.86 -12.25 -32.30
CA ALA A 817 -6.50 -12.88 -33.43
C ALA A 817 -7.79 -12.14 -33.80
N PRO A 818 -8.29 -12.32 -35.01
CA PRO A 818 -9.56 -11.68 -35.40
C PRO A 818 -10.69 -12.09 -34.47
N THR A 819 -11.64 -11.17 -34.30
CA THR A 819 -12.73 -11.37 -33.34
C THR A 819 -13.78 -12.36 -33.82
N LYS A 820 -13.75 -12.77 -35.08
CA LYS A 820 -14.68 -13.74 -35.61
C LYS A 820 -13.94 -14.71 -36.53
N LEU A 821 -14.65 -15.74 -36.97
CA LEU A 821 -14.15 -16.67 -37.96
C LEU A 821 -14.70 -16.32 -39.33
N THR A 822 -13.93 -16.62 -40.36
CA THR A 822 -14.42 -16.45 -41.73
C THR A 822 -15.06 -17.72 -42.25
N SER A 823 -15.95 -18.31 -41.45
CA SER A 823 -16.73 -19.51 -41.76
C SER A 823 -17.64 -19.82 -40.58
N PRO A 824 -18.77 -20.47 -40.81
CA PRO A 824 -19.56 -20.95 -39.67
C PRO A 824 -18.99 -22.23 -39.08
N GLY A 825 -19.69 -22.81 -38.11
CA GLY A 825 -19.28 -24.07 -37.54
C GLY A 825 -20.33 -25.15 -37.75
N ILE A 826 -20.40 -26.10 -36.82
CA ILE A 826 -21.45 -27.12 -36.91
C ILE A 826 -22.79 -26.53 -36.51
N ASN A 827 -22.82 -25.79 -35.40
CA ASN A 827 -24.04 -25.11 -35.00
C ASN A 827 -24.39 -23.96 -35.95
N GLY A 828 -23.38 -23.21 -36.37
CA GLY A 828 -23.60 -22.00 -37.12
C GLY A 828 -22.99 -20.82 -36.42
N SER A 829 -22.01 -21.09 -35.56
CA SER A 829 -21.36 -20.07 -34.76
C SER A 829 -20.11 -19.54 -35.45
N THR A 830 -19.74 -18.32 -35.09
CA THR A 830 -18.53 -17.67 -35.56
C THR A 830 -17.69 -17.20 -34.39
N VAL A 831 -17.52 -18.08 -33.41
CA VAL A 831 -16.75 -17.80 -32.20
C VAL A 831 -15.46 -18.61 -32.26
N PRO A 832 -14.31 -18.00 -32.01
CA PRO A 832 -13.05 -18.76 -31.97
C PRO A 832 -12.95 -19.58 -30.69
N LEU A 833 -12.81 -20.90 -30.85
CA LEU A 833 -12.75 -21.81 -29.71
C LEU A 833 -11.33 -21.94 -29.19
N PRO A 834 -11.17 -22.23 -27.88
CA PRO A 834 -9.82 -22.32 -27.30
C PRO A 834 -9.22 -23.71 -27.33
N TYR A 835 -7.96 -23.81 -26.87
CA TYR A 835 -7.25 -25.07 -26.65
C TYR A 835 -6.98 -25.83 -27.93
N GLY A 836 -7.41 -25.30 -29.07
CA GLY A 836 -7.27 -26.01 -30.32
C GLY A 836 -8.49 -26.82 -30.73
N LEU A 837 -9.64 -26.56 -30.14
CA LEU A 837 -10.86 -27.22 -30.56
C LEU A 837 -11.26 -26.75 -31.96
N ASP A 838 -11.63 -27.71 -32.80
CA ASP A 838 -11.95 -27.41 -34.19
C ASP A 838 -13.37 -26.86 -34.31
N PRO A 839 -13.53 -25.59 -34.66
CA PRO A 839 -14.89 -25.02 -34.74
C PRO A 839 -15.76 -25.65 -35.82
N ALA A 840 -15.19 -26.44 -36.73
CA ALA A 840 -15.96 -27.16 -37.72
C ALA A 840 -16.43 -28.52 -37.24
N ARG A 841 -16.15 -28.87 -35.98
CA ARG A 841 -16.58 -30.13 -35.39
C ARG A 841 -17.15 -30.00 -33.99
N VAL A 842 -17.06 -28.83 -33.36
CA VAL A 842 -17.47 -28.64 -31.97
C VAL A 842 -18.56 -27.57 -31.94
N PRO A 843 -19.77 -27.89 -31.53
CA PRO A 843 -20.83 -26.88 -31.41
C PRO A 843 -20.61 -25.99 -30.19
N LEU A 844 -21.57 -25.10 -29.96
CA LEU A 844 -21.49 -24.13 -28.88
C LEU A 844 -22.89 -23.68 -28.53
N ALA A 845 -23.05 -23.20 -27.29
CA ALA A 845 -24.33 -22.61 -26.89
C ALA A 845 -24.09 -21.56 -25.81
N GLY A 846 -24.59 -20.34 -26.02
CA GLY A 846 -24.38 -19.26 -25.08
C GLY A 846 -25.65 -18.49 -24.80
N THR A 847 -25.64 -17.78 -23.68
CA THR A 847 -26.75 -16.95 -23.22
C THR A 847 -26.36 -15.50 -23.05
N TYR A 848 -25.62 -14.95 -24.00
CA TYR A 848 -25.23 -13.54 -23.95
C TYR A 848 -25.99 -12.77 -25.02
N THR A 849 -26.79 -11.80 -24.59
CA THR A 849 -27.51 -10.92 -25.49
C THR A 849 -27.37 -9.48 -25.01
N THR A 850 -27.76 -8.56 -25.86
CA THR A 850 -27.80 -7.13 -25.54
C THR A 850 -29.26 -6.70 -25.53
N GLY A 851 -29.77 -6.39 -24.35
CA GLY A 851 -31.15 -5.97 -24.21
C GLY A 851 -32.13 -7.13 -24.17
N ALA A 852 -33.18 -6.99 -23.35
CA ALA A 852 -34.23 -7.98 -23.19
C ALA A 852 -33.67 -9.32 -22.71
N GLN A 853 -33.14 -9.29 -21.50
CA GLN A 853 -32.67 -10.50 -20.84
C GLN A 853 -33.85 -11.40 -20.49
N GLN A 854 -33.56 -12.65 -20.14
CA GLN A 854 -34.59 -13.60 -19.76
C GLN A 854 -33.94 -14.72 -18.95
N GLN A 855 -34.77 -15.68 -18.54
CA GLN A 855 -34.32 -16.87 -17.81
C GLN A 855 -34.07 -17.97 -18.82
N SER A 856 -32.83 -18.43 -18.92
CA SER A 856 -32.52 -19.44 -19.90
C SER A 856 -32.64 -20.84 -19.31
N THR A 857 -32.39 -21.85 -20.14
CA THR A 857 -32.34 -23.24 -19.71
C THR A 857 -31.85 -24.09 -20.88
N LEU A 858 -31.17 -25.18 -20.54
CA LEU A 858 -30.67 -26.11 -21.55
C LEU A 858 -30.48 -27.47 -20.91
N VAL A 859 -30.98 -28.50 -21.59
CA VAL A 859 -30.84 -29.90 -21.17
C VAL A 859 -30.38 -30.65 -22.40
N SER A 860 -29.11 -31.04 -22.42
CA SER A 860 -28.51 -31.64 -23.61
C SER A 860 -29.06 -33.03 -23.86
N ALA A 861 -28.53 -33.68 -24.89
CA ALA A 861 -28.90 -35.04 -25.23
C ALA A 861 -28.04 -36.03 -24.44
N TRP A 862 -28.49 -37.27 -24.39
CA TRP A 862 -27.77 -38.32 -23.67
C TRP A 862 -26.53 -38.71 -24.47
N TYR A 863 -25.35 -38.41 -23.93
CA TYR A 863 -24.09 -38.73 -24.59
C TYR A 863 -23.58 -40.06 -24.04
N LEU A 864 -23.49 -41.07 -24.90
CA LEU A 864 -22.99 -42.39 -24.53
C LEU A 864 -21.64 -42.29 -23.85
N LEU A 865 -21.28 -43.32 -23.08
CA LEU A 865 -20.12 -43.27 -22.22
C LEU A 865 -19.32 -44.54 -22.40
N PRO A 866 -18.04 -44.45 -22.74
CA PRO A 866 -17.25 -45.67 -23.01
C PRO A 866 -17.00 -46.47 -21.74
N LYS A 867 -16.54 -47.70 -21.94
CA LYS A 867 -16.22 -48.58 -20.84
C LYS A 867 -15.08 -48.00 -20.01
N PRO A 868 -15.15 -48.07 -18.68
CA PRO A 868 -14.14 -47.41 -17.85
C PRO A 868 -12.76 -48.06 -18.00
N ASP A 869 -11.76 -47.32 -17.57
CA ASP A 869 -10.37 -47.75 -17.66
C ASP A 869 -9.59 -46.98 -16.59
N ASP A 870 -8.28 -47.24 -16.53
CA ASP A 870 -7.43 -46.54 -15.58
C ASP A 870 -6.76 -45.32 -16.17
N GLY A 871 -6.59 -45.28 -17.49
CA GLY A 871 -5.96 -44.15 -18.15
C GLY A 871 -6.89 -43.01 -18.49
N HIS A 872 -8.20 -43.22 -18.42
CA HIS A 872 -9.20 -42.20 -18.72
C HIS A 872 -9.98 -41.89 -17.45
N PRO A 873 -9.47 -41.00 -16.59
CA PRO A 873 -10.03 -40.82 -15.25
C PRO A 873 -11.04 -39.68 -15.07
N LEU A 874 -11.38 -38.91 -16.09
CA LEU A 874 -12.30 -37.80 -15.87
C LEU A 874 -13.05 -37.47 -17.15
N VAL A 875 -14.11 -36.68 -16.98
CA VAL A 875 -14.92 -36.12 -18.06
C VAL A 875 -14.79 -34.61 -17.99
N VAL A 876 -14.79 -33.95 -19.15
CA VAL A 876 -14.45 -32.54 -19.24
C VAL A 876 -15.46 -31.80 -20.12
N VAL A 877 -15.82 -30.59 -19.71
CA VAL A 877 -16.71 -29.71 -20.44
C VAL A 877 -16.08 -28.32 -20.49
N THR A 878 -15.78 -27.84 -21.69
CA THR A 878 -15.18 -26.52 -21.82
C THR A 878 -16.27 -25.46 -21.80
N ALA A 879 -16.19 -24.54 -20.84
CA ALA A 879 -17.27 -23.58 -20.63
C ALA A 879 -16.72 -22.25 -20.15
N ALA A 880 -17.46 -21.19 -20.41
CA ALA A 880 -17.18 -19.84 -19.95
C ALA A 880 -18.40 -19.29 -19.21
N GLY A 881 -18.22 -18.13 -18.60
CA GLY A 881 -19.30 -17.45 -17.91
C GLY A 881 -19.16 -17.56 -16.41
N LYS A 882 -20.25 -17.20 -15.73
CA LYS A 882 -20.32 -17.24 -14.27
C LYS A 882 -20.89 -18.59 -13.85
N ILE A 883 -20.04 -19.46 -13.29
CA ILE A 883 -20.42 -20.82 -12.95
C ILE A 883 -20.03 -21.10 -11.51
N ALA A 884 -20.83 -21.92 -10.84
CA ALA A 884 -20.61 -22.28 -9.44
C ALA A 884 -19.97 -23.67 -9.37
N GLY A 885 -18.80 -23.73 -8.74
CA GLY A 885 -18.11 -25.00 -8.59
C GLY A 885 -17.03 -24.91 -7.54
N ASN A 886 -16.57 -26.09 -7.10
CA ASN A 886 -15.58 -26.17 -6.04
C ASN A 886 -14.18 -25.97 -6.59
N SER A 887 -13.24 -25.71 -5.67
CA SER A 887 -11.83 -25.58 -6.00
C SER A 887 -11.06 -25.48 -4.70
N VAL A 888 -9.75 -25.70 -4.80
CA VAL A 888 -8.84 -25.27 -3.76
C VAL A 888 -8.61 -23.78 -3.89
N LEU A 889 -8.25 -23.13 -2.78
CA LEU A 889 -7.96 -21.71 -2.66
C LEU A 889 -9.24 -20.87 -2.67
N HIS A 890 -10.40 -21.45 -2.94
CA HIS A 890 -11.67 -20.75 -2.88
C HIS A 890 -12.75 -21.76 -2.52
N GLY A 891 -13.64 -21.39 -1.62
CA GLY A 891 -14.61 -22.34 -1.13
C GLY A 891 -15.60 -22.83 -2.16
N TYR A 892 -16.53 -21.98 -2.59
CA TYR A 892 -17.58 -22.44 -3.48
C TYR A 892 -17.78 -21.52 -4.68
N THR A 893 -17.56 -20.22 -4.52
CA THR A 893 -17.68 -19.26 -5.61
C THR A 893 -19.01 -19.42 -6.34
N PRO A 894 -20.13 -18.99 -5.74
CA PRO A 894 -21.44 -19.28 -6.32
C PRO A 894 -21.64 -18.62 -7.68
N GLY A 895 -22.69 -19.06 -8.36
CA GLY A 895 -22.98 -18.58 -9.70
C GLY A 895 -24.14 -19.35 -10.30
N GLN A 896 -24.06 -19.57 -11.61
CA GLN A 896 -25.09 -20.31 -12.34
C GLN A 896 -24.78 -21.81 -12.26
N THR A 897 -25.48 -22.61 -13.06
CA THR A 897 -25.53 -24.05 -12.88
C THR A 897 -25.07 -24.78 -14.14
N VAL A 898 -24.08 -25.67 -13.97
CA VAL A 898 -23.77 -26.74 -14.91
C VAL A 898 -23.46 -27.98 -14.08
N VAL A 899 -24.20 -29.07 -14.31
CA VAL A 899 -24.15 -30.17 -13.35
C VAL A 899 -23.94 -31.56 -13.94
N LEU A 900 -24.06 -31.71 -15.26
CA LEU A 900 -23.73 -32.95 -15.95
C LEU A 900 -24.31 -34.17 -15.22
N GLU A 901 -25.63 -34.26 -15.22
CA GLU A 901 -26.28 -35.40 -14.62
C GLU A 901 -26.11 -36.66 -15.47
N TYR A 902 -26.23 -37.82 -14.85
CA TYR A 902 -25.94 -39.09 -15.50
C TYR A 902 -27.07 -40.07 -15.30
N ALA A 903 -27.01 -41.18 -16.04
CA ALA A 903 -28.06 -42.19 -16.06
C ALA A 903 -27.45 -43.57 -15.90
N MET A 904 -28.30 -44.52 -15.49
CA MET A 904 -27.93 -45.90 -15.25
C MET A 904 -28.74 -46.82 -16.16
N PRO A 905 -28.24 -48.02 -16.45
CA PRO A 905 -28.94 -48.89 -17.40
C PRO A 905 -30.28 -49.36 -16.85
N GLY A 906 -31.27 -49.41 -17.74
CA GLY A 906 -32.61 -49.79 -17.34
C GLY A 906 -33.40 -50.39 -18.49
N PRO A 907 -34.73 -50.32 -18.38
CA PRO A 907 -35.59 -50.93 -19.42
C PRO A 907 -35.48 -50.27 -20.78
N GLY A 908 -34.92 -49.06 -20.87
CA GLY A 908 -34.82 -48.39 -22.14
C GLY A 908 -35.27 -46.95 -22.13
N ALA A 909 -35.46 -46.37 -20.95
CA ALA A 909 -35.88 -44.99 -20.81
C ALA A 909 -34.75 -44.04 -20.42
N LEU A 910 -33.79 -44.50 -19.62
CA LEU A 910 -32.64 -43.70 -19.19
C LEU A 910 -33.10 -42.43 -18.45
N VAL A 911 -33.74 -42.65 -17.31
CA VAL A 911 -34.11 -41.56 -16.41
C VAL A 911 -32.84 -41.14 -15.66
N PRO A 912 -32.71 -39.88 -15.26
CA PRO A 912 -31.50 -39.45 -14.55
C PRO A 912 -31.36 -40.14 -13.21
N ALA A 913 -30.14 -40.11 -12.68
CA ALA A 913 -29.86 -40.76 -11.40
C ALA A 913 -28.92 -39.98 -10.50
N GLY A 914 -28.49 -38.79 -10.87
CA GLY A 914 -27.58 -38.04 -10.02
C GLY A 914 -27.20 -36.72 -10.65
N ARG A 915 -26.27 -36.04 -9.99
CA ARG A 915 -25.74 -34.75 -10.44
C ARG A 915 -24.31 -34.63 -9.94
N MET A 916 -23.52 -33.77 -10.58
CA MET A 916 -22.15 -33.55 -10.17
C MET A 916 -21.82 -32.07 -10.29
N VAL A 917 -21.12 -31.54 -9.32
CA VAL A 917 -20.71 -30.13 -9.29
C VAL A 917 -19.28 -30.05 -9.81
N PRO A 918 -19.00 -29.18 -10.78
CA PRO A 918 -17.68 -29.18 -11.42
C PRO A 918 -16.57 -28.75 -10.48
N ASP A 919 -15.34 -28.92 -10.97
CA ASP A 919 -14.13 -28.45 -10.31
C ASP A 919 -13.46 -27.46 -11.24
N ASP A 920 -13.83 -26.19 -11.14
CA ASP A 920 -13.19 -25.17 -11.93
C ASP A 920 -12.14 -24.43 -11.11
N LEU A 921 -11.11 -23.96 -11.79
CA LEU A 921 -10.02 -23.24 -11.14
C LEU A 921 -10.14 -21.73 -11.27
N TYR A 922 -10.68 -21.26 -12.39
CA TYR A 922 -10.83 -19.83 -12.65
C TYR A 922 -12.23 -19.35 -12.28
N GLY A 923 -12.57 -19.56 -11.01
CA GLY A 923 -13.88 -19.19 -10.52
C GLY A 923 -14.06 -17.70 -10.32
N GLU A 924 -13.00 -17.02 -9.87
CA GLU A 924 -13.04 -15.58 -9.69
C GLU A 924 -12.78 -14.81 -10.98
N GLN A 925 -12.48 -15.51 -12.08
CA GLN A 925 -12.33 -14.91 -13.40
C GLN A 925 -13.47 -15.42 -14.27
N PRO A 926 -14.63 -14.78 -14.25
CA PRO A 926 -15.82 -15.36 -14.87
C PRO A 926 -15.85 -15.35 -16.39
N LYS A 927 -14.82 -14.88 -17.07
CA LYS A 927 -14.77 -14.91 -18.54
C LYS A 927 -13.43 -15.47 -18.99
N ALA A 928 -13.30 -16.80 -18.99
CA ALA A 928 -11.97 -17.36 -19.19
C ALA A 928 -11.88 -18.66 -19.98
N TRP A 929 -12.98 -19.24 -20.49
CA TRP A 929 -12.92 -20.51 -21.22
C TRP A 929 -12.16 -21.56 -20.41
N ARG A 930 -12.76 -21.96 -19.29
CA ARG A 930 -12.00 -22.50 -18.16
C ARG A 930 -11.97 -24.02 -18.05
N ASN A 931 -12.66 -24.77 -18.92
CA ASN A 931 -12.45 -26.22 -19.00
C ASN A 931 -12.80 -26.93 -17.68
N LEU A 932 -14.09 -26.93 -17.36
CA LEU A 932 -14.60 -27.63 -16.18
C LEU A 932 -14.33 -29.13 -16.28
N ARG A 933 -14.18 -29.79 -15.14
CA ARG A 933 -13.81 -31.20 -15.10
C ARG A 933 -14.60 -31.97 -14.05
N PHE A 934 -15.07 -33.15 -14.44
CA PHE A 934 -15.86 -34.03 -13.57
C PHE A 934 -15.16 -35.37 -13.45
N ALA A 935 -14.82 -35.76 -12.23
CA ALA A 935 -14.09 -37.00 -12.01
C ALA A 935 -14.96 -38.21 -12.31
N ARG A 936 -14.45 -39.14 -13.10
CA ARG A 936 -15.22 -40.33 -13.47
C ARG A 936 -15.36 -41.28 -12.29
N ALA A 937 -14.42 -41.27 -11.35
CA ALA A 937 -14.44 -42.21 -10.24
C ALA A 937 -15.52 -41.91 -9.22
N LYS A 938 -16.25 -40.81 -9.35
CA LYS A 938 -17.32 -40.49 -8.42
C LYS A 938 -18.66 -41.07 -8.84
N MET A 939 -18.98 -41.02 -10.13
CA MET A 939 -20.20 -41.64 -10.60
C MET A 939 -20.06 -43.15 -10.58
N PRO A 940 -21.18 -43.88 -10.47
CA PRO A 940 -21.11 -45.35 -10.31
C PRO A 940 -20.37 -46.08 -11.43
N ALA A 941 -20.14 -47.37 -11.24
CA ALA A 941 -19.38 -48.13 -12.21
C ALA A 941 -20.15 -48.32 -13.51
N ASP A 942 -21.42 -48.71 -13.42
CA ASP A 942 -22.25 -48.97 -14.58
C ASP A 942 -23.12 -47.75 -14.86
N ALA A 943 -22.50 -46.73 -15.45
CA ALA A 943 -23.19 -45.53 -15.90
C ALA A 943 -23.18 -45.53 -17.43
N VAL A 944 -24.34 -45.37 -18.04
CA VAL A 944 -24.47 -45.52 -19.48
C VAL A 944 -24.25 -44.20 -20.21
N ALA A 945 -24.81 -43.10 -19.72
CA ALA A 945 -24.78 -41.85 -20.45
C ALA A 945 -24.66 -40.69 -19.48
N VAL A 946 -24.45 -39.50 -20.04
CA VAL A 946 -24.44 -38.24 -19.30
C VAL A 946 -25.09 -37.18 -20.16
N ARG A 947 -25.34 -36.02 -19.56
CA ARG A 947 -25.90 -34.89 -20.30
C ARG A 947 -25.69 -33.62 -19.50
N VAL A 948 -25.58 -32.50 -20.20
CA VAL A 948 -25.31 -31.21 -19.58
C VAL A 948 -26.62 -30.52 -19.25
N VAL A 949 -26.62 -29.77 -18.14
CA VAL A 949 -27.80 -29.04 -17.68
C VAL A 949 -27.34 -27.65 -17.26
N ALA A 950 -27.87 -26.62 -17.91
CA ALA A 950 -27.48 -25.24 -17.63
C ALA A 950 -28.71 -24.36 -17.43
N GLU A 951 -28.63 -23.38 -16.52
CA GLU A 951 -29.81 -22.61 -16.14
C GLU A 951 -29.74 -21.13 -16.48
N ASP A 952 -28.78 -20.36 -15.94
CA ASP A 952 -28.80 -18.91 -16.13
C ASP A 952 -30.14 -18.25 -15.80
N LEU A 953 -30.49 -18.21 -14.52
CA LEU A 953 -31.70 -17.55 -14.05
C LEU A 953 -31.51 -16.08 -13.68
N SER A 954 -30.34 -15.50 -13.96
CA SER A 954 -30.05 -14.13 -13.59
C SER A 954 -30.21 -13.20 -14.79
N LEU A 955 -30.86 -12.07 -14.58
CA LEU A 955 -31.17 -11.12 -15.64
C LEU A 955 -30.16 -9.99 -15.78
N THR A 956 -29.05 -10.07 -15.06
CA THR A 956 -28.00 -9.07 -15.22
C THR A 956 -27.32 -9.26 -16.58
N PRO A 957 -27.04 -8.17 -17.30
CA PRO A 957 -26.40 -8.32 -18.61
C PRO A 957 -25.02 -8.96 -18.57
N GLU A 958 -24.37 -9.00 -17.40
CA GLU A 958 -23.04 -9.58 -17.27
C GLU A 958 -23.05 -10.89 -16.49
N ASP A 959 -24.19 -11.56 -16.41
CA ASP A 959 -24.31 -12.90 -15.83
C ASP A 959 -24.79 -13.81 -16.95
N TRP A 960 -23.86 -14.44 -17.65
CA TRP A 960 -24.15 -15.26 -18.82
C TRP A 960 -23.45 -16.60 -18.67
N ILE A 961 -23.66 -17.47 -19.66
CA ILE A 961 -23.23 -18.86 -19.62
C ILE A 961 -22.91 -19.28 -21.05
N ALA A 962 -21.94 -20.18 -21.21
CA ALA A 962 -21.61 -20.73 -22.52
C ALA A 962 -21.00 -22.11 -22.33
N VAL A 963 -21.39 -23.06 -23.19
CA VAL A 963 -20.98 -24.45 -23.04
C VAL A 963 -20.73 -25.10 -24.39
N THR A 964 -19.96 -26.18 -24.34
CA THR A 964 -19.57 -27.08 -25.41
C THR A 964 -19.82 -28.51 -24.94
N PRO A 965 -19.89 -29.48 -25.84
CA PRO A 965 -20.25 -30.85 -25.43
C PRO A 965 -19.18 -31.45 -24.53
N PRO A 966 -19.51 -32.54 -23.83
CA PRO A 966 -18.52 -33.21 -22.97
C PRO A 966 -17.66 -34.21 -23.72
N ARG A 967 -16.45 -34.40 -23.21
CA ARG A 967 -15.47 -35.27 -23.83
C ARG A 967 -14.66 -36.00 -22.77
N VAL A 968 -14.05 -37.10 -23.18
CA VAL A 968 -13.18 -37.90 -22.31
C VAL A 968 -11.75 -37.81 -22.84
N PRO A 969 -10.87 -37.03 -22.19
CA PRO A 969 -9.53 -36.79 -22.73
C PRO A 969 -8.66 -38.04 -22.82
N ASP A 970 -7.45 -37.90 -23.36
CA ASP A 970 -6.54 -39.03 -23.56
C ASP A 970 -5.34 -39.02 -22.62
N LEU A 971 -4.84 -37.86 -22.22
CA LEU A 971 -4.04 -37.72 -21.00
C LEU A 971 -2.76 -38.56 -21.02
N ARG A 972 -1.82 -38.15 -21.86
CA ARG A 972 -0.48 -38.73 -21.73
C ARG A 972 0.30 -37.93 -20.69
N SER A 973 1.54 -38.33 -20.43
CA SER A 973 2.31 -37.65 -19.40
C SER A 973 3.01 -36.42 -19.97
N LEU A 974 3.73 -35.70 -19.11
CA LEU A 974 4.49 -34.54 -19.56
C LEU A 974 5.97 -34.84 -19.77
N GLN A 975 6.53 -35.83 -19.08
CA GLN A 975 7.87 -36.29 -19.39
C GLN A 975 7.91 -37.10 -20.67
N GLU A 976 6.78 -37.60 -21.14
CA GLU A 976 6.72 -38.33 -22.39
C GLU A 976 6.36 -37.45 -23.58
N TYR A 977 5.57 -36.40 -23.37
CA TYR A 977 5.29 -35.45 -24.43
C TYR A 977 6.45 -34.49 -24.64
N VAL A 978 6.76 -33.71 -23.62
CA VAL A 978 7.97 -32.89 -23.60
C VAL A 978 9.12 -33.80 -23.19
N GLY A 979 10.09 -34.00 -24.09
CA GLY A 979 11.15 -34.94 -23.81
C GLY A 979 12.15 -34.43 -22.79
N SER A 980 13.39 -34.91 -22.88
CA SER A 980 14.46 -34.44 -22.02
C SER A 980 15.59 -33.80 -22.84
N THR A 981 15.31 -33.42 -24.08
CA THR A 981 16.28 -32.77 -24.95
C THR A 981 15.77 -31.52 -25.63
N GLN A 982 14.47 -31.34 -25.76
CA GLN A 982 13.95 -30.14 -26.41
C GLN A 982 14.16 -28.92 -25.52
N PRO A 983 14.52 -27.78 -26.10
CA PRO A 983 14.69 -26.56 -25.29
C PRO A 983 13.35 -26.11 -24.73
N VAL A 984 13.35 -25.77 -23.45
CA VAL A 984 12.14 -25.32 -22.75
C VAL A 984 12.45 -23.97 -22.11
N LEU A 985 11.46 -23.08 -22.13
CA LEU A 985 11.55 -21.82 -21.40
C LEU A 985 10.85 -22.02 -20.06
N LEU A 986 11.62 -22.36 -19.05
CA LEU A 986 11.09 -22.49 -17.71
C LEU A 986 11.10 -21.13 -17.02
N ASP A 987 9.99 -20.76 -16.39
CA ASP A 987 10.01 -19.54 -15.61
C ASP A 987 10.94 -19.70 -14.41
N TRP A 988 11.26 -18.59 -13.76
CA TRP A 988 12.22 -18.66 -12.66
C TRP A 988 11.62 -19.25 -11.39
N ALA A 989 10.32 -19.49 -11.36
CA ALA A 989 9.67 -20.08 -10.20
C ALA A 989 9.51 -21.58 -10.31
N VAL A 990 9.70 -22.16 -11.49
CA VAL A 990 9.34 -23.55 -11.75
C VAL A 990 10.57 -24.39 -12.09
N GLY A 991 11.75 -23.99 -11.65
CA GLY A 991 12.97 -24.65 -12.07
C GLY A 991 13.38 -25.85 -11.23
N LEU A 992 12.94 -25.89 -9.97
CA LEU A 992 13.32 -26.98 -9.08
C LEU A 992 12.35 -28.15 -9.09
N ALA A 993 11.13 -27.94 -9.59
CA ALA A 993 10.17 -29.02 -9.75
C ALA A 993 10.35 -29.78 -11.06
N PHE A 994 10.99 -29.16 -12.05
CA PHE A 994 11.26 -29.77 -13.35
C PHE A 994 12.76 -29.84 -13.55
N PRO A 995 13.42 -30.82 -12.94
CA PRO A 995 14.89 -30.89 -12.98
C PRO A 995 15.48 -31.68 -14.15
N CYS A 996 14.68 -32.03 -15.15
CA CYS A 996 15.17 -32.85 -16.26
C CYS A 996 14.82 -32.26 -17.63
N GLN A 997 14.43 -30.99 -17.69
CA GLN A 997 13.76 -30.45 -18.87
C GLN A 997 14.66 -29.67 -19.80
N GLN A 998 15.95 -29.52 -19.51
CA GLN A 998 16.90 -28.95 -20.46
C GLN A 998 16.53 -27.53 -20.89
N PRO A 999 16.78 -26.53 -20.05
CA PRO A 999 16.46 -25.14 -20.45
C PRO A 999 17.25 -24.73 -21.68
N MET A 1000 16.89 -23.58 -22.23
CA MET A 1000 17.51 -23.09 -23.44
C MET A 1000 18.76 -22.27 -23.10
N LEU A 1001 19.81 -22.45 -23.90
CA LEU A 1001 21.12 -21.92 -23.62
C LEU A 1001 21.44 -20.75 -24.55
N HIS A 1002 22.57 -20.10 -24.27
CA HIS A 1002 23.10 -19.05 -25.13
C HIS A 1002 24.61 -19.09 -25.07
N ALA A 1003 25.26 -18.87 -26.21
CA ALA A 1003 26.71 -19.03 -26.30
C ALA A 1003 27.44 -17.72 -26.58
N ASN A 1004 27.13 -17.03 -27.67
CA ASN A 1004 27.93 -15.87 -28.06
C ASN A 1004 27.04 -14.65 -28.28
N GLY A 1005 26.14 -14.38 -27.34
CA GLY A 1005 25.11 -13.40 -27.53
C GLY A 1005 23.87 -13.94 -28.20
N ILE A 1006 23.98 -15.02 -28.95
CA ILE A 1006 22.85 -15.65 -29.64
C ILE A 1006 22.17 -16.60 -28.68
N ALA A 1007 20.85 -16.50 -28.58
CA ALA A 1007 20.06 -17.40 -27.77
C ALA A 1007 19.50 -18.53 -28.62
N GLU A 1008 19.03 -19.57 -27.95
CA GLU A 1008 18.35 -20.67 -28.61
C GLU A 1008 16.85 -20.38 -28.71
N ILE A 1009 16.20 -21.08 -29.63
CA ILE A 1009 14.76 -20.94 -29.84
C ILE A 1009 14.05 -22.07 -29.10
N PRO A 1010 13.23 -21.77 -28.10
CA PRO A 1010 12.58 -22.83 -27.33
C PRO A 1010 11.42 -23.45 -28.08
N LYS A 1011 10.91 -24.55 -27.52
CA LYS A 1011 9.74 -25.23 -28.05
C LYS A 1011 8.52 -25.12 -27.16
N PHE A 1012 8.70 -25.02 -25.85
CA PHE A 1012 7.61 -24.90 -24.89
C PHE A 1012 7.97 -23.83 -23.87
N ARG A 1013 6.99 -23.50 -23.03
CA ARG A 1013 7.20 -22.59 -21.92
C ARG A 1013 6.42 -23.11 -20.73
N ILE A 1014 7.08 -23.27 -19.58
CA ILE A 1014 6.43 -23.72 -18.36
C ILE A 1014 6.34 -22.54 -17.41
N THR A 1015 5.15 -22.37 -16.82
CA THR A 1015 4.71 -21.18 -16.13
C THR A 1015 4.10 -21.56 -14.79
N PRO A 1016 4.17 -20.68 -13.79
CA PRO A 1016 3.44 -20.92 -12.54
C PRO A 1016 1.95 -20.70 -12.69
N ASP A 1017 1.21 -20.76 -11.58
CA ASP A 1017 -0.24 -20.61 -11.64
C ASP A 1017 -0.62 -19.18 -12.02
N TYR A 1018 -1.93 -18.92 -12.08
CA TYR A 1018 -2.42 -17.69 -12.68
C TYR A 1018 -1.90 -16.45 -11.97
N SER A 1019 -2.14 -16.37 -10.66
CA SER A 1019 -1.78 -15.16 -9.92
C SER A 1019 -0.27 -14.92 -9.95
N ALA A 1020 0.52 -15.98 -9.75
CA ALA A 1020 1.97 -15.82 -9.76
C ALA A 1020 2.46 -15.42 -11.15
N LYS A 1021 1.99 -16.10 -12.19
CA LYS A 1021 2.41 -15.74 -13.54
C LYS A 1021 2.06 -14.29 -13.87
N LYS A 1022 0.89 -13.84 -13.41
CA LYS A 1022 0.44 -12.50 -13.77
C LYS A 1022 1.21 -11.43 -13.00
N LEU A 1023 1.54 -11.70 -11.74
CA LEU A 1023 2.11 -10.67 -10.87
C LEU A 1023 3.63 -10.69 -10.79
N ASP A 1024 4.28 -11.85 -10.91
CA ASP A 1024 5.70 -11.96 -10.66
C ASP A 1024 6.51 -12.26 -11.91
N THR A 1025 6.20 -13.35 -12.62
CA THR A 1025 7.12 -13.81 -13.66
C THR A 1025 6.95 -13.04 -14.96
N ASP A 1026 5.72 -12.72 -15.34
CA ASP A 1026 5.52 -11.98 -16.58
C ASP A 1026 6.04 -10.56 -16.51
N THR A 1027 6.19 -10.00 -15.30
CA THR A 1027 6.73 -8.66 -15.13
C THR A 1027 8.21 -8.65 -14.78
N TRP A 1028 8.73 -9.72 -14.19
CA TRP A 1028 10.16 -9.79 -13.91
C TRP A 1028 10.96 -9.90 -15.19
N GLU A 1029 10.57 -10.82 -16.06
CA GLU A 1029 11.33 -11.13 -17.27
C GLU A 1029 10.65 -10.65 -18.54
N ASP A 1030 10.00 -9.50 -18.50
CA ASP A 1030 9.45 -8.94 -19.72
C ASP A 1030 10.54 -8.27 -20.53
N GLY A 1031 10.19 -7.73 -21.68
CA GLY A 1031 11.18 -7.26 -22.63
C GLY A 1031 11.64 -5.83 -22.44
N THR A 1032 10.84 -5.02 -21.76
CA THR A 1032 11.19 -3.62 -21.55
C THR A 1032 12.24 -3.43 -20.47
N ASN A 1033 12.63 -4.48 -19.77
CA ASN A 1033 13.69 -4.44 -18.78
C ASN A 1033 14.63 -5.62 -18.96
N GLY A 1034 15.01 -5.88 -20.20
CA GLY A 1034 15.82 -7.03 -20.55
C GLY A 1034 14.94 -8.24 -20.76
N GLY A 1035 15.12 -9.29 -19.97
CA GLY A 1035 14.18 -10.38 -19.97
C GLY A 1035 14.18 -11.25 -21.21
N LEU A 1036 13.65 -12.46 -21.08
CA LEU A 1036 13.58 -13.40 -22.20
C LEU A 1036 12.28 -13.32 -22.97
N LEU A 1037 11.26 -12.65 -22.43
CA LEU A 1037 10.00 -12.46 -23.12
C LEU A 1037 10.05 -11.31 -24.10
N GLY A 1038 11.24 -10.81 -24.44
CA GLY A 1038 11.38 -9.80 -25.46
C GLY A 1038 11.81 -10.43 -26.75
N ILE A 1039 12.39 -11.61 -26.67
CA ILE A 1039 12.76 -12.40 -27.85
C ILE A 1039 11.59 -13.23 -28.33
N THR A 1040 11.01 -14.03 -27.44
CA THR A 1040 9.94 -14.95 -27.82
C THR A 1040 8.65 -14.26 -28.19
N ASP A 1041 8.53 -12.95 -27.96
CA ASP A 1041 7.33 -12.24 -28.37
C ASP A 1041 7.36 -11.80 -29.83
N LEU A 1042 8.53 -11.75 -30.45
CA LEU A 1042 8.65 -11.25 -31.80
C LEU A 1042 8.65 -12.34 -32.86
N LEU A 1043 8.91 -13.61 -32.51
CA LEU A 1043 8.96 -14.62 -33.55
C LEU A 1043 8.38 -15.98 -33.17
N LEU A 1044 7.54 -16.07 -32.13
CA LEU A 1044 7.19 -17.41 -31.67
C LEU A 1044 5.71 -17.72 -31.54
N ARG A 1045 4.86 -16.76 -31.15
CA ARG A 1045 3.40 -16.91 -31.25
C ARG A 1045 2.89 -18.11 -30.45
N ALA A 1046 2.97 -17.98 -29.13
CA ALA A 1046 2.60 -19.06 -28.22
C ALA A 1046 1.10 -19.33 -28.19
N HIS A 1047 0.74 -20.52 -27.71
CA HIS A 1047 -0.65 -20.87 -27.45
C HIS A 1047 -0.71 -21.94 -26.36
N VAL A 1048 -1.78 -21.88 -25.55
CA VAL A 1048 -1.85 -22.68 -24.33
C VAL A 1048 -2.35 -24.09 -24.63
N MET A 1049 -2.06 -25.02 -23.72
CA MET A 1049 -2.44 -26.41 -23.82
C MET A 1049 -3.28 -26.84 -22.62
N ALA A 1050 -3.89 -28.03 -22.74
CA ALA A 1050 -4.77 -28.57 -21.72
C ALA A 1050 -4.01 -29.56 -20.85
N THR A 1051 -3.88 -29.25 -19.56
CA THR A 1051 -3.07 -30.03 -18.64
C THR A 1051 -3.79 -30.15 -17.30
N TYR A 1052 -3.53 -31.25 -16.60
CA TYR A 1052 -4.14 -31.56 -15.31
C TYR A 1052 -3.10 -32.18 -14.39
N LEU A 1053 -3.39 -32.18 -13.09
CA LEU A 1053 -2.63 -32.97 -12.13
C LEU A 1053 -3.23 -34.35 -11.98
N SER A 1054 -2.38 -35.33 -11.66
CA SER A 1054 -2.77 -36.73 -11.79
C SER A 1054 -3.95 -37.10 -10.90
N ARG A 1055 -4.07 -36.48 -9.71
CA ARG A 1055 -5.23 -36.73 -8.88
C ARG A 1055 -5.75 -35.51 -8.14
N ASP A 1056 -5.16 -34.33 -8.34
CA ASP A 1056 -5.67 -33.08 -7.78
C ASP A 1056 -6.43 -32.34 -8.87
N TRP A 1057 -7.65 -32.81 -9.14
CA TRP A 1057 -8.43 -32.25 -10.24
C TRP A 1057 -8.83 -30.81 -10.00
N ALA A 1058 -8.83 -30.34 -8.75
CA ALA A 1058 -9.25 -28.99 -8.43
C ALA A 1058 -8.08 -28.08 -8.06
N ARG A 1059 -6.86 -28.46 -8.43
CA ARG A 1059 -5.67 -27.67 -8.12
C ARG A 1059 -5.04 -27.16 -9.40
N ASP A 1060 -4.55 -25.93 -9.35
CA ASP A 1060 -3.92 -25.26 -10.48
C ASP A 1060 -2.40 -25.33 -10.29
N TRP A 1061 -1.74 -26.18 -11.09
CA TRP A 1061 -0.31 -26.34 -10.97
C TRP A 1061 0.49 -25.32 -11.78
N GLY A 1062 -0.08 -24.77 -12.82
CA GLY A 1062 0.61 -23.84 -13.68
C GLY A 1062 0.00 -23.87 -15.08
N SER A 1063 0.88 -23.78 -16.07
CA SER A 1063 0.47 -23.79 -17.47
C SER A 1063 1.54 -24.47 -18.30
N LEU A 1064 1.26 -24.62 -19.59
CA LEU A 1064 2.23 -25.14 -20.54
C LEU A 1064 1.87 -24.61 -21.92
N ARG A 1065 2.72 -23.75 -22.47
CA ARG A 1065 2.48 -23.15 -23.77
C ARG A 1065 3.31 -23.84 -24.83
N LYS A 1066 2.89 -23.66 -26.08
CA LYS A 1066 3.58 -24.20 -27.24
C LYS A 1066 3.87 -23.06 -28.19
N PHE A 1067 5.11 -23.00 -28.69
CA PHE A 1067 5.56 -21.95 -29.59
C PHE A 1067 5.49 -22.45 -31.02
N ASP A 1068 4.96 -21.62 -31.92
CA ASP A 1068 4.84 -21.96 -33.34
C ASP A 1068 5.56 -20.90 -34.16
N THR A 1069 6.63 -21.31 -34.83
CA THR A 1069 7.45 -20.38 -35.61
C THR A 1069 6.61 -19.63 -36.63
N LEU A 1070 6.94 -18.35 -36.81
CA LEU A 1070 6.23 -17.52 -37.77
C LEU A 1070 6.76 -17.74 -39.19
N VAL A 1071 8.08 -17.70 -39.37
CA VAL A 1071 8.71 -17.88 -40.65
C VAL A 1071 9.65 -19.07 -40.56
N ASP A 1072 9.72 -19.86 -41.63
CA ASP A 1072 10.65 -20.99 -41.71
C ASP A 1072 12.02 -20.44 -42.06
N ALA A 1073 12.87 -20.28 -41.05
CA ALA A 1073 14.20 -19.70 -41.24
C ALA A 1073 15.23 -20.47 -40.43
N PRO A 1074 16.28 -20.98 -41.06
CA PRO A 1074 17.30 -21.75 -40.33
C PRO A 1074 18.21 -20.82 -39.56
N PRO A 1075 18.88 -21.31 -38.52
CA PRO A 1075 19.83 -20.47 -37.79
C PRO A 1075 20.97 -20.01 -38.67
N ALA A 1076 21.76 -19.07 -38.15
CA ALA A 1076 22.79 -18.40 -38.90
C ALA A 1076 24.18 -18.88 -38.51
N GLN A 1077 25.14 -18.66 -39.41
CA GLN A 1077 26.55 -18.85 -39.13
C GLN A 1077 27.11 -17.54 -38.61
N LEU A 1078 28.01 -17.62 -37.62
CA LEU A 1078 28.24 -16.49 -36.73
C LEU A 1078 29.55 -15.74 -36.95
N GLU A 1079 30.49 -16.24 -37.74
CA GLU A 1079 31.67 -15.46 -38.11
C GLU A 1079 32.42 -14.98 -36.87
N LEU A 1080 33.05 -15.95 -36.20
CA LEU A 1080 33.72 -15.68 -34.94
C LEU A 1080 35.17 -15.25 -35.16
N GLY A 1081 35.76 -14.70 -34.10
CA GLY A 1081 37.16 -14.30 -34.10
C GLY A 1081 37.54 -13.91 -32.68
N THR A 1082 38.79 -13.44 -32.54
CA THR A 1082 39.31 -13.09 -31.22
C THR A 1082 39.98 -11.72 -31.27
N ALA A 1083 40.06 -11.08 -30.10
CA ALA A 1083 40.69 -9.79 -29.97
C ALA A 1083 41.11 -9.57 -28.53
N THR A 1084 42.35 -9.14 -28.31
CA THR A 1084 42.88 -8.94 -26.97
C THR A 1084 42.54 -7.52 -26.49
N ARG A 1085 41.69 -7.43 -25.49
CA ARG A 1085 41.23 -6.16 -24.96
C ARG A 1085 42.11 -5.74 -23.78
N SER A 1086 41.65 -4.73 -23.04
CA SER A 1086 42.33 -4.29 -21.83
C SER A 1086 41.35 -4.27 -20.67
N GLY A 1087 41.75 -3.69 -19.54
CA GLY A 1087 40.89 -3.65 -18.39
C GLY A 1087 40.00 -2.43 -18.31
N LEU A 1088 40.03 -1.55 -19.31
CA LEU A 1088 39.21 -0.35 -19.32
C LEU A 1088 38.51 -0.10 -20.65
N TRP A 1089 38.60 -1.02 -21.61
CA TRP A 1089 37.98 -0.85 -22.91
C TRP A 1089 36.49 -1.16 -22.82
N SER A 1090 35.69 -0.39 -23.57
CA SER A 1090 34.25 -0.61 -23.64
C SER A 1090 33.76 -0.11 -24.99
N PRO A 1091 32.90 -0.87 -25.67
CA PRO A 1091 32.40 -0.45 -26.99
C PRO A 1091 31.24 0.53 -26.95
N GLY A 1092 30.89 1.06 -25.80
CA GLY A 1092 29.78 1.98 -25.66
C GLY A 1092 28.75 1.48 -24.67
N LYS A 1093 27.75 2.31 -24.44
CA LYS A 1093 26.69 1.98 -23.50
C LYS A 1093 25.72 0.97 -24.10
N ILE A 1094 24.88 0.41 -23.24
CA ILE A 1094 23.86 -0.54 -23.65
C ILE A 1094 22.52 0.19 -23.77
N ARG A 1095 21.79 -0.11 -24.84
CA ARG A 1095 20.49 0.52 -25.09
C ARG A 1095 19.47 -0.07 -24.15
N ILE A 1096 19.22 0.60 -23.02
CA ILE A 1096 18.29 0.08 -22.01
C ILE A 1096 16.94 0.78 -22.03
N GLY A 1097 16.78 1.85 -22.80
CA GLY A 1097 15.51 2.54 -22.88
C GLY A 1097 15.59 3.77 -23.76
N PRO A 1098 14.41 4.31 -24.13
CA PRO A 1098 14.32 5.51 -24.96
C PRO A 1098 14.50 6.79 -24.14
N ARG B 16 -22.47 16.15 64.55
CA ARG B 16 -21.32 15.52 63.93
C ARG B 16 -21.31 15.76 62.43
N SER B 17 -20.47 16.69 62.00
CA SER B 17 -20.38 17.09 60.60
C SER B 17 -19.67 16.08 59.73
N HIS B 18 -19.37 14.89 60.23
CA HIS B 18 -18.73 13.85 59.42
C HIS B 18 -19.73 12.81 58.93
N ARG B 19 -20.73 12.47 59.74
CA ARG B 19 -21.72 11.49 59.30
C ARG B 19 -22.54 12.01 58.13
N ILE B 20 -22.95 13.28 58.16
CA ILE B 20 -23.71 13.84 57.06
C ILE B 20 -22.88 13.84 55.78
N ALA B 21 -21.63 14.28 55.87
CA ALA B 21 -20.77 14.32 54.69
C ALA B 21 -20.40 12.93 54.20
N ARG B 22 -20.50 11.91 55.05
CA ARG B 22 -20.25 10.55 54.59
C ARG B 22 -21.48 9.92 53.96
N LEU B 23 -22.68 10.27 54.45
CA LEU B 23 -23.90 9.74 53.84
C LEU B 23 -24.25 10.44 52.53
N ALA B 24 -23.93 11.73 52.42
CA ALA B 24 -24.20 12.46 51.18
C ALA B 24 -23.29 12.05 50.04
N ALA B 25 -22.31 11.18 50.28
CA ALA B 25 -21.47 10.65 49.22
C ALA B 25 -21.80 9.20 48.88
N VAL B 26 -22.49 8.48 49.75
CA VAL B 26 -22.95 7.13 49.46
C VAL B 26 -24.34 7.15 48.85
N VAL B 27 -25.28 7.86 49.47
CA VAL B 27 -26.65 7.88 48.96
C VAL B 27 -26.69 8.49 47.57
N SER B 28 -26.14 9.69 47.41
CA SER B 28 -26.13 10.38 46.14
C SER B 28 -25.09 9.85 45.16
N GLY B 29 -24.32 8.84 45.56
CA GLY B 29 -23.45 8.16 44.62
C GLY B 29 -24.17 6.96 44.04
N ILE B 30 -24.83 6.20 44.91
CA ILE B 30 -25.63 5.06 44.44
C ILE B 30 -26.78 5.54 43.57
N ALA B 31 -27.44 6.64 43.98
CA ALA B 31 -28.56 7.15 43.19
C ALA B 31 -28.09 7.64 41.82
N GLY B 32 -26.96 8.36 41.78
CA GLY B 32 -26.43 8.83 40.52
C GLY B 32 -25.86 7.73 39.65
N LEU B 33 -25.49 6.59 40.24
CA LEU B 33 -25.05 5.45 39.45
C LEU B 33 -26.23 4.67 38.89
N LEU B 34 -27.34 4.58 39.63
CA LEU B 34 -28.50 3.83 39.17
C LEU B 34 -29.42 4.65 38.26
N LEU B 35 -29.39 5.97 38.35
CA LEU B 35 -30.25 6.79 37.50
C LEU B 35 -29.60 7.06 36.14
N CYS B 36 -28.32 7.38 36.11
CA CYS B 36 -27.61 7.62 34.86
C CYS B 36 -27.23 6.33 34.15
N GLY B 37 -27.60 5.18 34.67
CA GLY B 37 -27.28 3.92 34.04
C GLY B 37 -28.45 3.31 33.28
N ILE B 38 -29.64 3.88 33.46
CA ILE B 38 -30.84 3.44 32.76
C ILE B 38 -31.32 4.46 31.75
N VAL B 39 -30.56 5.54 31.53
CA VAL B 39 -30.95 6.53 30.52
C VAL B 39 -31.03 5.94 29.13
N PRO B 40 -30.09 5.08 28.68
CA PRO B 40 -30.19 4.55 27.31
C PRO B 40 -31.32 3.55 27.09
N LEU B 41 -32.14 3.24 28.09
CA LEU B 41 -33.17 2.21 27.98
C LEU B 41 -34.57 2.75 28.26
N LEU B 42 -34.77 4.05 28.10
CA LEU B 42 -36.04 4.68 28.41
C LEU B 42 -36.79 5.03 27.13
N PRO B 43 -38.12 5.13 27.18
CA PRO B 43 -38.89 5.37 25.96
C PRO B 43 -38.56 6.71 25.32
N VAL B 44 -38.70 6.75 23.99
CA VAL B 44 -38.29 7.88 23.18
C VAL B 44 -39.35 8.11 22.12
N ASN B 45 -39.47 9.35 21.65
CA ASN B 45 -40.50 9.73 20.70
C ASN B 45 -39.95 9.73 19.29
N GLN B 46 -40.48 8.84 18.44
CA GLN B 46 -40.00 8.67 17.08
C GLN B 46 -41.05 9.17 16.09
N THR B 47 -40.59 9.75 14.99
CA THR B 47 -41.48 10.25 13.95
C THR B 47 -41.55 9.24 12.80
N THR B 48 -42.72 9.14 12.20
CA THR B 48 -42.97 8.22 11.11
C THR B 48 -43.09 8.99 9.80
N ALA B 49 -43.09 8.24 8.69
CA ALA B 49 -43.20 8.84 7.36
C ALA B 49 -43.67 7.79 6.39
N THR B 50 -44.72 8.10 5.63
CA THR B 50 -45.36 7.16 4.74
C THR B 50 -45.79 7.88 3.47
N ILE B 51 -45.57 7.29 2.31
CA ILE B 51 -45.95 7.96 1.04
C ILE B 51 -47.05 7.17 0.38
N PHE B 52 -48.31 7.58 0.35
CA PHE B 52 -49.29 6.78 -0.41
C PHE B 52 -49.28 7.18 -1.87
N TRP B 53 -49.90 6.43 -2.74
CA TRP B 53 -49.94 6.74 -4.18
C TRP B 53 -51.19 6.05 -4.76
N PRO B 54 -51.92 6.47 -5.78
CA PRO B 54 -51.66 7.64 -6.60
C PRO B 54 -52.07 8.90 -5.84
N GLN B 55 -51.29 9.97 -5.86
CA GLN B 55 -51.74 11.11 -5.05
C GLN B 55 -51.98 12.28 -5.99
N GLY B 56 -51.68 12.09 -7.25
CA GLY B 56 -51.89 13.24 -8.13
C GLY B 56 -53.17 13.04 -8.90
N SER B 57 -53.03 13.23 -10.21
CA SER B 57 -53.99 13.14 -11.32
C SER B 57 -53.53 14.24 -12.21
N THR B 58 -53.49 13.88 -13.44
CA THR B 58 -53.21 15.01 -14.31
C THR B 58 -54.41 15.39 -15.19
N ALA B 59 -55.49 15.85 -14.55
CA ALA B 59 -56.58 16.60 -15.16
C ALA B 59 -57.50 15.76 -16.04
N ASP B 60 -57.16 14.50 -16.31
CA ASP B 60 -58.09 13.57 -16.96
C ASP B 60 -57.72 12.15 -16.50
N GLY B 61 -58.33 11.71 -15.40
CA GLY B 61 -57.88 10.51 -14.74
C GLY B 61 -56.37 10.52 -14.63
N ASN B 62 -55.72 9.52 -15.20
CA ASN B 62 -54.29 9.56 -15.50
C ASN B 62 -53.46 9.98 -14.28
N ILE B 63 -53.43 9.07 -13.31
CA ILE B 63 -52.51 9.20 -12.18
C ILE B 63 -51.11 9.46 -12.73
N THR B 64 -50.33 10.26 -12.01
CA THR B 64 -48.99 10.61 -12.43
C THR B 64 -47.95 9.90 -11.58
N GLN B 65 -46.76 9.75 -12.15
CA GLN B 65 -45.62 9.25 -11.42
C GLN B 65 -45.20 10.26 -10.35
N ILE B 66 -44.30 9.84 -9.47
CA ILE B 66 -43.76 10.70 -8.42
C ILE B 66 -42.28 10.39 -8.25
N THR B 67 -41.59 11.27 -7.54
CA THR B 67 -40.17 11.11 -7.24
C THR B 67 -39.96 11.30 -5.74
N ALA B 68 -39.23 10.37 -5.13
CA ALA B 68 -38.96 10.43 -3.69
C ALA B 68 -37.67 9.67 -3.42
N PRO B 69 -36.53 10.30 -3.65
CA PRO B 69 -35.25 9.59 -3.48
C PRO B 69 -34.91 9.34 -2.03
N LEU B 70 -35.07 8.09 -1.59
CA LEU B 70 -34.85 7.74 -0.19
C LEU B 70 -33.36 7.79 0.13
N VAL B 71 -33.04 8.25 1.33
CA VAL B 71 -31.65 8.44 1.73
C VAL B 71 -30.99 7.11 2.07
N SER B 72 -31.72 6.24 2.77
CA SER B 72 -31.17 4.97 3.24
C SER B 72 -31.25 3.87 2.20
N GLY B 73 -31.67 4.19 0.98
CA GLY B 73 -31.80 3.19 -0.05
C GLY B 73 -33.16 2.52 -0.06
N ALA B 74 -33.24 1.35 0.57
CA ALA B 74 -34.45 0.55 0.60
C ALA B 74 -35.44 1.07 1.64
N PRO B 75 -36.74 0.90 1.42
CA PRO B 75 -37.73 1.30 2.41
C PRO B 75 -37.87 0.30 3.53
N ARG B 76 -38.86 0.50 4.41
CA ARG B 76 -39.15 -0.47 5.46
C ARG B 76 -40.27 -1.44 5.09
N ALA B 77 -41.20 -1.04 4.22
CA ALA B 77 -42.30 -1.89 3.78
C ALA B 77 -42.79 -1.37 2.44
N LEU B 78 -43.30 -2.27 1.61
CA LEU B 78 -43.57 -1.92 0.21
C LEU B 78 -44.87 -2.55 -0.30
N ASP B 79 -45.97 -2.41 0.44
CA ASP B 79 -47.24 -2.99 -0.03
C ASP B 79 -47.70 -2.31 -1.31
N ILE B 80 -47.58 -3.01 -2.45
CA ILE B 80 -48.05 -2.53 -3.74
C ILE B 80 -49.22 -3.41 -4.19
N SER B 81 -50.00 -2.88 -5.12
CA SER B 81 -51.14 -3.61 -5.67
C SER B 81 -51.50 -3.03 -7.03
N ILE B 82 -51.79 -3.92 -7.99
CA ILE B 82 -52.18 -3.52 -9.34
C ILE B 82 -53.33 -4.40 -9.80
N PRO B 83 -54.42 -3.85 -10.32
CA PRO B 83 -55.47 -4.70 -10.87
C PRO B 83 -55.04 -5.28 -12.20
N CYS B 84 -55.77 -6.30 -12.65
CA CYS B 84 -55.50 -6.89 -13.95
C CYS B 84 -56.26 -6.22 -15.08
N SER B 85 -57.35 -5.54 -14.77
CA SER B 85 -57.98 -4.65 -15.75
C SER B 85 -57.09 -3.47 -16.10
N ALA B 86 -56.01 -3.26 -15.36
CA ALA B 86 -55.03 -2.22 -15.66
C ALA B 86 -53.79 -2.76 -16.36
N ILE B 87 -53.48 -4.05 -16.18
CA ILE B 87 -52.41 -4.67 -16.96
C ILE B 87 -52.93 -5.17 -18.30
N ALA B 88 -54.25 -5.31 -18.44
CA ALA B 88 -54.84 -5.72 -19.71
C ALA B 88 -55.07 -4.56 -20.67
N THR B 89 -54.53 -3.38 -20.39
CA THR B 89 -54.72 -2.22 -21.24
C THR B 89 -53.46 -1.76 -21.93
N LEU B 90 -52.31 -2.36 -21.64
CA LEU B 90 -51.08 -2.02 -22.33
C LEU B 90 -51.16 -2.44 -23.79
N PRO B 91 -50.38 -1.78 -24.67
CA PRO B 91 -50.37 -2.20 -26.08
C PRO B 91 -49.59 -3.47 -26.28
N ALA B 92 -49.53 -3.95 -27.53
CA ALA B 92 -48.66 -5.07 -27.84
C ALA B 92 -47.21 -4.68 -27.54
N ASN B 93 -46.44 -5.66 -27.05
CA ASN B 93 -45.07 -5.49 -26.57
C ASN B 93 -45.05 -4.77 -25.23
N GLY B 94 -46.20 -4.31 -24.76
CA GLY B 94 -46.39 -3.72 -23.45
C GLY B 94 -45.28 -2.79 -22.97
N GLY B 95 -44.86 -2.97 -21.72
CA GLY B 95 -43.73 -2.22 -21.20
C GLY B 95 -43.99 -1.48 -19.89
N LEU B 96 -43.17 -1.79 -18.89
CA LEU B 96 -43.03 -1.02 -17.66
C LEU B 96 -44.39 -0.69 -17.03
N VAL B 97 -45.07 -1.75 -16.60
CA VAL B 97 -46.29 -1.59 -15.83
C VAL B 97 -46.05 -0.71 -14.61
N LEU B 98 -44.94 -0.94 -13.91
CA LEU B 98 -44.60 -0.18 -12.73
C LEU B 98 -43.12 -0.38 -12.43
N SER B 99 -42.55 0.58 -11.72
CA SER B 99 -41.14 0.51 -11.35
C SER B 99 -40.89 1.45 -10.19
N THR B 100 -39.77 1.23 -9.50
CA THR B 100 -39.32 2.12 -8.45
C THR B 100 -38.05 2.86 -8.82
N LEU B 101 -37.61 2.76 -10.07
CA LEU B 101 -36.44 3.46 -10.58
C LEU B 101 -36.65 3.68 -12.07
N PRO B 102 -36.14 4.76 -12.63
CA PRO B 102 -36.28 4.96 -14.08
C PRO B 102 -35.36 4.02 -14.83
N ALA B 103 -35.86 3.47 -15.91
CA ALA B 103 -35.10 2.48 -16.67
C ALA B 103 -33.97 3.09 -17.48
N GLY B 104 -33.64 4.36 -17.32
CA GLY B 104 -32.57 4.96 -18.08
C GLY B 104 -31.30 5.20 -17.28
N GLY B 105 -31.35 4.98 -15.97
CA GLY B 105 -30.23 5.27 -15.11
C GLY B 105 -29.08 4.30 -15.30
N VAL B 106 -28.13 4.39 -14.38
CA VAL B 106 -26.93 3.56 -14.41
C VAL B 106 -27.18 2.34 -13.55
N ASP B 107 -27.28 1.17 -14.19
CA ASP B 107 -27.44 -0.11 -13.50
C ASP B 107 -28.68 -0.11 -12.60
N THR B 108 -29.79 0.42 -13.10
CA THR B 108 -31.02 0.41 -12.33
C THR B 108 -31.71 -0.94 -12.33
N GLY B 109 -31.17 -1.93 -13.03
CA GLY B 109 -31.78 -3.24 -13.06
C GLY B 109 -31.53 -4.00 -11.79
N LYS B 110 -30.28 -3.99 -11.34
CA LYS B 110 -29.87 -4.71 -10.14
C LYS B 110 -30.08 -3.91 -8.88
N ALA B 111 -30.94 -2.91 -8.90
CA ALA B 111 -31.24 -2.12 -7.73
C ALA B 111 -32.73 -2.05 -7.41
N GLY B 112 -33.59 -1.91 -8.42
CA GLY B 112 -34.97 -1.59 -8.21
C GLY B 112 -35.90 -2.76 -8.40
N LEU B 113 -37.16 -2.45 -8.65
CA LEU B 113 -38.22 -3.42 -8.88
C LEU B 113 -38.92 -3.07 -10.18
N PHE B 114 -39.03 -4.04 -11.08
CA PHE B 114 -39.55 -3.82 -12.43
C PHE B 114 -40.62 -4.84 -12.75
N VAL B 115 -41.81 -4.37 -13.07
CA VAL B 115 -42.86 -5.25 -13.58
C VAL B 115 -43.00 -5.02 -15.08
N ARG B 116 -42.34 -5.85 -15.87
CA ARG B 116 -42.27 -5.67 -17.31
C ARG B 116 -43.27 -6.60 -17.99
N ALA B 117 -44.23 -6.03 -18.69
CA ALA B 117 -45.21 -6.80 -19.45
C ALA B 117 -44.71 -6.86 -20.89
N ASN B 118 -43.92 -7.89 -21.20
CA ASN B 118 -43.41 -8.06 -22.55
C ASN B 118 -44.48 -8.77 -23.37
N GLN B 119 -44.10 -9.24 -24.56
CA GLN B 119 -45.03 -10.03 -25.35
C GLN B 119 -45.12 -11.44 -24.77
N ASP B 120 -46.35 -11.90 -24.53
CA ASP B 120 -46.74 -13.22 -24.05
C ASP B 120 -46.50 -13.43 -22.55
N THR B 121 -45.85 -12.49 -21.85
CA THR B 121 -45.57 -12.69 -20.43
C THR B 121 -45.57 -11.36 -19.70
N VAL B 122 -45.80 -11.44 -18.38
CA VAL B 122 -45.68 -10.32 -17.46
C VAL B 122 -44.74 -10.78 -16.36
N VAL B 123 -43.52 -10.27 -16.34
CA VAL B 123 -42.48 -10.70 -15.42
C VAL B 123 -42.31 -9.67 -14.33
N VAL B 124 -42.35 -10.12 -13.07
CA VAL B 124 -42.21 -9.27 -11.90
C VAL B 124 -40.82 -9.54 -11.33
N ALA B 125 -39.84 -8.74 -11.74
CA ALA B 125 -38.48 -8.95 -11.27
C ALA B 125 -38.23 -8.18 -9.98
N PHE B 126 -36.99 -8.22 -9.53
CA PHE B 126 -36.49 -7.63 -8.30
C PHE B 126 -35.05 -7.26 -8.62
N ARG B 127 -34.15 -7.26 -7.64
CA ARG B 127 -32.76 -6.98 -7.98
C ARG B 127 -32.28 -8.14 -8.84
N ASP B 128 -32.63 -8.04 -10.13
CA ASP B 128 -32.46 -9.07 -11.18
C ASP B 128 -32.70 -10.49 -10.66
N SER B 129 -33.91 -10.70 -10.14
CA SER B 129 -34.31 -12.00 -9.62
C SER B 129 -35.81 -12.14 -9.81
N VAL B 130 -36.20 -12.92 -10.83
CA VAL B 130 -37.60 -13.05 -11.17
C VAL B 130 -38.37 -13.70 -10.02
N ALA B 131 -39.60 -13.23 -9.80
CA ALA B 131 -40.45 -13.75 -8.73
C ALA B 131 -41.78 -14.30 -9.21
N ALA B 132 -42.46 -13.62 -10.15
CA ALA B 132 -43.84 -13.95 -10.46
C ALA B 132 -44.17 -13.93 -11.96
N VAL B 133 -43.39 -14.67 -12.78
CA VAL B 133 -43.79 -14.82 -14.18
C VAL B 133 -45.23 -15.30 -14.28
N ALA B 134 -46.02 -14.65 -15.12
CA ALA B 134 -47.39 -15.05 -15.38
C ALA B 134 -47.74 -14.76 -16.82
N ALA B 135 -48.51 -15.67 -17.43
CA ALA B 135 -48.88 -15.54 -18.83
C ALA B 135 -49.75 -14.31 -19.05
N ARG B 136 -49.80 -13.85 -20.30
CA ARG B 136 -50.53 -12.64 -20.66
C ARG B 136 -51.83 -12.93 -21.37
N SER B 137 -52.12 -14.19 -21.67
CA SER B 137 -53.41 -14.57 -22.24
C SER B 137 -54.43 -14.94 -21.19
N THR B 138 -54.00 -15.25 -19.98
CA THR B 138 -54.91 -15.49 -18.86
C THR B 138 -55.11 -14.26 -17.98
N ILE B 139 -54.20 -13.28 -18.05
CA ILE B 139 -54.41 -12.02 -17.38
C ILE B 139 -55.59 -11.28 -18.00
N ALA B 140 -55.56 -11.10 -19.32
CA ALA B 140 -56.63 -10.42 -20.04
C ALA B 140 -57.75 -11.37 -20.42
N ALA B 141 -58.14 -12.22 -19.48
CA ALA B 141 -59.28 -13.10 -19.68
C ALA B 141 -60.16 -13.23 -18.44
N GLY B 142 -59.88 -12.50 -17.37
CA GLY B 142 -60.58 -12.70 -16.12
C GLY B 142 -60.06 -13.86 -15.31
N GLY B 143 -58.83 -14.30 -15.54
CA GLY B 143 -58.26 -15.42 -14.81
C GLY B 143 -57.65 -15.02 -13.49
N CYS B 144 -57.08 -13.82 -13.43
CA CYS B 144 -56.48 -13.28 -12.22
C CYS B 144 -57.35 -12.18 -11.64
N SER B 145 -56.98 -11.72 -10.45
CA SER B 145 -57.74 -10.68 -9.77
C SER B 145 -56.92 -9.42 -9.53
N ALA B 146 -55.69 -9.55 -9.01
CA ALA B 146 -54.85 -8.41 -8.71
C ALA B 146 -53.43 -8.91 -8.46
N LEU B 147 -52.45 -8.14 -8.92
CA LEU B 147 -51.05 -8.43 -8.66
C LEU B 147 -50.66 -7.75 -7.35
N HIS B 148 -50.18 -8.53 -6.39
CA HIS B 148 -49.92 -8.06 -5.04
C HIS B 148 -48.45 -8.28 -4.71
N ILE B 149 -47.72 -7.19 -4.49
CA ILE B 149 -46.30 -7.24 -4.16
C ILE B 149 -46.12 -6.80 -2.70
N TRP B 150 -45.07 -7.32 -2.07
CA TRP B 150 -44.76 -6.97 -0.69
C TRP B 150 -43.28 -7.22 -0.45
N ALA B 151 -42.62 -6.32 0.26
CA ALA B 151 -41.19 -6.41 0.49
C ALA B 151 -40.85 -6.04 1.92
N ASP B 152 -41.58 -6.59 2.88
CA ASP B 152 -41.33 -6.29 4.29
C ASP B 152 -40.06 -7.01 4.74
N THR B 153 -39.77 -6.97 6.03
CA THR B 153 -38.59 -7.65 6.56
C THR B 153 -38.86 -9.14 6.70
N GLY B 154 -37.87 -9.94 6.30
CA GLY B 154 -38.06 -11.38 6.23
C GLY B 154 -39.08 -11.77 5.19
N GLY B 155 -38.81 -11.45 3.94
CA GLY B 155 -39.67 -11.82 2.83
C GLY B 155 -39.76 -10.72 1.80
N ALA B 156 -39.82 -11.14 0.53
CA ALA B 156 -40.02 -10.22 -0.59
C ALA B 156 -40.60 -11.03 -1.73
N GLY B 157 -41.88 -10.83 -2.02
CA GLY B 157 -42.53 -11.70 -2.98
C GLY B 157 -43.54 -11.05 -3.89
N ALA B 158 -44.20 -11.88 -4.69
CA ALA B 158 -45.23 -11.40 -5.61
C ALA B 158 -46.23 -12.53 -5.85
N ASP B 159 -47.45 -12.16 -6.19
CA ASP B 159 -48.53 -13.15 -6.27
C ASP B 159 -49.63 -12.64 -7.19
N PHE B 160 -49.68 -13.15 -8.41
CA PHE B 160 -50.89 -13.05 -9.22
C PHE B 160 -51.96 -13.92 -8.56
N MET B 161 -53.02 -13.30 -8.07
CA MET B 161 -53.93 -13.98 -7.14
C MET B 161 -54.58 -15.20 -7.79
N GLY B 162 -55.35 -14.99 -8.85
CA GLY B 162 -56.12 -16.08 -9.44
C GLY B 162 -55.34 -16.99 -10.37
N ILE B 163 -54.04 -17.14 -10.14
CA ILE B 163 -53.20 -17.96 -11.01
C ILE B 163 -52.37 -18.90 -10.15
N PRO B 164 -52.32 -20.19 -10.49
CA PRO B 164 -51.58 -21.16 -9.65
C PRO B 164 -50.08 -20.93 -9.61
N GLY B 165 -49.46 -20.80 -10.79
CA GLY B 165 -48.02 -20.68 -10.86
C GLY B 165 -47.51 -19.25 -10.87
N GLY B 166 -48.29 -18.34 -10.30
CA GLY B 166 -47.89 -16.94 -10.25
C GLY B 166 -47.09 -16.57 -9.03
N ALA B 167 -47.30 -17.29 -7.92
CA ALA B 167 -46.67 -16.95 -6.65
C ALA B 167 -45.15 -17.01 -6.74
N GLY B 168 -44.50 -16.26 -5.87
CA GLY B 168 -43.06 -16.28 -5.76
C GLY B 168 -42.55 -15.52 -4.56
N THR B 169 -41.43 -15.98 -3.98
CA THR B 169 -40.86 -15.36 -2.78
C THR B 169 -39.35 -15.41 -2.87
N LEU B 170 -38.70 -14.47 -2.17
CA LEU B 170 -37.25 -14.32 -2.24
C LEU B 170 -36.68 -14.09 -0.84
N PRO B 171 -35.37 -14.17 -0.65
CA PRO B 171 -34.78 -13.85 0.66
C PRO B 171 -34.99 -12.40 1.02
N PRO B 172 -34.75 -12.01 2.28
CA PRO B 172 -35.02 -10.64 2.70
C PRO B 172 -33.99 -9.62 2.22
N GLU B 173 -32.90 -10.04 1.58
CA GLU B 173 -31.96 -9.09 0.99
C GLU B 173 -32.26 -8.81 -0.48
N LYS B 174 -33.36 -9.34 -1.00
CA LYS B 174 -33.87 -8.95 -2.31
C LYS B 174 -34.93 -7.88 -2.16
N LYS B 175 -34.55 -6.78 -1.53
CA LYS B 175 -35.45 -5.66 -1.37
C LYS B 175 -35.07 -4.54 -2.33
N PRO B 176 -36.05 -3.90 -2.96
CA PRO B 176 -35.72 -2.87 -3.96
C PRO B 176 -35.10 -1.62 -3.37
N GLN B 177 -34.83 -0.64 -4.23
CA GLN B 177 -34.05 0.55 -3.90
C GLN B 177 -34.87 1.78 -4.28
N VAL B 178 -36.08 1.86 -3.73
CA VAL B 178 -37.09 2.86 -4.07
C VAL B 178 -36.50 4.25 -4.26
N GLY B 179 -36.81 4.88 -5.38
CA GLY B 179 -36.42 6.24 -5.67
C GLY B 179 -37.53 6.97 -6.39
N GLY B 180 -38.72 6.40 -6.34
CA GLY B 180 -39.88 6.97 -7.01
C GLY B 180 -40.85 5.85 -7.37
N ILE B 181 -41.86 6.21 -8.14
CA ILE B 181 -42.80 5.25 -8.71
C ILE B 181 -43.09 5.69 -10.13
N PHE B 182 -42.53 4.97 -11.11
CA PHE B 182 -42.54 5.37 -12.51
C PHE B 182 -43.31 4.33 -13.33
N THR B 183 -44.63 4.52 -13.42
CA THR B 183 -45.47 3.59 -14.17
C THR B 183 -45.40 3.89 -15.67
N ASP B 184 -46.09 3.07 -16.46
CA ASP B 184 -46.38 3.38 -17.85
C ASP B 184 -47.81 2.99 -18.16
N LEU B 185 -48.74 3.28 -17.24
CA LEU B 185 -50.11 2.79 -17.35
C LEU B 185 -51.07 3.87 -17.87
N LYS B 186 -51.16 5.00 -17.17
CA LYS B 186 -52.04 6.10 -17.56
C LYS B 186 -53.50 5.64 -17.61
N VAL B 187 -53.98 5.10 -16.49
CA VAL B 187 -55.37 4.65 -16.39
C VAL B 187 -55.99 5.04 -15.05
N GLY B 188 -56.78 6.10 -15.07
CA GLY B 188 -57.71 6.45 -14.00
C GLY B 188 -57.24 6.33 -12.57
N ALA B 189 -58.17 6.05 -11.66
CA ALA B 189 -57.89 5.89 -10.24
C ALA B 189 -58.70 4.73 -9.68
N GLN B 190 -58.72 3.60 -10.39
CA GLN B 190 -59.52 2.43 -10.05
C GLN B 190 -59.30 1.96 -8.62
N PRO B 191 -60.28 1.29 -8.01
CA PRO B 191 -60.05 0.66 -6.70
C PRO B 191 -59.23 -0.61 -6.84
N GLY B 192 -58.22 -0.75 -5.99
CA GLY B 192 -57.29 -1.86 -6.06
C GLY B 192 -55.91 -1.47 -6.53
N LEU B 193 -55.78 -0.30 -7.15
CA LEU B 193 -54.50 0.23 -7.62
C LEU B 193 -53.96 1.20 -6.57
N SER B 194 -52.84 0.85 -5.95
CA SER B 194 -52.32 1.64 -4.85
C SER B 194 -50.86 1.25 -4.60
N ALA B 195 -50.24 1.93 -3.65
CA ALA B 195 -48.88 1.67 -3.22
C ALA B 195 -48.63 2.47 -1.95
N ARG B 196 -47.93 1.86 -1.00
CA ARG B 196 -47.78 2.44 0.34
C ARG B 196 -46.36 2.13 0.82
N VAL B 197 -45.51 3.14 0.80
CA VAL B 197 -44.11 3.00 1.21
C VAL B 197 -43.95 3.56 2.61
N ASP B 198 -43.20 2.85 3.46
CA ASP B 198 -42.91 3.27 4.82
C ASP B 198 -41.43 3.61 4.91
N ILE B 199 -41.11 4.89 5.07
CA ILE B 199 -39.71 5.27 5.16
C ILE B 199 -39.15 4.86 6.51
N ASP B 200 -37.84 4.63 6.55
CA ASP B 200 -37.20 4.08 7.75
C ASP B 200 -37.34 5.02 8.94
N THR B 201 -36.69 6.18 8.88
CA THR B 201 -36.76 7.24 9.89
C THR B 201 -36.71 6.69 11.31
N ARG B 202 -35.62 5.99 11.62
CA ARG B 202 -35.43 5.44 12.95
C ARG B 202 -34.43 6.22 13.80
N PHE B 203 -33.76 7.22 13.23
CA PHE B 203 -32.81 8.04 13.96
C PHE B 203 -33.34 9.44 14.27
N ILE B 204 -34.65 9.62 14.28
CA ILE B 204 -35.24 10.94 14.42
C ILE B 204 -35.99 11.01 15.75
N THR B 205 -35.43 10.33 16.75
CA THR B 205 -36.00 10.23 18.09
C THR B 205 -35.80 11.53 18.89
N THR B 206 -36.69 11.75 19.85
CA THR B 206 -36.64 12.86 20.81
C THR B 206 -37.01 12.33 22.19
N PRO B 207 -36.37 12.84 23.26
CA PRO B 207 -36.44 12.17 24.57
C PRO B 207 -37.81 11.81 25.11
N GLY B 208 -38.70 12.76 25.30
CA GLY B 208 -40.01 12.48 25.84
C GLY B 208 -40.15 12.89 27.29
N ALA B 209 -41.26 12.47 27.90
CA ALA B 209 -41.58 12.87 29.27
C ALA B 209 -40.53 12.36 30.24
N LEU B 210 -40.39 11.05 30.35
CA LEU B 210 -39.23 10.48 31.02
C LEU B 210 -37.99 10.72 30.16
N LYS B 211 -36.84 10.24 30.64
CA LYS B 211 -35.57 10.44 29.95
C LYS B 211 -35.23 11.93 29.92
N LYS B 212 -36.09 12.75 30.54
CA LYS B 212 -35.80 14.16 30.76
C LYS B 212 -35.90 14.55 32.22
N ALA B 213 -36.56 13.76 33.05
CA ALA B 213 -36.50 13.92 34.50
C ALA B 213 -35.37 13.08 35.09
N VAL B 214 -35.15 11.89 34.55
CA VAL B 214 -34.02 11.08 34.97
C VAL B 214 -32.70 11.72 34.55
N MET B 215 -32.66 12.25 33.33
CA MET B 215 -31.46 12.92 32.83
C MET B 215 -31.13 14.19 33.61
N LEU B 216 -31.99 14.61 34.53
CA LEU B 216 -31.74 15.73 35.42
C LEU B 216 -31.43 15.29 36.84
N LEU B 217 -32.23 14.35 37.38
CA LEU B 217 -31.94 13.80 38.69
C LEU B 217 -30.56 13.17 38.73
N GLY B 218 -30.11 12.58 37.62
CA GLY B 218 -28.79 11.96 37.62
C GLY B 218 -27.68 12.96 37.83
N VAL B 219 -27.71 14.08 37.08
CA VAL B 219 -26.64 15.06 37.22
C VAL B 219 -26.74 15.76 38.56
N LEU B 220 -27.96 15.96 39.09
CA LEU B 220 -28.07 16.55 40.42
C LEU B 220 -27.45 15.64 41.47
N ALA B 221 -27.74 14.33 41.40
CA ALA B 221 -27.15 13.40 42.35
C ALA B 221 -25.63 13.36 42.23
N VAL B 222 -25.12 13.43 41.00
CA VAL B 222 -23.67 13.39 40.82
C VAL B 222 -23.01 14.63 41.43
N LEU B 223 -23.60 15.81 41.21
CA LEU B 223 -23.03 17.01 41.81
C LEU B 223 -23.09 16.96 43.33
N VAL B 224 -24.19 16.48 43.89
CA VAL B 224 -24.28 16.37 45.35
C VAL B 224 -23.23 15.41 45.89
N ALA B 225 -23.01 14.29 45.19
CA ALA B 225 -22.00 13.33 45.62
C ALA B 225 -20.61 13.94 45.60
N MET B 226 -20.28 14.70 44.54
CA MET B 226 -18.95 15.29 44.46
C MET B 226 -18.76 16.39 45.50
N VAL B 227 -19.82 17.13 45.82
CA VAL B 227 -19.72 18.12 46.89
C VAL B 227 -19.48 17.43 48.24
N GLY B 228 -20.16 16.31 48.48
CA GLY B 228 -19.91 15.58 49.71
C GLY B 228 -18.51 15.03 49.80
N LEU B 229 -17.97 14.54 48.67
CA LEU B 229 -16.59 14.06 48.68
C LEU B 229 -15.60 15.19 48.90
N ALA B 230 -15.88 16.38 48.35
CA ALA B 230 -15.01 17.53 48.60
C ALA B 230 -15.05 17.94 50.07
N ALA B 231 -16.22 17.87 50.70
CA ALA B 231 -16.29 18.17 52.12
C ALA B 231 -15.52 17.15 52.94
N LEU B 232 -15.61 15.87 52.58
CA LEU B 232 -14.80 14.86 53.22
C LEU B 232 -13.31 15.15 53.07
N ASP B 233 -12.91 15.61 51.88
CA ASP B 233 -11.51 15.97 51.65
C ASP B 233 -11.07 17.11 52.55
N ARG B 234 -11.91 18.15 52.67
CA ARG B 234 -11.57 19.28 53.51
C ARG B 234 -11.49 18.88 54.98
N LEU B 235 -12.33 17.93 55.41
CA LEU B 235 -12.31 17.54 56.82
C LEU B 235 -11.05 16.76 57.17
N SER B 236 -10.50 15.99 56.23
CA SER B 236 -9.38 15.12 56.54
C SER B 236 -8.08 15.87 56.76
N ARG B 237 -8.00 17.12 56.30
CA ARG B 237 -6.76 17.91 56.39
C ARG B 237 -6.82 18.93 57.51
N GLY B 238 -7.44 18.57 58.64
CA GLY B 238 -7.49 19.43 59.79
C GLY B 238 -8.34 20.67 59.66
N ARG B 239 -8.90 20.94 58.48
CA ARG B 239 -9.73 22.12 58.30
C ARG B 239 -11.06 21.93 59.03
N THR B 240 -11.88 22.98 59.01
CA THR B 240 -13.18 22.97 59.68
C THR B 240 -14.33 23.24 58.70
N LEU B 241 -14.10 23.02 57.41
CA LEU B 241 -15.06 23.29 56.33
C LEU B 241 -15.75 24.65 56.49
N ARG B 242 -15.04 25.61 57.05
CA ARG B 242 -15.47 27.01 57.07
C ARG B 242 -14.45 27.94 56.45
N ASP B 243 -13.17 27.58 56.49
CA ASP B 243 -12.13 28.29 55.73
C ASP B 243 -11.89 27.58 54.39
N TRP B 244 -12.97 27.48 53.62
CA TRP B 244 -12.97 26.74 52.36
C TRP B 244 -12.09 27.46 51.35
N LEU B 245 -10.88 26.92 51.12
CA LEU B 245 -9.92 27.46 50.16
C LEU B 245 -9.57 28.92 50.48
N THR B 246 -8.94 29.09 51.64
CA THR B 246 -8.31 30.35 52.02
C THR B 246 -6.80 30.12 52.01
N ARG B 247 -6.12 30.73 51.04
CA ARG B 247 -4.69 30.51 50.88
C ARG B 247 -3.90 31.02 52.07
N TYR B 248 -2.76 30.39 52.33
CA TYR B 248 -1.86 30.78 53.40
C TYR B 248 -0.51 31.26 52.92
N ARG B 249 0.11 30.59 51.95
CA ARG B 249 1.39 31.00 51.39
C ARG B 249 1.19 32.04 50.29
N PRO B 250 2.07 33.01 50.17
CA PRO B 250 1.90 34.04 49.14
C PRO B 250 2.11 33.49 47.74
N ARG B 251 1.58 34.21 46.77
CA ARG B 251 1.69 33.79 45.38
C ARG B 251 3.11 34.01 44.87
N VAL B 252 3.57 33.09 44.03
CA VAL B 252 4.88 33.17 43.38
C VAL B 252 4.68 33.74 41.99
N ARG B 253 5.58 34.64 41.58
CA ARG B 253 5.46 35.32 40.31
C ARG B 253 5.90 34.41 39.16
N VAL B 254 5.96 34.99 37.97
CA VAL B 254 6.40 34.29 36.76
C VAL B 254 7.57 35.07 36.17
N GLY B 255 8.66 34.36 35.84
CA GLY B 255 9.85 35.02 35.35
C GLY B 255 9.63 35.69 34.00
N PHE B 256 10.55 36.58 33.67
CA PHE B 256 10.46 37.30 32.40
C PHE B 256 10.75 36.40 31.20
N ALA B 257 11.46 35.29 31.40
CA ALA B 257 11.68 34.35 30.31
C ALA B 257 10.47 33.47 30.05
N SER B 258 9.58 33.32 31.03
CA SER B 258 8.37 32.54 30.84
C SER B 258 7.20 33.39 30.36
N ARG B 259 7.29 34.70 30.50
CA ARG B 259 6.34 35.63 29.90
C ARG B 259 6.74 36.07 28.51
N LEU B 260 7.91 35.62 28.03
CA LEU B 260 8.38 35.94 26.70
C LEU B 260 8.23 34.79 25.71
N ALA B 261 8.05 33.56 26.22
CA ALA B 261 7.72 32.45 25.34
C ALA B 261 6.22 32.39 25.07
N ASP B 262 5.40 32.87 26.00
CA ASP B 262 3.97 32.94 25.75
C ASP B 262 3.66 33.92 24.62
N ALA B 263 4.29 35.09 24.65
CA ALA B 263 4.06 36.08 23.60
C ALA B 263 4.57 35.62 22.25
N ALA B 264 5.50 34.67 22.21
CA ALA B 264 6.02 34.17 20.95
C ALA B 264 5.31 32.91 20.47
N VAL B 265 4.65 32.18 21.35
CA VAL B 265 3.86 31.03 20.92
C VAL B 265 2.44 31.43 20.55
N ILE B 266 1.83 32.33 21.33
CA ILE B 266 0.47 32.77 21.02
C ILE B 266 0.45 33.61 19.74
N ALA B 267 1.48 34.40 19.51
CA ALA B 267 1.57 35.18 18.28
C ALA B 267 1.65 34.26 17.06
N THR B 268 2.41 33.17 17.17
CA THR B 268 2.52 32.24 16.05
C THR B 268 1.24 31.45 15.85
N LEU B 269 0.57 31.08 16.94
CA LEU B 269 -0.70 30.38 16.82
C LEU B 269 -1.79 31.27 16.25
N LEU B 270 -1.67 32.59 16.44
CA LEU B 270 -2.61 33.51 15.84
C LEU B 270 -2.29 33.77 14.37
N LEU B 271 -1.00 33.86 14.03
CA LEU B 271 -0.61 34.07 12.64
C LEU B 271 -0.95 32.85 11.79
N TRP B 272 -0.73 31.65 12.30
CA TRP B 272 -1.06 30.44 11.56
C TRP B 272 -2.56 30.21 11.44
N HIS B 273 -3.38 30.99 12.14
CA HIS B 273 -4.82 30.89 11.99
C HIS B 273 -5.32 31.58 10.73
N VAL B 274 -4.50 32.47 10.15
CA VAL B 274 -4.88 33.20 8.95
C VAL B 274 -4.19 32.67 7.70
N ILE B 275 -2.95 32.17 7.82
CA ILE B 275 -2.20 31.65 6.68
C ILE B 275 -2.04 30.15 6.82
N GLY B 276 -3.00 29.49 7.44
CA GLY B 276 -2.87 28.10 7.82
C GLY B 276 -2.87 27.08 6.70
N ALA B 277 -3.19 25.84 7.02
CA ALA B 277 -3.13 24.74 6.07
C ALA B 277 -4.45 24.02 5.85
N THR B 278 -5.37 24.04 6.82
CA THR B 278 -6.73 23.56 6.60
C THR B 278 -6.78 22.09 6.19
N SER B 279 -6.53 21.19 7.15
CA SER B 279 -6.37 19.76 6.90
C SER B 279 -7.59 19.10 6.27
N SER B 280 -7.49 17.80 6.01
CA SER B 280 -8.41 17.09 5.12
C SER B 280 -9.86 17.21 5.57
N ASP B 281 -10.17 16.65 6.74
CA ASP B 281 -11.56 16.50 7.18
C ASP B 281 -12.14 17.83 7.69
N ASP B 282 -12.13 18.82 6.81
CA ASP B 282 -12.82 20.08 7.06
C ASP B 282 -14.12 20.19 6.30
N GLY B 283 -14.12 19.85 5.01
CA GLY B 283 -15.36 19.84 4.26
C GLY B 283 -16.34 18.81 4.79
N TYR B 284 -15.82 17.66 5.21
CA TYR B 284 -16.66 16.61 5.78
C TYR B 284 -17.46 17.15 6.97
N LEU B 285 -16.76 17.65 7.99
CA LEU B 285 -17.43 18.11 9.20
C LEU B 285 -18.25 19.37 8.94
N LEU B 286 -17.80 20.26 8.05
CA LEU B 286 -18.57 21.46 7.78
C LEU B 286 -19.89 21.12 7.11
N THR B 287 -19.89 20.17 6.16
CA THR B 287 -21.14 19.78 5.52
C THR B 287 -22.05 19.04 6.50
N VAL B 288 -21.47 18.17 7.33
CA VAL B 288 -22.28 17.47 8.32
C VAL B 288 -22.95 18.46 9.26
N ALA B 289 -22.21 19.50 9.67
CA ALA B 289 -22.77 20.48 10.60
C ALA B 289 -23.77 21.40 9.92
N ARG B 290 -23.62 21.66 8.62
CA ARG B 290 -24.61 22.47 7.92
C ARG B 290 -25.88 21.70 7.62
N VAL B 291 -25.79 20.38 7.52
CA VAL B 291 -26.97 19.59 7.20
C VAL B 291 -27.71 19.11 8.45
N ALA B 292 -27.00 18.92 9.57
CA ALA B 292 -27.62 18.34 10.76
C ALA B 292 -28.86 19.08 11.28
N PRO B 293 -28.94 20.41 11.26
CA PRO B 293 -30.13 21.05 11.85
C PRO B 293 -31.45 20.65 11.21
N LYS B 294 -31.50 20.52 9.88
CA LYS B 294 -32.75 20.22 9.20
C LYS B 294 -33.03 18.73 9.08
N ALA B 295 -31.99 17.90 9.04
CA ALA B 295 -32.19 16.46 8.91
C ALA B 295 -32.97 15.90 10.09
N GLY B 296 -32.73 16.42 11.29
CA GLY B 296 -33.33 15.92 12.50
C GLY B 296 -32.37 15.18 13.40
N TYR B 297 -31.11 15.01 12.99
CA TYR B 297 -30.09 14.31 13.73
C TYR B 297 -28.76 14.56 13.02
N VAL B 298 -27.69 13.99 13.56
CA VAL B 298 -26.35 14.20 13.02
C VAL B 298 -26.06 13.02 12.10
N ALA B 299 -26.33 13.20 10.81
CA ALA B 299 -26.14 12.15 9.82
C ALA B 299 -24.75 12.24 9.21
N ASN B 300 -24.35 11.15 8.55
CA ASN B 300 -23.03 11.10 7.93
C ASN B 300 -23.02 11.78 6.57
N TYR B 301 -24.07 11.59 5.78
CA TYR B 301 -24.36 12.33 4.56
C TYR B 301 -23.45 11.96 3.39
N TYR B 302 -22.40 11.17 3.62
CA TYR B 302 -21.51 10.76 2.56
C TYR B 302 -21.34 9.26 2.46
N ARG B 303 -21.85 8.48 3.40
CA ARG B 303 -21.56 7.06 3.46
C ARG B 303 -22.47 6.42 4.50
N TYR B 304 -22.47 5.09 4.51
CA TYR B 304 -23.09 4.28 5.56
C TYR B 304 -24.61 4.41 5.60
N PHE B 305 -25.23 4.70 4.46
CA PHE B 305 -26.69 4.65 4.32
C PHE B 305 -27.40 5.57 5.30
N GLY B 306 -26.91 6.81 5.39
CA GLY B 306 -27.57 7.82 6.20
C GLY B 306 -27.66 7.48 7.67
N THR B 307 -26.70 6.74 8.19
CA THR B 307 -26.70 6.36 9.59
C THR B 307 -26.13 7.49 10.44
N THR B 308 -26.40 7.42 11.74
CA THR B 308 -26.02 8.49 12.65
C THR B 308 -24.55 8.36 13.02
N GLU B 309 -24.10 9.20 13.95
CA GLU B 309 -22.77 9.15 14.56
C GLU B 309 -22.91 9.13 16.07
N ALA B 310 -23.76 8.23 16.56
CA ALA B 310 -24.37 8.40 17.88
C ALA B 310 -23.38 8.58 19.02
N PRO B 311 -22.34 7.75 19.19
CA PRO B 311 -21.43 7.98 20.32
C PRO B 311 -20.64 9.27 20.18
N PHE B 312 -20.01 9.45 19.02
CA PHE B 312 -19.08 10.56 18.81
C PHE B 312 -19.75 11.69 18.03
N ASP B 313 -20.75 12.33 18.64
CA ASP B 313 -21.37 13.47 17.97
C ASP B 313 -21.75 14.61 18.92
N TRP B 314 -21.02 14.83 20.01
CA TRP B 314 -21.32 15.98 20.84
C TRP B 314 -20.50 17.20 20.48
N TYR B 315 -19.47 17.05 19.63
CA TYR B 315 -18.72 18.17 19.11
C TYR B 315 -19.31 18.68 17.80
N THR B 316 -19.87 17.78 16.99
CA THR B 316 -20.58 18.20 15.79
C THR B 316 -21.84 18.96 16.14
N SER B 317 -22.45 18.66 17.29
CA SER B 317 -23.63 19.41 17.73
C SER B 317 -23.30 20.80 18.22
N VAL B 318 -22.04 21.10 18.50
CA VAL B 318 -21.60 22.47 18.79
C VAL B 318 -21.16 23.17 17.52
N LEU B 319 -20.51 22.45 16.62
CA LEU B 319 -20.22 23.00 15.30
C LEU B 319 -21.49 23.39 14.56
N ALA B 320 -22.58 22.65 14.79
CA ALA B 320 -23.85 23.00 14.15
C ALA B 320 -24.43 24.30 14.72
N GLN B 321 -24.03 24.70 15.92
CA GLN B 321 -24.44 25.99 16.47
C GLN B 321 -23.54 27.11 15.98
N LEU B 322 -22.24 26.84 15.84
CA LEU B 322 -21.35 27.85 15.28
C LEU B 322 -21.62 28.09 13.80
N ALA B 323 -22.04 27.08 13.05
CA ALA B 323 -22.29 27.21 11.62
C ALA B 323 -23.62 27.85 11.31
N ALA B 324 -24.33 28.37 12.29
CA ALA B 324 -25.54 29.16 12.06
C ALA B 324 -25.27 30.65 12.12
N VAL B 325 -24.29 31.07 12.91
CA VAL B 325 -23.88 32.47 12.92
C VAL B 325 -23.20 32.83 11.61
N SER B 326 -22.17 32.07 11.25
CA SER B 326 -21.45 32.27 10.00
C SER B 326 -20.68 30.98 9.69
N THR B 327 -20.48 30.73 8.40
CA THR B 327 -19.80 29.51 7.96
C THR B 327 -18.44 29.81 7.33
N ALA B 328 -17.82 30.93 7.68
CA ALA B 328 -16.51 31.27 7.16
C ALA B 328 -15.46 30.30 7.71
N GLY B 329 -14.22 30.48 7.28
CA GLY B 329 -13.16 29.59 7.71
C GLY B 329 -12.43 30.07 8.95
N VAL B 330 -12.36 31.39 9.12
CA VAL B 330 -11.75 31.95 10.32
C VAL B 330 -12.67 31.97 11.52
N TRP B 331 -13.96 31.65 11.33
CA TRP B 331 -14.91 31.57 12.42
C TRP B 331 -15.16 30.15 12.90
N MET B 332 -15.19 29.18 11.98
CA MET B 332 -15.44 27.81 12.34
C MET B 332 -14.21 27.11 12.91
N ARG B 333 -13.03 27.71 12.80
CA ARG B 333 -11.79 27.11 13.28
C ARG B 333 -11.26 27.82 14.52
N LEU B 334 -12.14 28.42 15.31
CA LEU B 334 -11.76 29.13 16.53
C LEU B 334 -11.52 28.17 17.71
N PRO B 335 -12.37 27.16 17.92
CA PRO B 335 -12.07 26.20 19.00
C PRO B 335 -10.70 25.55 18.86
N ALA B 336 -10.29 25.21 17.64
CA ALA B 336 -9.02 24.55 17.43
C ALA B 336 -7.83 25.45 17.76
N THR B 337 -8.04 26.76 17.85
CA THR B 337 -6.99 27.70 18.22
C THR B 337 -7.02 28.05 19.70
N LEU B 338 -8.23 28.22 20.25
CA LEU B 338 -8.33 28.45 21.69
C LEU B 338 -7.88 27.22 22.47
N ALA B 339 -8.08 26.03 21.93
CA ALA B 339 -7.59 24.82 22.58
C ALA B 339 -6.10 24.61 22.40
N GLY B 340 -5.42 25.47 21.66
CA GLY B 340 -3.97 25.43 21.59
C GLY B 340 -3.40 26.47 22.52
N ILE B 341 -4.07 27.62 22.58
CA ILE B 341 -3.68 28.66 23.51
C ILE B 341 -3.79 28.16 24.96
N ALA B 342 -4.92 27.53 25.29
CA ALA B 342 -5.08 26.98 26.63
C ALA B 342 -4.14 25.82 26.88
N CYS B 343 -3.91 24.99 25.86
CA CYS B 343 -3.02 23.84 26.00
C CYS B 343 -1.58 24.28 26.24
N TRP B 344 -1.20 25.46 25.76
CA TRP B 344 0.15 25.94 26.05
C TRP B 344 0.20 26.65 27.40
N LEU B 345 -0.85 27.40 27.75
CA LEU B 345 -0.86 28.07 29.05
C LEU B 345 -0.82 27.07 30.19
N ILE B 346 -1.59 25.98 30.10
CA ILE B 346 -1.55 24.95 31.12
C ILE B 346 -0.14 24.40 31.28
N VAL B 347 0.50 24.05 30.16
CA VAL B 347 1.86 23.51 30.21
C VAL B 347 2.78 24.50 30.92
N SER B 348 2.92 25.70 30.37
CA SER B 348 3.91 26.64 30.88
C SER B 348 3.62 27.09 32.31
N ARG B 349 2.38 27.01 32.78
CA ARG B 349 2.07 27.49 34.12
C ARG B 349 2.02 26.38 35.17
N PHE B 350 1.81 25.13 34.79
CA PHE B 350 1.71 24.06 35.77
C PHE B 350 2.74 22.95 35.57
N VAL B 351 2.92 22.48 34.34
CA VAL B 351 3.62 21.21 34.16
C VAL B 351 5.13 21.38 34.32
N LEU B 352 5.69 22.49 33.82
CA LEU B 352 7.12 22.70 33.98
C LEU B 352 7.49 23.07 35.41
N ARG B 353 6.54 23.49 36.22
CA ARG B 353 6.80 23.75 37.63
C ARG B 353 6.53 22.53 38.50
N ARG B 354 5.70 21.59 38.04
CA ARG B 354 5.54 20.34 38.77
C ARG B 354 6.78 19.46 38.64
N LEU B 355 7.51 19.61 37.54
CA LEU B 355 8.73 18.82 37.29
C LEU B 355 9.93 19.70 37.63
N GLY B 356 10.41 19.59 38.86
CA GLY B 356 11.53 20.40 39.30
C GLY B 356 11.17 21.80 39.74
N PRO B 357 10.42 21.93 40.84
CA PRO B 357 10.15 23.25 41.40
C PRO B 357 11.19 23.70 42.42
N GLY B 358 12.39 24.08 41.98
CA GLY B 358 13.41 24.50 42.92
C GLY B 358 14.42 25.45 42.33
N PRO B 359 15.49 25.72 43.08
CA PRO B 359 16.59 26.53 42.56
C PRO B 359 17.45 25.82 41.52
N GLY B 360 17.01 24.68 41.01
CA GLY B 360 17.76 23.92 40.05
C GLY B 360 17.31 24.23 38.63
N GLY B 361 16.54 23.35 38.02
CA GLY B 361 16.22 23.50 36.61
C GLY B 361 14.79 23.11 36.29
N LEU B 362 14.49 23.19 34.99
CA LEU B 362 13.19 22.88 34.38
C LEU B 362 12.13 23.90 34.78
N ALA B 363 12.48 24.84 35.63
CA ALA B 363 11.61 25.98 35.91
C ALA B 363 12.46 27.23 35.85
N SER B 364 13.74 27.09 36.22
CA SER B 364 14.69 28.19 36.17
C SER B 364 15.58 28.15 34.93
N ASN B 365 15.74 26.98 34.32
CA ASN B 365 16.48 26.89 33.07
C ASN B 365 15.68 27.56 31.97
N ARG B 366 16.28 28.56 31.31
CA ARG B 366 15.54 29.32 30.31
C ARG B 366 15.53 28.62 28.95
N VAL B 367 16.57 27.86 28.62
CA VAL B 367 16.60 27.20 27.33
C VAL B 367 15.61 26.04 27.31
N ALA B 368 15.34 25.43 28.46
CA ALA B 368 14.39 24.32 28.55
C ALA B 368 12.95 24.80 28.50
N VAL B 369 12.70 26.10 28.43
CA VAL B 369 11.38 26.65 28.19
C VAL B 369 11.19 27.00 26.72
N PHE B 370 12.20 27.61 26.11
CA PHE B 370 12.16 27.85 24.67
C PHE B 370 12.14 26.55 23.88
N THR B 371 12.83 25.51 24.38
CA THR B 371 12.76 24.22 23.71
C THR B 371 11.36 23.65 23.76
N ALA B 372 10.69 23.77 24.92
CA ALA B 372 9.31 23.31 25.02
C ALA B 372 8.41 24.08 24.06
N GLY B 373 8.57 25.40 24.00
CA GLY B 373 7.77 26.18 23.08
C GLY B 373 7.96 25.78 21.64
N ALA B 374 9.22 25.63 21.22
CA ALA B 374 9.52 25.30 19.83
C ALA B 374 9.01 23.91 19.46
N VAL B 375 9.15 22.94 20.36
CA VAL B 375 8.69 21.59 20.05
C VAL B 375 7.17 21.52 20.06
N PHE B 376 6.52 22.26 20.97
CA PHE B 376 5.07 22.34 20.95
C PHE B 376 4.57 22.90 19.62
N LEU B 377 5.20 23.97 19.15
CA LEU B 377 4.79 24.55 17.87
C LEU B 377 5.03 23.58 16.72
N SER B 378 6.19 22.94 16.69
CA SER B 378 6.49 22.03 15.59
C SER B 378 5.60 20.80 15.60
N ALA B 379 5.02 20.44 16.74
CA ALA B 379 4.08 19.32 16.79
C ALA B 379 2.64 19.74 16.61
N TRP B 380 2.32 21.02 16.81
CA TRP B 380 0.95 21.50 16.68
C TRP B 380 0.63 22.00 15.28
N LEU B 381 1.56 22.71 14.64
CA LEU B 381 1.29 23.31 13.34
C LEU B 381 0.93 22.29 12.25
N PRO B 382 1.70 21.23 12.00
CA PRO B 382 1.38 20.35 10.87
C PRO B 382 0.16 19.48 11.06
N PHE B 383 -0.41 19.40 12.27
CA PHE B 383 -1.48 18.45 12.55
C PHE B 383 -2.81 19.10 12.87
N ASN B 384 -2.84 20.10 13.74
CA ASN B 384 -4.07 20.60 14.33
C ASN B 384 -4.36 22.01 13.80
N ASN B 385 -5.06 22.08 12.67
CA ASN B 385 -5.58 23.35 12.19
C ASN B 385 -6.99 23.30 11.64
N GLY B 386 -7.58 22.12 11.44
CA GLY B 386 -8.89 22.01 10.85
C GLY B 386 -10.01 21.92 11.88
N LEU B 387 -11.11 21.32 11.46
CA LEU B 387 -12.25 21.07 12.34
C LEU B 387 -12.19 19.71 13.01
N ARG B 388 -11.19 18.89 12.67
CA ARG B 388 -10.99 17.59 13.30
C ARG B 388 -10.84 17.78 14.82
N PRO B 389 -11.26 16.79 15.63
CA PRO B 389 -11.27 17.00 17.08
C PRO B 389 -9.97 16.68 17.81
N GLU B 390 -8.84 16.60 17.11
CA GLU B 390 -7.55 16.40 17.78
C GLU B 390 -7.14 17.54 18.70
N PRO B 391 -7.36 18.81 18.34
CA PRO B 391 -7.00 19.90 19.28
C PRO B 391 -7.74 19.82 20.60
N LEU B 392 -8.85 19.10 20.67
CA LEU B 392 -9.60 18.95 21.92
C LEU B 392 -9.11 17.75 22.73
N ILE B 393 -8.71 16.68 22.05
CA ILE B 393 -8.13 15.54 22.76
C ILE B 393 -6.78 15.92 23.35
N ALA B 394 -5.99 16.69 22.61
CA ALA B 394 -4.69 17.13 23.10
C ALA B 394 -4.81 17.98 24.35
N LEU B 395 -5.94 18.65 24.55
CA LEU B 395 -6.19 19.43 25.74
C LEU B 395 -6.80 18.60 26.86
N GLY B 396 -7.67 17.66 26.52
CA GLY B 396 -8.25 16.80 27.52
C GLY B 396 -7.22 15.92 28.21
N VAL B 397 -6.21 15.47 27.44
CA VAL B 397 -5.16 14.65 28.04
C VAL B 397 -4.39 15.44 29.10
N LEU B 398 -4.01 16.69 28.78
CA LEU B 398 -3.27 17.49 29.74
C LEU B 398 -4.14 17.86 30.93
N VAL B 399 -5.43 18.13 30.73
CA VAL B 399 -6.28 18.46 31.87
C VAL B 399 -6.41 17.26 32.80
N THR B 400 -6.53 16.05 32.24
CA THR B 400 -6.58 14.85 33.08
C THR B 400 -5.27 14.66 33.84
N TRP B 401 -4.14 14.85 33.17
CA TRP B 401 -2.84 14.73 33.84
C TRP B 401 -2.73 15.74 34.99
N VAL B 402 -3.14 16.98 34.74
CA VAL B 402 -3.04 18.03 35.75
C VAL B 402 -3.89 17.70 36.96
N LEU B 403 -5.12 17.22 36.72
CA LEU B 403 -6.01 16.94 37.85
C LEU B 403 -5.54 15.73 38.63
N VAL B 404 -5.02 14.70 37.95
CA VAL B 404 -4.49 13.55 38.66
C VAL B 404 -3.27 13.93 39.49
N GLU B 405 -2.39 14.77 38.95
CA GLU B 405 -1.21 15.19 39.70
C GLU B 405 -1.61 16.04 40.90
N ARG B 406 -2.60 16.91 40.75
CA ARG B 406 -3.09 17.70 41.86
C ARG B 406 -3.68 16.80 42.95
N SER B 407 -4.40 15.76 42.55
CA SER B 407 -4.97 14.84 43.52
C SER B 407 -3.88 14.06 44.26
N ILE B 408 -2.86 13.62 43.54
CA ILE B 408 -1.77 12.87 44.19
C ILE B 408 -0.99 13.78 45.13
N ALA B 409 -0.73 15.03 44.73
CA ALA B 409 0.06 15.92 45.55
C ALA B 409 -0.71 16.35 46.80
N LEU B 410 -1.87 16.99 46.61
CA LEU B 410 -2.59 17.56 47.75
C LEU B 410 -3.09 16.50 48.73
N GLY B 411 -3.18 15.24 48.31
CA GLY B 411 -3.78 14.24 49.16
C GLY B 411 -5.29 14.30 49.17
N ARG B 412 -5.92 14.53 48.02
CA ARG B 412 -7.35 14.68 47.90
C ARG B 412 -7.88 13.71 46.85
N LEU B 413 -9.20 13.55 46.83
CA LEU B 413 -9.84 12.64 45.90
C LEU B 413 -10.85 13.30 44.98
N ALA B 414 -11.26 14.55 45.26
CA ALA B 414 -12.24 15.19 44.39
C ALA B 414 -11.66 15.53 43.01
N PRO B 415 -10.46 16.11 42.89
CA PRO B 415 -9.88 16.27 41.54
C PRO B 415 -9.72 14.96 40.81
N ALA B 416 -9.46 13.86 41.52
CA ALA B 416 -9.37 12.56 40.86
C ALA B 416 -10.72 12.06 40.38
N ALA B 417 -11.81 12.59 40.92
CA ALA B 417 -13.15 12.27 40.43
C ALA B 417 -13.62 13.21 39.35
N VAL B 418 -13.05 14.41 39.26
CA VAL B 418 -13.30 15.26 38.10
C VAL B 418 -12.46 14.82 36.91
N ALA B 419 -11.29 14.25 37.17
CA ALA B 419 -10.46 13.72 36.09
C ALA B 419 -11.17 12.61 35.35
N ILE B 420 -11.95 11.78 36.05
CA ILE B 420 -12.69 10.71 35.39
C ILE B 420 -13.75 11.29 34.47
N ILE B 421 -14.42 12.35 34.91
CA ILE B 421 -15.42 13.00 34.07
C ILE B 421 -14.78 13.57 32.82
N VAL B 422 -13.65 14.25 32.98
CA VAL B 422 -12.97 14.83 31.82
C VAL B 422 -12.46 13.73 30.89
N ALA B 423 -12.01 12.62 31.45
CA ALA B 423 -11.50 11.53 30.61
C ALA B 423 -12.61 10.89 29.80
N THR B 424 -13.77 10.62 30.43
CA THR B 424 -14.89 10.06 29.68
C THR B 424 -15.54 11.08 28.76
N LEU B 425 -15.29 12.38 28.97
CA LEU B 425 -15.76 13.37 28.01
C LEU B 425 -14.85 13.45 26.80
N THR B 426 -13.54 13.26 27.00
CA THR B 426 -12.61 13.23 25.88
C THR B 426 -12.70 11.92 25.10
N ALA B 427 -13.06 10.83 25.77
CA ALA B 427 -13.14 9.53 25.10
C ALA B 427 -14.30 9.44 24.12
N THR B 428 -15.21 10.41 24.12
CA THR B 428 -16.35 10.40 23.21
C THR B 428 -16.26 11.51 22.16
N LEU B 429 -15.05 11.98 21.88
CA LEU B 429 -14.82 12.88 20.77
C LEU B 429 -14.46 12.13 19.50
N ALA B 430 -13.79 10.99 19.64
CA ALA B 430 -13.35 10.16 18.53
C ALA B 430 -12.84 8.85 19.10
N PRO B 431 -12.83 7.77 18.31
CA PRO B 431 -12.34 6.49 18.83
C PRO B 431 -10.89 6.54 19.29
N GLN B 432 -10.11 7.53 18.87
CA GLN B 432 -8.74 7.69 19.34
C GLN B 432 -8.67 8.55 20.59
N GLY B 433 -9.77 8.71 21.31
CA GLY B 433 -9.79 9.42 22.57
C GLY B 433 -9.48 8.57 23.77
N LEU B 434 -9.14 7.29 23.58
CA LEU B 434 -8.70 6.46 24.68
C LEU B 434 -7.41 6.97 25.32
N ILE B 435 -6.68 7.84 24.61
CA ILE B 435 -5.43 8.39 25.13
C ILE B 435 -5.66 9.13 26.44
N ALA B 436 -6.85 9.70 26.63
CA ALA B 436 -7.14 10.45 27.84
C ALA B 436 -7.31 9.56 29.07
N LEU B 437 -7.36 8.25 28.89
CA LEU B 437 -7.48 7.30 30.01
C LEU B 437 -6.12 6.75 30.44
N ALA B 438 -5.04 7.26 29.88
CA ALA B 438 -3.70 6.79 30.22
C ALA B 438 -3.21 7.37 31.54
N PRO B 439 -3.37 8.67 31.79
CA PRO B 439 -2.97 9.18 33.12
C PRO B 439 -3.68 8.51 34.27
N LEU B 440 -4.94 8.13 34.09
CA LEU B 440 -5.65 7.41 35.15
C LEU B 440 -5.05 6.04 35.40
N LEU B 441 -4.51 5.40 34.35
CA LEU B 441 -3.90 4.09 34.54
C LEU B 441 -2.53 4.22 35.20
N THR B 442 -1.74 5.21 34.80
CA THR B 442 -0.42 5.37 35.41
C THR B 442 -0.53 5.81 36.86
N GLY B 443 -1.33 6.84 37.14
CA GLY B 443 -1.48 7.29 38.51
C GLY B 443 -2.63 6.64 39.23
N ALA B 444 -2.66 5.31 39.26
CA ALA B 444 -3.70 4.56 39.96
C ALA B 444 -3.22 3.92 41.26
N ARG B 445 -1.96 3.49 41.32
CA ARG B 445 -1.44 2.94 42.57
C ARG B 445 -1.30 4.03 43.63
N ALA B 446 -0.91 5.23 43.22
CA ALA B 446 -0.81 6.34 44.15
C ALA B 446 -2.18 6.83 44.61
N ILE B 447 -3.24 6.49 43.89
CA ILE B 447 -4.59 6.80 44.34
C ILE B 447 -5.14 5.68 45.22
N ALA B 448 -4.80 4.42 44.92
CA ALA B 448 -5.20 3.34 45.79
C ALA B 448 -4.55 3.45 47.16
N GLN B 449 -3.28 3.89 47.20
CA GLN B 449 -2.61 4.12 48.48
C GLN B 449 -3.33 5.19 49.29
N ARG B 450 -3.85 6.22 48.62
CA ARG B 450 -4.57 7.26 49.34
C ARG B 450 -5.94 6.77 49.80
N ILE B 451 -6.61 5.96 48.98
CA ILE B 451 -7.92 5.46 49.36
C ILE B 451 -7.80 4.52 50.55
N ARG B 452 -6.75 3.71 50.60
CA ARG B 452 -6.58 2.80 51.73
C ARG B 452 -5.92 3.47 52.93
N ARG B 453 -5.25 4.60 52.73
CA ARG B 453 -4.68 5.32 53.86
C ARG B 453 -5.77 5.91 54.75
N ARG B 454 -6.70 6.66 54.17
CA ARG B 454 -7.82 7.23 54.90
C ARG B 454 -9.06 6.37 54.65
N ARG B 455 -9.14 5.27 55.41
CA ARG B 455 -10.35 4.46 55.45
C ARG B 455 -10.77 4.18 56.89
N ALA B 456 -10.13 4.82 57.86
CA ALA B 456 -10.57 4.74 59.25
C ALA B 456 -11.54 5.86 59.61
N THR B 457 -11.41 7.02 58.95
CA THR B 457 -12.37 8.10 59.15
C THR B 457 -13.64 7.86 58.34
N ASP B 458 -13.51 7.81 57.02
CA ASP B 458 -14.57 7.37 56.13
C ASP B 458 -14.42 5.87 55.90
N GLY B 459 -15.12 5.31 54.93
CA GLY B 459 -15.05 3.90 54.64
C GLY B 459 -14.38 3.61 53.32
N LEU B 460 -14.59 2.40 52.82
CA LEU B 460 -14.15 1.99 51.50
C LEU B 460 -15.26 2.09 50.47
N LEU B 461 -16.45 2.51 50.87
CA LEU B 461 -17.58 2.67 49.97
C LEU B 461 -17.84 4.12 49.58
N ALA B 462 -17.57 5.07 50.48
CA ALA B 462 -17.84 6.47 50.16
C ALA B 462 -17.02 6.98 48.97
N PRO B 463 -15.71 6.73 48.87
CA PRO B 463 -15.00 7.20 47.67
C PRO B 463 -15.31 6.39 46.42
N LEU B 464 -15.54 5.09 46.55
CA LEU B 464 -15.79 4.26 45.38
C LEU B 464 -17.16 4.55 44.77
N ALA B 465 -18.16 4.87 45.60
CA ALA B 465 -19.46 5.23 45.06
C ALA B 465 -19.35 6.46 44.15
N VAL B 466 -18.59 7.46 44.58
CA VAL B 466 -18.43 8.67 43.77
C VAL B 466 -17.57 8.38 42.55
N LEU B 467 -16.52 7.57 42.70
CA LEU B 467 -15.67 7.26 41.57
C LEU B 467 -16.38 6.42 40.52
N ALA B 468 -17.47 5.74 40.88
CA ALA B 468 -18.27 5.03 39.90
C ALA B 468 -19.38 5.89 39.32
N ALA B 469 -20.03 6.72 40.16
CA ALA B 469 -21.07 7.61 39.67
C ALA B 469 -20.51 8.63 38.68
N ALA B 470 -19.27 9.07 38.88
CA ALA B 470 -18.66 9.99 37.92
C ALA B 470 -18.34 9.29 36.60
N LEU B 471 -18.00 8.00 36.66
CA LEU B 471 -17.72 7.26 35.44
C LEU B 471 -18.99 7.00 34.64
N SER B 472 -20.11 6.77 35.34
CA SER B 472 -21.38 6.49 34.67
C SER B 472 -22.20 7.73 34.41
N LEU B 473 -21.56 8.88 34.22
CA LEU B 473 -22.25 10.13 33.90
C LEU B 473 -22.25 10.45 32.42
N ILE B 474 -21.38 9.81 31.64
CA ILE B 474 -21.29 10.10 30.21
C ILE B 474 -22.50 9.61 29.44
N THR B 475 -23.32 8.76 30.04
CA THR B 475 -24.53 8.30 29.35
C THR B 475 -25.50 9.44 29.11
N VAL B 476 -25.57 10.41 30.03
CA VAL B 476 -26.48 11.54 29.85
C VAL B 476 -26.09 12.36 28.63
N VAL B 477 -24.81 12.35 28.27
CA VAL B 477 -24.35 13.11 27.11
C VAL B 477 -24.38 12.26 25.83
N VAL B 478 -24.21 10.95 25.95
CA VAL B 478 -24.22 10.11 24.76
C VAL B 478 -25.65 9.81 24.32
N PHE B 479 -26.46 9.25 25.22
CA PHE B 479 -27.86 8.93 24.89
C PHE B 479 -28.80 10.03 25.38
N ARG B 480 -28.57 11.27 24.93
CA ARG B 480 -29.58 12.29 25.15
C ARG B 480 -30.73 12.10 24.19
N ASP B 481 -30.42 11.68 22.96
CA ASP B 481 -31.33 10.99 22.06
C ASP B 481 -30.57 9.77 21.58
N GLN B 482 -31.07 9.06 20.56
CA GLN B 482 -30.36 7.89 20.03
C GLN B 482 -30.17 6.82 21.10
N THR B 483 -31.28 6.17 21.43
CA THR B 483 -31.31 5.07 22.39
C THR B 483 -30.35 3.95 22.01
N LEU B 484 -30.17 2.99 22.93
CA LEU B 484 -29.15 1.96 22.78
C LEU B 484 -29.31 1.19 21.47
N ALA B 485 -30.54 0.97 21.02
CA ALA B 485 -30.77 0.20 19.81
C ALA B 485 -30.15 0.89 18.59
N THR B 486 -30.39 2.19 18.44
CA THR B 486 -29.87 2.90 17.28
C THR B 486 -28.35 3.00 17.32
N VAL B 487 -27.76 3.13 18.51
CA VAL B 487 -26.30 3.17 18.60
C VAL B 487 -25.71 1.82 18.19
N ALA B 488 -26.32 0.73 18.64
CA ALA B 488 -25.83 -0.59 18.24
C ALA B 488 -25.96 -0.80 16.74
N GLU B 489 -27.08 -0.36 16.15
CA GLU B 489 -27.27 -0.50 14.71
C GLU B 489 -26.25 0.33 13.93
N SER B 490 -26.00 1.56 14.37
CA SER B 490 -25.00 2.40 13.72
C SER B 490 -23.63 1.77 13.76
N ALA B 491 -23.24 1.22 14.92
CA ALA B 491 -21.94 0.57 15.02
C ALA B 491 -21.85 -0.65 14.12
N ARG B 492 -22.93 -1.45 14.06
CA ARG B 492 -22.94 -2.61 13.19
C ARG B 492 -22.76 -2.22 11.74
N ILE B 493 -23.45 -1.15 11.31
CA ILE B 493 -23.33 -0.70 9.93
C ILE B 493 -21.92 -0.22 9.63
N LYS B 494 -21.33 0.56 10.55
CA LYS B 494 -20.00 1.09 10.30
C LYS B 494 -18.93 0.01 10.30
N TYR B 495 -19.15 -1.10 11.01
CA TYR B 495 -18.19 -2.20 10.93
C TYR B 495 -18.41 -3.07 9.70
N LYS B 496 -19.66 -3.30 9.30
CA LYS B 496 -19.93 -4.13 8.13
C LYS B 496 -19.47 -3.43 6.86
N VAL B 497 -19.97 -2.23 6.61
CA VAL B 497 -19.50 -1.38 5.54
C VAL B 497 -18.19 -0.74 6.00
N GLY B 498 -17.45 -0.11 5.09
CA GLY B 498 -16.45 0.85 5.48
C GLY B 498 -15.13 0.24 5.87
N PRO B 499 -14.05 0.99 5.67
CA PRO B 499 -12.70 0.47 5.92
C PRO B 499 -12.38 0.47 7.41
N THR B 500 -12.15 -0.72 7.96
CA THR B 500 -11.69 -0.89 9.32
C THR B 500 -10.46 -1.78 9.32
N ILE B 501 -9.58 -1.57 10.28
CA ILE B 501 -8.32 -2.28 10.38
C ILE B 501 -8.28 -3.02 11.71
N ALA B 502 -7.75 -4.25 11.69
CA ALA B 502 -7.72 -5.07 12.88
C ALA B 502 -6.52 -4.70 13.76
N TRP B 503 -6.60 -5.12 15.02
CA TRP B 503 -5.58 -4.74 15.99
C TRP B 503 -4.21 -5.32 15.66
N TYR B 504 -4.14 -6.42 14.92
CA TYR B 504 -2.86 -7.02 14.59
C TYR B 504 -2.19 -6.35 13.39
N GLN B 505 -2.79 -5.30 12.85
CA GLN B 505 -2.18 -4.46 11.83
C GLN B 505 -1.99 -3.05 12.35
N ASP B 506 -1.80 -2.91 13.66
CA ASP B 506 -1.63 -1.62 14.30
C ASP B 506 -0.36 -0.90 13.88
N PHE B 507 0.58 -1.62 13.26
CA PHE B 507 1.88 -1.06 12.93
C PHE B 507 1.95 -0.51 11.52
N LEU B 508 0.87 -0.58 10.75
CA LEU B 508 0.81 0.23 9.53
C LEU B 508 0.15 1.58 9.82
N ARG B 509 0.62 2.17 10.90
CA ARG B 509 0.39 3.58 11.21
C ARG B 509 1.69 4.37 11.17
N TYR B 510 2.80 3.70 11.43
CA TYR B 510 4.14 4.25 11.21
C TYR B 510 4.64 3.98 9.80
N TYR B 511 3.94 3.15 9.03
CA TYR B 511 4.25 3.02 7.61
C TYR B 511 3.56 4.10 6.80
N PHE B 512 2.31 4.42 7.13
CA PHE B 512 1.61 5.50 6.46
C PHE B 512 2.33 6.83 6.66
N LEU B 513 3.08 6.95 7.76
CA LEU B 513 3.79 8.19 8.05
C LEU B 513 5.07 8.29 7.23
N THR B 514 5.88 7.24 7.23
CA THR B 514 7.14 7.22 6.49
C THR B 514 6.96 6.40 5.22
N VAL B 515 6.43 7.05 4.19
CA VAL B 515 6.22 6.45 2.88
C VAL B 515 6.53 7.52 1.83
N GLU B 516 6.54 7.10 0.56
CA GLU B 516 7.34 7.79 -0.46
C GLU B 516 6.96 9.25 -0.71
N SER B 517 5.80 9.52 -1.32
CA SER B 517 5.40 10.91 -1.58
C SER B 517 4.29 11.36 -0.63
N ASN B 518 3.09 10.81 -0.76
CA ASN B 518 2.08 10.77 0.30
C ASN B 518 2.03 12.01 1.18
N VAL B 519 1.52 13.13 0.66
CA VAL B 519 1.45 14.39 1.42
C VAL B 519 0.87 14.17 2.82
N GLU B 520 0.19 13.05 3.03
CA GLU B 520 -0.22 12.68 4.38
C GLU B 520 0.96 12.25 5.25
N GLY B 521 2.07 11.85 4.65
CA GLY B 521 3.27 11.51 5.39
C GLY B 521 4.41 12.42 5.02
N SER B 522 4.12 13.71 4.88
CA SER B 522 5.07 14.67 4.35
C SER B 522 6.15 15.01 5.38
N MET B 523 7.11 15.81 4.93
CA MET B 523 8.06 16.42 5.85
C MET B 523 7.33 17.39 6.76
N SER B 524 7.85 17.54 7.97
CA SER B 524 7.29 18.29 9.10
C SER B 524 6.15 17.52 9.75
N ARG B 525 5.70 16.41 9.18
CA ARG B 525 4.89 15.45 9.91
C ARG B 525 5.72 14.31 10.44
N ARG B 526 6.76 13.92 9.71
CA ARG B 526 7.72 12.94 10.22
C ARG B 526 8.53 13.53 11.37
N PHE B 527 8.86 14.81 11.29
CA PHE B 527 9.70 15.43 12.31
C PHE B 527 9.00 15.41 13.66
N ALA B 528 7.72 15.80 13.69
CA ALA B 528 6.98 15.90 14.94
C ALA B 528 6.83 14.56 15.64
N VAL B 529 6.92 13.45 14.91
CA VAL B 529 6.78 12.13 15.50
C VAL B 529 8.13 11.52 15.84
N LEU B 530 9.12 11.70 14.97
CA LEU B 530 10.45 11.19 15.26
C LEU B 530 11.06 11.89 16.47
N VAL B 531 10.81 13.18 16.62
CA VAL B 531 11.30 13.88 17.80
C VAL B 531 10.57 13.37 19.05
N LEU B 532 9.28 13.09 18.93
CA LEU B 532 8.53 12.54 20.07
C LEU B 532 9.14 11.22 20.52
N LEU B 533 9.39 10.30 19.57
CA LEU B 533 9.96 9.00 19.94
C LEU B 533 11.38 9.15 20.48
N PHE B 534 12.18 10.04 19.87
CA PHE B 534 13.55 10.26 20.32
C PHE B 534 13.57 10.75 21.77
N CYS B 535 12.78 11.78 22.07
CA CYS B 535 12.75 12.33 23.42
C CYS B 535 12.07 11.40 24.42
N LEU B 536 11.21 10.49 23.96
CA LEU B 536 10.67 9.50 24.87
C LEU B 536 11.75 8.49 25.28
N PHE B 537 12.41 7.88 24.30
CA PHE B 537 13.34 6.81 24.61
C PHE B 537 14.61 7.33 25.26
N GLY B 538 15.06 8.53 24.92
CA GLY B 538 16.23 9.07 25.59
C GLY B 538 16.03 9.22 27.08
N VAL B 539 14.92 9.84 27.47
CA VAL B 539 14.64 10.01 28.89
C VAL B 539 14.37 8.67 29.55
N LEU B 540 13.74 7.74 28.83
CA LEU B 540 13.55 6.41 29.41
C LEU B 540 14.88 5.76 29.76
N PHE B 541 15.86 5.84 28.85
CA PHE B 541 17.16 5.24 29.13
C PHE B 541 17.89 5.96 30.26
N VAL B 542 17.87 7.30 30.25
CA VAL B 542 18.55 8.06 31.29
C VAL B 542 17.85 7.91 32.64
N LEU B 543 16.61 7.45 32.66
CA LEU B 543 15.94 7.16 33.93
C LEU B 543 16.16 5.73 34.39
N LEU B 544 16.26 4.78 33.47
CA LEU B 544 16.62 3.42 33.84
C LEU B 544 18.03 3.36 34.42
N ARG B 545 19.01 3.78 33.62
CA ARG B 545 20.35 3.97 34.15
C ARG B 545 20.39 5.23 35.00
N ARG B 546 21.15 5.22 36.09
CA ARG B 546 21.17 6.40 36.99
C ARG B 546 19.71 6.80 37.26
N GLY B 547 19.17 6.34 38.36
CA GLY B 547 17.74 6.54 38.65
C GLY B 547 17.37 7.98 38.88
N ARG B 548 18.33 8.83 39.15
CA ARG B 548 18.00 10.21 39.49
C ARG B 548 18.43 11.15 38.36
N VAL B 549 18.01 12.41 38.47
CA VAL B 549 18.38 13.42 37.48
C VAL B 549 18.93 14.64 38.20
N ALA B 550 18.63 14.75 39.50
CA ALA B 550 19.20 15.78 40.37
C ALA B 550 18.88 17.19 39.84
N GLY B 551 17.57 17.49 39.88
CA GLY B 551 17.07 18.75 39.39
C GLY B 551 15.70 18.56 38.77
N LEU B 552 15.21 17.33 38.82
CA LEU B 552 13.96 16.95 38.18
C LEU B 552 13.28 15.91 39.07
N ALA B 553 12.05 16.20 39.49
CA ALA B 553 11.30 15.27 40.31
C ALA B 553 11.01 13.99 39.54
N SER B 554 11.16 12.84 40.22
CA SER B 554 11.11 11.56 39.54
C SER B 554 9.72 10.95 39.49
N GLY B 555 8.86 11.26 40.45
CA GLY B 555 7.49 10.80 40.42
C GLY B 555 6.73 11.31 39.21
N PRO B 556 6.64 12.63 39.09
CA PRO B 556 6.01 13.22 37.89
C PRO B 556 6.66 12.77 36.59
N ALA B 557 7.99 12.66 36.55
CA ALA B 557 8.65 12.27 35.32
C ALA B 557 8.30 10.83 34.93
N TRP B 558 8.28 9.92 35.92
CA TRP B 558 7.91 8.55 35.63
C TRP B 558 6.46 8.47 35.18
N ARG B 559 5.57 9.26 35.79
CA ARG B 559 4.18 9.24 35.37
C ARG B 559 4.00 9.82 33.97
N LEU B 560 4.83 10.80 33.59
CA LEU B 560 4.77 11.36 32.24
C LEU B 560 5.22 10.33 31.20
N ILE B 561 6.35 9.67 31.46
CA ILE B 561 6.81 8.60 30.58
C ILE B 561 5.75 7.52 30.45
N GLY B 562 5.15 7.12 31.58
CA GLY B 562 4.12 6.10 31.54
C GLY B 562 2.90 6.53 30.75
N THR B 563 2.49 7.79 30.92
CA THR B 563 1.35 8.30 30.16
C THR B 563 1.61 8.21 28.65
N THR B 564 2.78 8.68 28.22
CA THR B 564 3.08 8.65 26.79
C THR B 564 3.14 7.22 26.26
N ALA B 565 3.80 6.32 26.99
CA ALA B 565 3.93 4.94 26.52
C ALA B 565 2.58 4.24 26.48
N VAL B 566 1.75 4.41 27.51
CA VAL B 566 0.45 3.76 27.52
C VAL B 566 -0.48 4.35 26.47
N GLY B 567 -0.31 5.64 26.13
CA GLY B 567 -1.09 6.18 25.04
C GLY B 567 -0.70 5.58 23.70
N LEU B 568 0.61 5.49 23.44
CA LEU B 568 1.06 4.87 22.21
C LEU B 568 0.70 3.39 22.14
N LEU B 569 0.52 2.74 23.29
CA LEU B 569 0.09 1.34 23.26
C LEU B 569 -1.42 1.19 23.14
N LEU B 570 -2.20 2.15 23.66
CA LEU B 570 -3.65 2.12 23.53
C LEU B 570 -4.11 2.55 22.15
N LEU B 571 -3.26 3.22 21.38
CA LEU B 571 -3.67 3.49 19.99
C LEU B 571 -3.82 2.23 19.15
N THR B 572 -3.66 1.02 19.70
CA THR B 572 -3.77 -0.20 18.92
C THR B 572 -5.20 -0.54 18.55
N PHE B 573 -6.16 -0.27 19.43
CA PHE B 573 -7.53 -0.73 19.27
C PHE B 573 -8.43 0.30 18.57
N THR B 574 -7.87 1.26 17.89
CA THR B 574 -8.64 2.21 17.09
C THR B 574 -9.01 1.57 15.75
N PRO B 575 -10.26 1.73 15.30
CA PRO B 575 -10.67 1.08 14.05
C PRO B 575 -10.00 1.63 12.80
N THR B 576 -9.51 2.86 12.82
CA THR B 576 -8.84 3.46 11.67
C THR B 576 -7.43 3.86 12.05
N LYS B 577 -6.49 3.70 11.11
CA LYS B 577 -5.08 3.88 11.43
C LYS B 577 -4.45 4.98 10.58
N TRP B 578 -5.10 6.14 10.47
CA TRP B 578 -4.54 7.24 9.71
C TRP B 578 -3.28 7.77 10.38
N ALA B 579 -2.61 8.69 9.71
CA ALA B 579 -1.40 9.32 10.23
C ALA B 579 -1.66 10.69 10.84
N VAL B 580 -2.86 11.24 10.68
CA VAL B 580 -3.21 12.52 11.29
C VAL B 580 -3.59 12.36 12.76
N GLN B 581 -3.84 11.14 13.21
CA GLN B 581 -4.20 10.86 14.59
C GLN B 581 -3.03 10.96 15.54
N PHE B 582 -1.88 11.41 15.07
CA PHE B 582 -0.73 11.66 15.94
C PHE B 582 -0.74 13.08 16.50
N GLY B 583 -1.75 13.86 16.20
CA GLY B 583 -1.86 15.20 16.71
C GLY B 583 -2.37 15.32 18.11
N ALA B 584 -2.74 14.20 18.74
CA ALA B 584 -3.18 14.18 20.12
C ALA B 584 -2.03 14.11 21.11
N PHE B 585 -0.79 14.21 20.63
CA PHE B 585 0.39 14.20 21.48
C PHE B 585 1.12 15.52 21.48
N ALA B 586 0.49 16.59 20.97
CA ALA B 586 1.17 17.88 20.86
C ALA B 586 1.47 18.47 22.24
N GLY B 587 0.58 18.26 23.21
CA GLY B 587 0.85 18.77 24.55
C GLY B 587 1.99 18.04 25.24
N LEU B 588 2.07 16.73 25.05
CA LEU B 588 3.13 15.96 25.69
C LEU B 588 4.48 16.15 24.99
N ALA B 589 4.46 16.47 23.70
CA ALA B 589 5.70 16.68 22.97
C ALA B 589 6.51 17.84 23.55
N GLY B 590 5.83 18.91 23.95
CA GLY B 590 6.54 20.06 24.50
C GLY B 590 7.27 19.72 25.79
N VAL B 591 6.58 19.08 26.72
CA VAL B 591 7.20 18.77 28.00
C VAL B 591 8.27 17.70 27.84
N LEU B 592 8.09 16.75 26.92
CA LEU B 592 9.14 15.77 26.71
C LEU B 592 10.38 16.41 26.10
N GLY B 593 10.20 17.37 25.18
CA GLY B 593 11.35 18.08 24.65
C GLY B 593 12.06 18.91 25.70
N ALA B 594 11.30 19.56 26.58
CA ALA B 594 11.91 20.31 27.67
C ALA B 594 12.74 19.40 28.58
N VAL B 595 12.18 18.25 28.94
CA VAL B 595 12.87 17.33 29.83
C VAL B 595 14.13 16.78 29.17
N THR B 596 14.06 16.45 27.87
CA THR B 596 15.23 15.96 27.18
C THR B 596 16.33 17.02 27.10
N ALA B 597 15.94 18.26 26.76
CA ALA B 597 16.92 19.34 26.71
C ALA B 597 17.53 19.59 28.07
N PHE B 598 16.80 19.34 29.15
CA PHE B 598 17.36 19.55 30.47
C PHE B 598 18.32 18.42 30.87
N THR B 599 17.95 17.16 30.60
CA THR B 599 18.81 16.05 31.04
C THR B 599 20.09 15.97 30.22
N PHE B 600 19.96 15.96 28.88
CA PHE B 600 21.14 15.82 28.04
C PHE B 600 22.09 17.00 28.13
N ALA B 601 21.76 18.03 28.88
CA ALA B 601 22.66 19.15 29.10
C ALA B 601 23.57 18.93 30.30
N ARG B 602 23.18 18.07 31.23
CA ARG B 602 24.02 17.75 32.38
C ARG B 602 24.65 16.37 32.30
N ILE B 603 24.00 15.40 31.63
CA ILE B 603 24.68 14.12 31.44
C ILE B 603 25.64 14.16 30.26
N GLY B 604 25.55 15.21 29.43
CA GLY B 604 26.45 15.39 28.32
C GLY B 604 27.49 16.46 28.54
N LEU B 605 27.67 16.92 29.77
CA LEU B 605 28.70 17.90 30.10
C LEU B 605 29.89 17.29 30.82
N HIS B 606 29.73 16.09 31.37
CA HIS B 606 30.83 15.36 31.98
C HIS B 606 31.46 14.35 31.02
N SER B 607 31.18 14.49 29.72
CA SER B 607 31.75 13.60 28.73
C SER B 607 31.64 14.28 27.37
N ARG B 608 32.34 13.72 26.39
CA ARG B 608 32.30 14.21 25.02
C ARG B 608 31.64 13.24 24.06
N ARG B 609 31.78 11.93 24.28
CA ARG B 609 31.13 10.97 23.42
C ARG B 609 29.61 11.04 23.53
N ASN B 610 29.09 11.31 24.73
CA ASN B 610 27.65 11.49 24.86
C ASN B 610 27.18 12.75 24.14
N LEU B 611 27.93 13.84 24.29
CA LEU B 611 27.59 15.07 23.58
C LEU B 611 27.64 14.89 22.08
N THR B 612 28.49 13.99 21.59
CA THR B 612 28.55 13.74 20.15
C THR B 612 27.47 12.78 19.69
N LEU B 613 27.09 11.81 20.53
CA LEU B 613 26.00 10.90 20.18
C LEU B 613 24.68 11.64 20.11
N TYR B 614 24.46 12.60 21.01
CA TYR B 614 23.27 13.45 20.94
C TYR B 614 23.16 14.11 19.57
N VAL B 615 24.24 14.74 19.12
CA VAL B 615 24.21 15.49 17.88
C VAL B 615 24.06 14.57 16.68
N THR B 616 24.72 13.41 16.69
CA THR B 616 24.57 12.52 15.53
C THR B 616 23.18 11.91 15.48
N ALA B 617 22.53 11.69 16.63
CA ALA B 617 21.16 11.21 16.61
C ALA B 617 20.21 12.28 16.07
N LEU B 618 20.43 13.53 16.46
CA LEU B 618 19.62 14.61 15.89
C LEU B 618 19.81 14.73 14.39
N LEU B 619 21.05 14.59 13.91
CA LEU B 619 21.30 14.67 12.48
C LEU B 619 20.67 13.49 11.74
N PHE B 620 20.64 12.32 12.36
CA PHE B 620 20.00 11.17 11.74
C PHE B 620 18.48 11.36 11.66
N VAL B 621 17.88 11.94 12.70
CA VAL B 621 16.46 12.25 12.64
C VAL B 621 16.17 13.27 11.54
N LEU B 622 17.04 14.27 11.39
CA LEU B 622 16.87 15.24 10.31
C LEU B 622 17.00 14.57 8.94
N ALA B 623 17.92 13.61 8.81
CA ALA B 623 18.08 12.88 7.56
C ALA B 623 16.82 12.09 7.23
N TRP B 624 16.19 11.48 8.23
CA TRP B 624 14.91 10.80 7.98
C TRP B 624 13.83 11.80 7.59
N ALA B 625 13.75 12.92 8.30
CA ALA B 625 12.66 13.87 8.08
C ALA B 625 12.72 14.47 6.68
N THR B 626 13.88 14.99 6.29
CA THR B 626 13.99 15.69 5.01
C THR B 626 14.15 14.73 3.84
N SER B 627 13.29 13.72 3.75
CA SER B 627 13.30 12.79 2.65
C SER B 627 11.91 12.59 2.06
N GLY B 628 10.91 13.28 2.61
CA GLY B 628 9.58 13.33 2.02
C GLY B 628 9.30 14.72 1.48
N ILE B 629 8.26 14.80 0.67
CA ILE B 629 7.93 16.08 0.04
C ILE B 629 7.37 17.04 1.08
N ASN B 630 7.50 18.33 0.78
CA ASN B 630 6.96 19.39 1.63
C ASN B 630 5.60 19.81 1.09
N GLY B 631 4.61 18.96 1.34
CA GLY B 631 3.29 19.11 0.75
C GLY B 631 2.20 19.21 1.79
N TRP B 632 1.15 19.95 1.45
CA TRP B 632 -0.07 20.09 2.24
C TRP B 632 -1.23 19.54 1.39
N PHE B 633 -2.46 19.73 1.87
CA PHE B 633 -3.52 18.84 1.41
C PHE B 633 -3.98 19.08 -0.03
N TYR B 634 -4.67 20.18 -0.31
CA TYR B 634 -5.25 20.32 -1.64
C TYR B 634 -5.01 21.70 -2.23
N VAL B 635 -5.15 22.74 -1.40
CA VAL B 635 -4.94 24.11 -1.81
C VAL B 635 -3.82 24.78 -1.01
N GLY B 636 -3.39 24.18 0.09
CA GLY B 636 -2.18 24.63 0.73
C GLY B 636 -0.93 24.42 -0.08
N ASN B 637 -1.01 23.63 -1.15
CA ASN B 637 0.11 23.37 -2.04
C ASN B 637 0.28 24.41 -3.13
N TYR B 638 -0.51 25.47 -3.12
CA TYR B 638 -0.46 26.47 -4.20
C TYR B 638 0.67 27.44 -3.91
N GLY B 639 1.85 27.14 -4.42
CA GLY B 639 3.01 28.02 -4.29
C GLY B 639 4.06 27.56 -3.32
N VAL B 640 3.90 26.40 -2.68
CA VAL B 640 4.87 25.94 -1.68
C VAL B 640 6.14 25.48 -2.39
N PRO B 641 7.33 25.76 -1.83
CA PRO B 641 8.59 25.48 -2.55
C PRO B 641 8.75 24.07 -3.11
N TRP B 642 8.72 23.04 -2.28
CA TRP B 642 8.88 21.67 -2.76
C TRP B 642 7.62 20.89 -2.40
N TYR B 643 6.60 21.00 -3.22
CA TYR B 643 5.33 20.37 -2.90
C TYR B 643 5.13 19.02 -3.59
N ASP B 644 6.01 18.65 -4.50
CA ASP B 644 5.92 17.36 -5.18
C ASP B 644 7.24 16.61 -5.23
N ILE B 645 8.35 17.25 -4.89
CA ILE B 645 9.67 16.61 -4.85
C ILE B 645 10.26 16.84 -3.47
N GLN B 646 11.23 16.00 -3.13
CA GLN B 646 11.90 16.17 -1.85
C GLN B 646 12.92 17.30 -1.93
N PRO B 647 13.23 17.93 -0.80
CA PRO B 647 14.08 19.12 -0.83
C PRO B 647 15.43 18.87 -1.46
N VAL B 648 15.79 19.73 -2.42
CA VAL B 648 17.09 19.71 -3.07
C VAL B 648 17.69 21.12 -2.97
N ILE B 649 19.01 21.19 -2.97
CA ILE B 649 19.67 22.49 -2.91
C ILE B 649 20.07 22.92 -4.31
N ALA B 650 20.97 22.16 -4.94
CA ALA B 650 21.33 22.36 -6.34
C ALA B 650 21.29 20.98 -7.00
N SER B 651 20.09 20.57 -7.40
CA SER B 651 19.85 19.26 -8.02
C SER B 651 20.37 18.11 -7.18
N HIS B 652 20.64 18.36 -5.90
CA HIS B 652 21.20 17.35 -5.01
C HIS B 652 20.35 17.29 -3.76
N PRO B 653 19.82 16.12 -3.40
CA PRO B 653 18.91 16.04 -2.25
C PRO B 653 19.64 16.26 -0.93
N VAL B 654 18.90 16.79 0.04
CA VAL B 654 19.48 17.12 1.34
C VAL B 654 19.54 15.92 2.27
N THR B 655 18.70 14.91 2.02
CA THR B 655 18.65 13.73 2.88
C THR B 655 19.94 12.93 2.85
N SER B 656 20.83 13.18 1.89
CA SER B 656 22.16 12.58 1.87
C SER B 656 23.21 13.51 2.47
N MET B 657 23.07 14.82 2.24
CA MET B 657 23.94 15.80 2.89
C MET B 657 23.81 15.75 4.40
N PHE B 658 22.69 15.25 4.92
CA PHE B 658 22.57 15.05 6.36
C PHE B 658 23.09 13.69 6.81
N LEU B 659 22.96 12.67 5.97
CA LEU B 659 23.44 11.33 6.34
C LEU B 659 24.96 11.29 6.41
N THR B 660 25.64 11.98 5.49
CA THR B 660 27.10 12.03 5.56
C THR B 660 27.56 12.72 6.85
N LEU B 661 26.90 13.81 7.24
CA LEU B 661 27.24 14.49 8.48
C LEU B 661 26.97 13.59 9.68
N SER B 662 25.86 12.85 9.66
CA SER B 662 25.58 11.89 10.73
C SER B 662 26.69 10.85 10.85
N ILE B 663 27.17 10.34 9.71
CA ILE B 663 28.22 9.32 9.74
C ILE B 663 29.52 9.91 10.28
N LEU B 664 29.88 11.11 9.84
CA LEU B 664 31.11 11.73 10.34
C LEU B 664 31.05 11.98 11.84
N THR B 665 29.90 12.46 12.32
CA THR B 665 29.75 12.73 13.75
C THR B 665 29.80 11.43 14.56
N GLY B 666 29.21 10.35 14.02
CA GLY B 666 29.32 9.07 14.69
C GLY B 666 30.75 8.55 14.73
N LEU B 667 31.51 8.80 13.66
CA LEU B 667 32.92 8.41 13.65
C LEU B 667 33.70 9.19 14.72
N LEU B 668 33.41 10.48 14.87
CA LEU B 668 34.07 11.27 15.91
C LEU B 668 33.70 10.75 17.29
N ALA B 669 32.44 10.36 17.49
CA ALA B 669 32.04 9.79 18.77
C ALA B 669 32.79 8.50 19.06
N ALA B 670 32.94 7.64 18.05
CA ALA B 670 33.72 6.43 18.24
C ALA B 670 35.18 6.75 18.54
N TRP B 671 35.71 7.82 17.94
CA TRP B 671 37.08 8.21 18.20
C TRP B 671 37.26 8.62 19.66
N TYR B 672 36.30 9.37 20.20
CA TYR B 672 36.36 9.71 21.62
C TYR B 672 36.24 8.47 22.49
N HIS B 673 35.37 7.53 22.10
CA HIS B 673 35.21 6.29 22.85
C HIS B 673 36.52 5.51 22.92
N PHE B 674 37.24 5.45 21.80
CA PHE B 674 38.53 4.76 21.79
C PHE B 674 39.57 5.53 22.60
N ARG B 675 39.64 6.84 22.39
CA ARG B 675 40.66 7.65 23.05
C ARG B 675 40.50 7.68 24.55
N MET B 676 39.30 7.40 25.08
CA MET B 676 39.15 7.42 26.53
C MET B 676 40.04 6.39 27.24
N ASP B 677 40.69 5.50 26.50
CA ASP B 677 41.59 4.52 27.10
C ASP B 677 42.98 5.07 27.41
N TYR B 678 43.27 6.30 27.00
CA TYR B 678 44.57 6.91 27.24
C TYR B 678 44.47 8.32 27.79
N ALA B 679 43.28 8.77 28.15
CA ALA B 679 43.07 10.10 28.68
C ALA B 679 41.77 10.09 29.49
N GLY B 680 41.26 11.28 29.83
CA GLY B 680 40.01 11.41 30.53
C GLY B 680 38.87 11.82 29.61
N HIS B 681 37.69 11.99 30.21
CA HIS B 681 36.52 12.43 29.47
C HIS B 681 35.70 13.50 30.17
N THR B 682 35.90 13.76 31.46
CA THR B 682 35.14 14.76 32.19
C THR B 682 35.78 16.14 32.14
N GLU B 683 36.91 16.27 31.46
CA GLU B 683 37.68 17.51 31.44
C GLU B 683 36.99 18.65 30.71
N VAL B 684 35.74 18.51 30.26
CA VAL B 684 35.04 19.58 29.57
C VAL B 684 34.64 20.65 30.59
N LYS B 685 35.41 21.73 30.66
CA LYS B 685 35.14 22.78 31.64
C LYS B 685 33.91 23.58 31.23
N ASP B 686 32.98 23.74 32.16
CA ASP B 686 31.73 24.47 31.91
C ASP B 686 31.85 25.88 32.48
N ASN B 687 32.62 26.73 31.78
CA ASN B 687 32.86 28.06 32.32
C ASN B 687 31.69 29.00 32.08
N ARG B 688 31.49 29.43 30.82
CA ARG B 688 30.24 30.06 30.40
C ARG B 688 29.79 29.68 29.00
N ARG B 689 30.70 29.27 28.13
CA ARG B 689 30.38 28.98 26.73
C ARG B 689 29.89 27.56 26.55
N ASN B 690 30.58 26.58 27.14
CA ASN B 690 30.14 25.19 27.08
C ASN B 690 28.87 24.95 27.88
N ARG B 691 28.47 25.90 28.73
CA ARG B 691 27.19 25.77 29.42
C ARG B 691 26.04 25.75 28.42
N ILE B 692 25.84 26.86 27.71
CA ILE B 692 24.89 26.84 26.61
C ILE B 692 25.60 26.51 25.30
N LEU B 693 26.00 25.25 25.16
CA LEU B 693 26.26 24.63 23.87
C LEU B 693 25.80 23.19 23.82
N ALA B 694 25.53 22.56 24.97
CA ALA B 694 24.99 21.22 25.06
C ALA B 694 23.50 21.22 25.33
N SER B 695 22.91 22.38 25.59
CA SER B 695 21.48 22.51 25.82
C SER B 695 20.73 23.05 24.62
N THR B 696 21.42 23.47 23.56
CA THR B 696 20.73 23.98 22.39
C THR B 696 21.05 23.24 21.09
N PRO B 697 21.10 21.90 21.04
CA PRO B 697 21.08 21.24 19.73
C PRO B 697 19.66 20.97 19.24
N LEU B 698 18.72 20.81 20.16
CA LEU B 698 17.34 20.52 19.80
C LEU B 698 16.54 21.79 19.55
N LEU B 699 16.81 22.84 20.32
CA LEU B 699 16.16 24.12 20.11
C LEU B 699 16.41 24.65 18.71
N VAL B 700 17.66 24.55 18.23
CA VAL B 700 18.00 25.06 16.91
C VAL B 700 17.25 24.31 15.83
N VAL B 701 17.22 22.98 15.93
CA VAL B 701 16.56 22.16 14.93
C VAL B 701 15.07 22.45 14.90
N ALA B 702 14.44 22.52 16.08
CA ALA B 702 13.01 22.78 16.13
C ALA B 702 12.69 24.18 15.61
N VAL B 703 13.55 25.15 15.90
CA VAL B 703 13.30 26.51 15.42
C VAL B 703 13.41 26.59 13.91
N ILE B 704 14.42 25.94 13.32
CA ILE B 704 14.52 26.02 11.87
C ILE B 704 13.39 25.25 11.21
N MET B 705 12.87 24.20 11.85
CA MET B 705 11.73 23.49 11.26
C MET B 705 10.46 24.32 11.33
N VAL B 706 10.20 25.00 12.45
CA VAL B 706 9.03 25.86 12.54
C VAL B 706 9.14 27.02 11.55
N ALA B 707 10.34 27.59 11.42
CA ALA B 707 10.53 28.66 10.45
C ALA B 707 10.35 28.17 9.03
N GLY B 708 10.75 26.94 8.74
CA GLY B 708 10.51 26.40 7.41
C GLY B 708 9.05 26.11 7.14
N GLU B 709 8.29 25.77 8.18
CA GLU B 709 6.85 25.56 7.99
C GLU B 709 6.11 26.88 7.81
N VAL B 710 6.54 27.93 8.50
CA VAL B 710 5.84 29.20 8.40
C VAL B 710 6.25 29.97 7.16
N GLY B 711 7.54 29.96 6.82
CA GLY B 711 8.02 30.73 5.69
C GLY B 711 7.55 30.21 4.36
N SER B 712 7.26 28.91 4.28
CA SER B 712 6.72 28.36 3.03
C SER B 712 5.36 28.96 2.72
N MET B 713 4.46 28.97 3.71
CA MET B 713 3.13 29.55 3.50
C MET B 713 3.21 31.05 3.30
N ALA B 714 4.07 31.73 4.06
CA ALA B 714 4.20 33.18 3.88
C ALA B 714 4.75 33.52 2.49
N LYS B 715 5.73 32.77 2.02
CA LYS B 715 6.32 33.02 0.71
C LYS B 715 5.32 32.73 -0.40
N ALA B 716 4.57 31.63 -0.29
CA ALA B 716 3.50 31.36 -1.25
C ALA B 716 2.53 32.53 -1.32
N ALA B 717 1.96 32.90 -0.17
CA ALA B 717 0.96 33.96 -0.13
C ALA B 717 1.49 35.26 -0.73
N VAL B 718 2.72 35.64 -0.38
CA VAL B 718 3.23 36.93 -0.85
C VAL B 718 3.61 36.87 -2.32
N PHE B 719 4.12 35.73 -2.79
CA PHE B 719 4.67 35.68 -4.14
C PHE B 719 3.59 35.51 -5.19
N ARG B 720 2.59 34.66 -4.95
CA ARG B 720 1.48 34.55 -5.90
C ARG B 720 0.35 35.43 -5.40
N TYR B 721 0.25 36.63 -5.97
CA TYR B 721 -0.79 37.58 -5.68
C TYR B 721 -1.00 38.37 -6.97
N PRO B 722 -2.25 38.66 -7.37
CA PRO B 722 -3.52 38.38 -6.70
C PRO B 722 -4.03 36.96 -6.89
N LEU B 723 -3.18 36.05 -7.36
CA LEU B 723 -3.61 34.68 -7.58
C LEU B 723 -4.15 34.07 -6.29
N TYR B 724 -5.06 33.12 -6.43
CA TYR B 724 -5.76 32.58 -5.27
C TYR B 724 -4.81 31.79 -4.40
N THR B 725 -4.90 32.00 -3.09
CA THR B 725 -4.20 31.22 -2.09
C THR B 725 -5.02 31.26 -0.81
N THR B 726 -4.87 30.22 0.01
CA THR B 726 -5.73 30.04 1.17
C THR B 726 -5.54 31.12 2.23
N ALA B 727 -4.58 32.03 2.08
CA ALA B 727 -4.45 33.17 2.98
C ALA B 727 -5.18 34.39 2.46
N LYS B 728 -5.26 34.54 1.14
CA LYS B 728 -6.03 35.65 0.57
C LYS B 728 -7.51 35.52 0.91
N ALA B 729 -8.04 34.29 0.90
CA ALA B 729 -9.44 34.07 1.24
C ALA B 729 -9.72 34.53 2.67
N ASN B 730 -8.85 34.17 3.61
CA ASN B 730 -9.06 34.52 5.01
C ASN B 730 -8.87 36.01 5.25
N LEU B 731 -7.86 36.62 4.61
CA LEU B 731 -7.66 38.05 4.79
C LEU B 731 -8.70 38.88 4.06
N THR B 732 -9.42 38.29 3.10
CA THR B 732 -10.56 38.96 2.48
C THR B 732 -11.85 38.75 3.26
N ALA B 733 -11.98 37.60 3.94
CA ALA B 733 -13.14 37.38 4.79
C ALA B 733 -13.05 38.16 6.10
N LEU B 734 -11.83 38.44 6.57
CA LEU B 734 -11.69 39.24 7.79
C LEU B 734 -12.19 40.65 7.57
N SER B 735 -11.65 41.35 6.57
CA SER B 735 -12.29 42.58 6.12
C SER B 735 -13.61 42.24 5.44
N THR B 736 -14.35 43.29 5.06
CA THR B 736 -15.66 43.13 4.43
C THR B 736 -16.57 42.24 5.28
N GLY B 737 -16.71 42.60 6.56
CA GLY B 737 -17.54 41.82 7.45
C GLY B 737 -17.02 40.41 7.57
N LEU B 738 -17.90 39.44 7.34
CA LEU B 738 -17.51 38.03 7.22
C LEU B 738 -18.19 37.37 6.02
N SER B 739 -18.66 38.17 5.07
CA SER B 739 -19.45 37.69 3.94
C SER B 739 -18.59 37.80 2.68
N SER B 740 -17.98 36.68 2.29
CA SER B 740 -17.20 36.62 1.06
C SER B 740 -17.05 35.15 0.66
N CYS B 741 -17.37 34.85 -0.59
CA CYS B 741 -17.15 33.52 -1.14
C CYS B 741 -15.67 33.35 -1.46
N ALA B 742 -15.05 32.33 -0.88
CA ALA B 742 -13.59 32.23 -0.95
C ALA B 742 -13.11 31.87 -2.34
N MET B 743 -13.46 30.68 -2.83
CA MET B 743 -12.97 30.22 -4.11
C MET B 743 -13.99 30.35 -5.22
N ALA B 744 -15.26 30.54 -4.90
CA ALA B 744 -16.30 30.70 -5.90
C ALA B 744 -16.26 32.01 -6.56
N ASP B 745 -15.25 32.82 -6.30
CA ASP B 745 -15.12 34.12 -6.94
C ASP B 745 -13.87 34.23 -7.79
N ASP B 746 -12.84 33.42 -7.52
CA ASP B 746 -11.65 33.33 -8.35
C ASP B 746 -11.76 32.25 -9.42
N VAL B 747 -12.90 31.60 -9.54
CA VAL B 747 -13.13 30.55 -10.53
C VAL B 747 -14.06 31.13 -11.59
N LEU B 748 -13.62 31.10 -12.84
CA LEU B 748 -14.41 31.54 -13.98
C LEU B 748 -14.99 30.33 -14.69
N ALA B 749 -16.15 30.51 -15.29
CA ALA B 749 -16.88 29.43 -15.94
C ALA B 749 -17.42 29.92 -17.26
N GLU B 750 -17.56 28.99 -18.20
CA GLU B 750 -18.07 29.27 -19.54
C GLU B 750 -19.37 28.51 -19.74
N PRO B 751 -20.53 29.16 -19.55
CA PRO B 751 -21.79 28.41 -19.61
C PRO B 751 -22.07 27.79 -20.98
N ASP B 752 -21.89 28.55 -22.06
CA ASP B 752 -22.05 28.03 -23.41
C ASP B 752 -20.78 28.34 -24.19
N PRO B 753 -20.07 27.34 -24.71
CA PRO B 753 -18.83 27.61 -25.42
C PRO B 753 -19.02 27.92 -26.91
N ASN B 754 -20.26 28.20 -27.31
CA ASN B 754 -20.56 28.60 -28.68
C ASN B 754 -20.60 30.11 -28.84
N ALA B 755 -20.12 30.87 -27.86
CA ALA B 755 -20.24 32.32 -27.92
C ALA B 755 -19.25 32.92 -28.92
N GLY B 756 -17.95 32.83 -28.63
CA GLY B 756 -16.97 33.42 -29.52
C GLY B 756 -16.76 32.68 -30.83
N MET B 757 -16.09 31.52 -30.75
CA MET B 757 -15.92 30.59 -31.86
C MET B 757 -15.11 31.16 -33.04
N LEU B 758 -14.72 32.43 -32.98
CA LEU B 758 -13.73 33.00 -33.90
C LEU B 758 -14.01 32.73 -35.38
N GLN B 759 -15.04 33.35 -35.93
CA GLN B 759 -15.29 33.22 -37.37
C GLN B 759 -14.05 33.61 -38.17
N PRO B 760 -13.70 32.86 -39.21
CA PRO B 760 -12.45 33.13 -39.93
C PRO B 760 -12.53 34.37 -40.79
N VAL B 761 -11.35 34.81 -41.22
CA VAL B 761 -11.25 35.98 -42.11
C VAL B 761 -11.89 35.65 -43.45
N PRO B 762 -12.75 36.50 -44.00
CA PRO B 762 -13.42 36.16 -45.26
C PRO B 762 -12.50 36.38 -46.47
N GLY B 763 -12.66 35.51 -47.46
CA GLY B 763 -11.90 35.61 -48.69
C GLY B 763 -10.65 34.75 -48.74
N GLN B 764 -10.80 33.46 -48.43
CA GLN B 764 -9.69 32.52 -48.45
C GLN B 764 -10.08 31.30 -49.26
N ALA B 765 -9.14 30.37 -49.43
CA ALA B 765 -9.33 29.17 -50.23
C ALA B 765 -9.26 27.95 -49.32
N PHE B 766 -10.36 27.20 -49.26
CA PHE B 766 -10.46 26.00 -48.44
C PHE B 766 -10.55 24.77 -49.34
N GLY B 767 -10.60 23.61 -48.70
CA GLY B 767 -10.81 22.37 -49.41
C GLY B 767 -12.20 21.84 -49.19
N PRO B 768 -12.40 20.53 -49.38
CA PRO B 768 -13.69 19.91 -49.10
C PRO B 768 -13.91 19.55 -47.64
N ASP B 769 -13.02 19.95 -46.74
CA ASP B 769 -13.16 19.68 -45.32
C ASP B 769 -13.25 20.95 -44.49
N GLY B 770 -13.68 22.05 -45.11
CA GLY B 770 -13.91 23.28 -44.40
C GLY B 770 -12.64 24.07 -44.14
N PRO B 771 -12.77 25.22 -43.47
CA PRO B 771 -11.58 26.04 -43.19
C PRO B 771 -10.66 25.45 -42.13
N LEU B 772 -11.14 24.52 -41.31
CA LEU B 772 -10.26 23.92 -40.31
C LEU B 772 -9.16 23.08 -40.94
N GLY B 773 -9.37 22.59 -42.16
CA GLY B 773 -8.37 21.77 -42.81
C GLY B 773 -7.27 22.58 -43.43
N GLY B 774 -7.63 23.70 -44.06
CA GLY B 774 -6.65 24.55 -44.69
C GLY B 774 -6.75 24.49 -46.20
N ILE B 775 -5.66 24.12 -46.86
CA ILE B 775 -5.66 23.98 -48.30
C ILE B 775 -5.54 22.53 -48.76
N SER B 776 -4.79 21.70 -48.04
CA SER B 776 -4.66 20.29 -48.40
C SER B 776 -4.17 19.48 -47.21
N PRO B 777 -5.06 19.00 -46.34
CA PRO B 777 -4.63 18.16 -45.23
C PRO B 777 -4.08 16.83 -45.74
N VAL B 778 -2.85 16.50 -45.32
CA VAL B 778 -2.20 15.31 -45.83
C VAL B 778 -2.72 14.06 -45.12
N GLY B 779 -2.98 14.16 -43.82
CA GLY B 779 -3.44 12.99 -43.10
C GLY B 779 -4.49 13.27 -42.05
N PHE B 780 -5.16 14.41 -42.14
CA PHE B 780 -6.17 14.81 -41.19
C PHE B 780 -7.54 14.80 -41.86
N LYS B 781 -8.51 14.17 -41.22
CA LYS B 781 -9.85 14.02 -41.75
C LYS B 781 -10.87 14.24 -40.66
N PRO B 782 -12.10 14.62 -41.01
CA PRO B 782 -13.13 14.81 -39.98
C PRO B 782 -13.44 13.57 -39.16
N GLU B 783 -13.44 12.39 -39.78
CA GLU B 783 -13.76 11.16 -39.07
C GLU B 783 -12.50 10.49 -38.52
N GLY B 784 -11.71 11.26 -37.77
CA GLY B 784 -10.44 10.78 -37.30
C GLY B 784 -10.26 10.85 -35.80
N VAL B 785 -11.31 10.51 -35.05
CA VAL B 785 -11.27 10.51 -33.59
C VAL B 785 -11.54 9.11 -33.10
N GLY B 786 -10.72 8.64 -32.17
CA GLY B 786 -11.01 7.38 -31.50
C GLY B 786 -12.31 7.44 -30.73
N GLU B 787 -12.84 6.27 -30.39
CA GLU B 787 -14.14 6.20 -29.74
C GLU B 787 -14.06 5.52 -28.37
N ASP B 788 -12.86 5.36 -27.81
CA ASP B 788 -12.70 4.91 -26.43
C ASP B 788 -11.48 5.64 -25.88
N LEU B 789 -11.72 6.78 -25.23
CA LEU B 789 -10.64 7.66 -24.81
C LEU B 789 -10.90 7.80 -23.32
N LYS B 790 -10.45 6.85 -22.51
CA LYS B 790 -10.93 6.81 -21.14
C LYS B 790 -9.79 7.49 -20.39
N SER B 791 -8.71 6.76 -20.11
CA SER B 791 -7.58 7.29 -19.35
C SER B 791 -6.54 6.22 -19.06
N ASP B 792 -5.44 6.63 -18.44
CA ASP B 792 -4.53 5.72 -17.77
C ASP B 792 -4.95 5.56 -16.31
N PRO B 793 -4.83 4.35 -15.74
CA PRO B 793 -5.31 4.13 -14.37
C PRO B 793 -4.45 4.88 -13.36
N VAL B 794 -5.12 5.61 -12.46
CA VAL B 794 -4.46 6.33 -11.38
C VAL B 794 -4.27 5.37 -10.21
N VAL B 795 -3.03 5.25 -9.75
CA VAL B 795 -2.70 4.36 -8.64
C VAL B 795 -2.92 5.10 -7.33
N SER B 796 -3.57 4.44 -6.38
CA SER B 796 -3.89 5.06 -5.11
C SER B 796 -2.67 5.06 -4.19
N LYS B 797 -2.49 6.16 -3.47
CA LYS B 797 -1.43 6.25 -2.49
C LYS B 797 -1.74 5.32 -1.31
N PRO B 798 -0.70 4.77 -0.65
CA PRO B 798 -0.93 3.78 0.40
C PRO B 798 -1.83 4.26 1.53
N GLY B 799 -1.42 5.33 2.22
CA GLY B 799 -2.26 5.86 3.27
C GLY B 799 -2.91 7.16 2.87
N LEU B 800 -4.20 7.13 2.55
CA LEU B 800 -4.92 8.30 2.07
C LEU B 800 -6.22 8.42 2.85
N VAL B 801 -6.42 9.56 3.51
CA VAL B 801 -7.62 9.78 4.29
C VAL B 801 -8.83 9.82 3.36
N ASN B 802 -9.94 9.22 3.81
CA ASN B 802 -11.19 9.19 3.07
C ASN B 802 -11.04 8.46 1.73
N SER B 803 -10.55 7.23 1.82
CA SER B 803 -10.46 6.33 0.68
C SER B 803 -10.48 4.91 1.20
N ASP B 804 -11.41 4.10 0.71
CA ASP B 804 -11.61 2.76 1.26
C ASP B 804 -10.83 1.69 0.52
N ALA B 805 -9.77 2.07 -0.20
CA ALA B 805 -8.92 1.07 -0.82
C ALA B 805 -8.23 0.24 0.25
N SER B 806 -7.87 -0.98 -0.11
CA SER B 806 -7.29 -1.88 0.87
C SER B 806 -5.79 -1.62 1.00
N PRO B 807 -5.23 -1.70 2.22
CA PRO B 807 -3.80 -1.47 2.39
C PRO B 807 -2.94 -2.66 2.03
N ASN B 808 -3.52 -3.85 1.83
CA ASN B 808 -2.72 -5.03 1.54
C ASN B 808 -2.24 -5.06 0.09
N LYS B 809 -2.97 -4.44 -0.83
CA LYS B 809 -2.66 -4.52 -2.25
C LYS B 809 -2.56 -3.12 -2.84
N PRO B 810 -1.78 -2.96 -3.90
CA PRO B 810 -1.82 -1.70 -4.66
C PRO B 810 -3.01 -1.67 -5.60
N ASN B 811 -3.69 -0.52 -5.62
CA ASN B 811 -4.95 -0.37 -6.34
C ASN B 811 -4.84 0.73 -7.38
N ALA B 812 -5.61 0.56 -8.45
CA ALA B 812 -5.64 1.52 -9.55
C ALA B 812 -7.07 1.71 -10.01
N ALA B 813 -7.49 2.97 -10.16
CA ALA B 813 -8.84 3.30 -10.55
C ALA B 813 -8.83 4.19 -11.80
N ILE B 814 -9.89 4.06 -12.59
CA ILE B 814 -10.03 4.79 -13.85
C ILE B 814 -11.30 5.63 -13.77
N THR B 815 -11.14 6.95 -13.76
CA THR B 815 -12.27 7.86 -13.79
C THR B 815 -12.00 8.97 -14.81
N ASP B 816 -13.09 9.58 -15.28
CA ASP B 816 -12.98 10.71 -16.19
C ASP B 816 -14.26 11.54 -16.09
N SER B 817 -14.25 12.67 -16.79
CA SER B 817 -15.33 13.64 -16.71
C SER B 817 -16.53 13.14 -17.50
N ALA B 818 -17.54 14.01 -17.66
CA ALA B 818 -18.79 13.65 -18.29
C ALA B 818 -18.83 14.20 -19.71
N GLY B 819 -18.92 13.30 -20.68
CA GLY B 819 -18.96 13.68 -22.08
C GLY B 819 -17.61 13.74 -22.77
N THR B 820 -16.52 13.65 -22.01
CA THR B 820 -15.17 13.77 -22.55
C THR B 820 -14.48 12.41 -22.63
N ALA B 821 -15.21 11.35 -22.97
CA ALA B 821 -14.61 10.02 -23.01
C ALA B 821 -15.05 9.25 -24.24
N GLY B 822 -15.42 9.95 -25.30
CA GLY B 822 -15.76 9.31 -26.56
C GLY B 822 -17.25 9.15 -26.75
N GLY B 823 -17.59 8.44 -27.82
CA GLY B 823 -18.96 8.19 -28.20
C GLY B 823 -19.30 8.80 -29.53
N LYS B 824 -20.54 8.58 -29.95
CA LYS B 824 -21.03 9.08 -31.23
C LYS B 824 -22.29 9.89 -31.03
N GLY B 825 -22.55 10.80 -31.96
CA GLY B 825 -23.69 11.68 -31.89
C GLY B 825 -24.14 12.13 -33.26
N PRO B 826 -24.89 13.23 -33.30
CA PRO B 826 -25.37 13.75 -34.58
C PRO B 826 -24.22 14.19 -35.48
N VAL B 827 -24.54 14.37 -36.76
CA VAL B 827 -23.53 14.72 -37.75
C VAL B 827 -23.27 16.23 -37.68
N GLY B 828 -22.02 16.61 -37.89
CA GLY B 828 -21.61 18.01 -37.83
C GLY B 828 -21.65 18.68 -39.19
N ILE B 829 -20.79 19.69 -39.35
CA ILE B 829 -20.70 20.41 -40.61
C ILE B 829 -19.54 19.92 -41.48
N ASN B 830 -18.65 19.09 -40.96
CA ASN B 830 -17.73 18.36 -41.82
C ASN B 830 -18.31 17.04 -42.27
N GLY B 831 -19.06 16.37 -41.40
CA GLY B 831 -19.50 15.02 -41.65
C GLY B 831 -18.90 14.06 -40.65
N SER B 832 -18.61 14.57 -39.46
CA SER B 832 -18.01 13.79 -38.39
C SER B 832 -19.08 13.35 -37.40
N HIS B 833 -19.13 12.05 -37.12
CA HIS B 833 -20.06 11.50 -36.13
C HIS B 833 -19.36 11.34 -34.79
N ALA B 834 -18.86 12.45 -34.27
CA ALA B 834 -18.13 12.47 -33.01
C ALA B 834 -18.93 13.21 -31.96
N ALA B 835 -18.86 12.74 -30.72
CA ALA B 835 -19.55 13.37 -29.61
C ALA B 835 -18.65 14.43 -29.00
N LEU B 836 -19.11 15.69 -29.03
CA LEU B 836 -18.33 16.83 -28.60
C LEU B 836 -18.58 17.13 -27.12
N PRO B 837 -17.55 17.53 -26.39
CA PRO B 837 -17.70 17.77 -24.96
C PRO B 837 -18.08 19.20 -24.62
N PHE B 838 -18.22 19.48 -23.32
CA PHE B 838 -18.38 20.83 -22.80
C PHE B 838 -19.58 21.57 -23.36
N GLY B 839 -20.51 20.86 -23.99
CA GLY B 839 -21.68 21.51 -24.55
C GLY B 839 -21.45 22.21 -25.87
N LEU B 840 -20.55 21.68 -26.70
CA LEU B 840 -20.29 22.26 -28.02
C LEU B 840 -21.31 21.75 -29.02
N ASP B 841 -21.74 22.64 -29.90
CA ASP B 841 -22.81 22.34 -30.85
C ASP B 841 -22.24 21.65 -32.08
N PRO B 842 -22.67 20.44 -32.41
CA PRO B 842 -22.15 19.78 -33.62
C PRO B 842 -22.50 20.51 -34.90
N ALA B 843 -23.63 21.21 -34.94
CA ALA B 843 -24.03 21.93 -36.15
C ALA B 843 -23.20 23.17 -36.40
N ARG B 844 -22.24 23.49 -35.54
CA ARG B 844 -21.42 24.68 -35.73
C ARG B 844 -19.94 24.44 -35.39
N THR B 845 -19.55 23.22 -35.09
CA THR B 845 -18.18 22.93 -34.64
C THR B 845 -17.56 21.85 -35.51
N PRO B 846 -16.67 22.23 -36.42
CA PRO B 846 -15.91 21.23 -37.18
C PRO B 846 -14.93 20.49 -36.30
N VAL B 847 -14.56 19.29 -36.75
CA VAL B 847 -13.56 18.46 -36.10
C VAL B 847 -12.60 17.97 -37.18
N MET B 848 -11.38 17.64 -36.76
CA MET B 848 -10.36 17.18 -37.70
C MET B 848 -9.28 16.43 -36.95
N GLY B 849 -9.09 15.14 -37.26
CA GLY B 849 -8.12 14.33 -36.57
C GLY B 849 -7.46 13.32 -37.49
N SER B 850 -6.42 12.67 -36.95
CA SER B 850 -5.69 11.63 -37.67
C SER B 850 -5.55 10.41 -36.77
N TYR B 851 -6.58 9.56 -36.73
CA TYR B 851 -6.58 8.46 -35.77
C TYR B 851 -6.03 7.17 -36.37
N GLY B 852 -6.68 6.66 -37.41
CA GLY B 852 -6.25 5.40 -37.99
C GLY B 852 -5.32 5.56 -39.17
N GLU B 853 -4.26 6.35 -38.99
CA GLU B 853 -3.32 6.64 -40.08
C GLU B 853 -1.91 6.38 -39.56
N ASN B 854 -1.48 5.12 -39.68
CA ASN B 854 -0.18 4.67 -39.19
C ASN B 854 0.75 4.28 -40.32
N ASN B 855 0.64 4.98 -41.46
CA ASN B 855 1.51 4.72 -42.60
C ASN B 855 2.17 5.97 -43.16
N LEU B 856 1.62 7.15 -42.93
CA LEU B 856 2.15 8.40 -43.46
C LEU B 856 2.33 9.39 -42.32
N ALA B 857 2.76 10.60 -42.67
CA ALA B 857 2.95 11.69 -41.73
C ALA B 857 1.86 12.72 -41.95
N ALA B 858 1.01 12.92 -40.94
CA ALA B 858 -0.12 13.81 -41.07
C ALA B 858 0.33 15.27 -40.96
N THR B 859 -0.43 16.16 -41.58
CA THR B 859 -0.05 17.57 -41.67
C THR B 859 -1.26 18.39 -42.08
N ALA B 860 -1.48 19.51 -41.40
CA ALA B 860 -2.58 20.41 -41.74
C ALA B 860 -2.38 21.72 -41.01
N THR B 861 -2.59 22.84 -41.71
CA THR B 861 -2.59 24.16 -41.14
C THR B 861 -3.90 24.84 -41.49
N SER B 862 -4.63 25.30 -40.48
CA SER B 862 -5.98 25.80 -40.68
C SER B 862 -5.95 27.18 -41.34
N ALA B 863 -7.11 27.80 -41.44
CA ALA B 863 -7.24 29.14 -42.01
C ALA B 863 -6.99 30.19 -40.93
N TRP B 864 -6.99 31.45 -41.35
CA TRP B 864 -6.74 32.57 -40.43
C TRP B 864 -8.06 32.94 -39.76
N TYR B 865 -8.13 32.70 -38.45
CA TYR B 865 -9.29 33.06 -37.65
C TYR B 865 -9.10 34.43 -37.04
N GLN B 866 -10.18 35.20 -36.99
CA GLN B 866 -10.14 36.62 -36.66
C GLN B 866 -10.33 36.81 -35.16
N LEU B 867 -9.31 37.35 -34.49
CA LEU B 867 -9.34 37.59 -33.05
C LEU B 867 -10.15 38.84 -32.72
N PRO B 868 -10.90 38.84 -31.62
CA PRO B 868 -11.65 40.03 -31.23
C PRO B 868 -10.73 41.06 -30.60
N PRO B 869 -11.22 42.28 -30.38
CA PRO B 869 -10.35 43.31 -29.78
C PRO B 869 -9.91 42.95 -28.37
N ARG B 870 -8.82 43.57 -27.94
CA ARG B 870 -8.24 43.29 -26.64
C ARG B 870 -9.16 43.81 -25.53
N SER B 871 -9.33 42.99 -24.49
CA SER B 871 -10.20 43.32 -23.37
C SER B 871 -9.65 42.62 -22.13
N PRO B 872 -9.81 43.23 -20.95
CA PRO B 872 -9.26 42.62 -19.74
C PRO B 872 -10.02 41.41 -19.21
N ASP B 873 -11.22 41.15 -19.71
CA ASP B 873 -12.03 40.03 -19.22
C ASP B 873 -12.12 38.90 -20.23
N ARG B 874 -11.39 38.98 -21.34
CA ARG B 874 -11.27 37.89 -22.31
C ARG B 874 -9.78 37.65 -22.53
N PRO B 875 -9.11 36.97 -21.60
CA PRO B 875 -7.64 36.87 -21.64
C PRO B 875 -7.09 35.61 -22.30
N LEU B 876 -7.91 34.80 -22.95
CA LEU B 876 -7.51 33.43 -23.27
C LEU B 876 -7.99 33.06 -24.67
N VAL B 877 -7.22 32.20 -25.34
CA VAL B 877 -7.66 31.49 -26.53
C VAL B 877 -7.66 30.01 -26.18
N VAL B 878 -8.75 29.32 -26.50
CA VAL B 878 -8.96 27.94 -26.07
C VAL B 878 -9.16 27.06 -27.28
N VAL B 879 -8.57 25.87 -27.26
CA VAL B 879 -8.73 24.89 -28.33
C VAL B 879 -9.00 23.54 -27.69
N SER B 880 -10.15 22.96 -27.96
CA SER B 880 -10.46 21.63 -27.42
C SER B 880 -9.76 20.57 -28.26
N ALA B 881 -9.25 19.54 -27.59
CA ALA B 881 -8.45 18.54 -28.28
C ALA B 881 -8.41 17.25 -27.48
N ALA B 882 -8.10 16.16 -28.19
CA ALA B 882 -7.97 14.83 -27.64
C ALA B 882 -6.60 14.26 -27.99
N GLY B 883 -6.38 12.99 -27.68
CA GLY B 883 -5.15 12.36 -28.08
C GLY B 883 -3.92 12.83 -27.32
N ALA B 884 -2.76 12.57 -27.91
CA ALA B 884 -1.48 12.86 -27.29
C ALA B 884 -0.87 14.13 -27.89
N ILE B 885 -0.67 15.14 -27.06
CA ILE B 885 -0.17 16.44 -27.48
C ILE B 885 1.03 16.82 -26.63
N TRP B 886 1.99 17.51 -27.24
CA TRP B 886 3.26 17.85 -26.61
C TRP B 886 3.18 19.25 -26.01
N SER B 887 3.66 19.39 -24.77
CA SER B 887 3.65 20.68 -24.09
C SER B 887 4.59 20.60 -22.89
N TYR B 888 4.99 21.78 -22.41
CA TYR B 888 5.77 21.93 -21.19
C TYR B 888 4.85 22.22 -20.02
N LYS B 889 5.35 21.94 -18.81
CA LYS B 889 4.56 22.19 -17.60
C LYS B 889 5.39 22.98 -16.58
N GLU B 890 5.43 24.30 -16.75
CA GLU B 890 5.75 25.29 -15.71
C GLU B 890 7.10 25.08 -15.03
N ASP B 891 7.86 24.06 -15.47
CA ASP B 891 9.16 23.76 -14.88
C ASP B 891 10.25 23.60 -15.93
N GLY B 892 9.94 23.79 -17.21
CA GLY B 892 10.82 23.34 -18.26
C GLY B 892 10.69 21.86 -18.57
N ASP B 893 9.90 21.13 -17.80
CA ASP B 893 9.61 19.74 -18.09
C ASP B 893 8.75 19.65 -19.33
N PHE B 894 8.38 18.42 -19.71
CA PHE B 894 7.57 18.24 -20.90
C PHE B 894 6.69 17.01 -20.76
N ILE B 895 5.65 16.97 -21.58
CA ILE B 895 4.78 15.80 -21.74
C ILE B 895 4.91 15.33 -23.18
N TYR B 896 5.05 14.02 -23.35
CA TYR B 896 5.38 13.48 -24.66
C TYR B 896 4.14 13.37 -25.53
N GLY B 897 4.20 13.97 -26.71
CA GLY B 897 3.10 13.90 -27.65
C GLY B 897 3.49 14.51 -28.97
N GLN B 898 2.48 14.93 -29.72
CA GLN B 898 2.67 15.48 -31.05
C GLN B 898 2.50 16.99 -31.03
N SER B 899 2.59 17.60 -32.21
CA SER B 899 2.75 19.05 -32.33
C SER B 899 1.43 19.74 -32.64
N LEU B 900 1.15 20.81 -31.91
CA LEU B 900 0.02 21.70 -32.16
C LEU B 900 0.41 23.07 -31.62
N LYS B 901 0.36 24.11 -32.47
CA LYS B 901 1.08 25.32 -32.12
C LYS B 901 0.31 26.63 -32.18
N LEU B 902 -0.63 26.82 -33.11
CA LEU B 902 -1.41 28.06 -33.16
C LEU B 902 -0.52 29.30 -33.34
N GLN B 903 0.05 29.40 -34.53
CA GLN B 903 0.77 30.59 -34.95
C GLN B 903 -0.08 31.85 -34.84
N TRP B 904 0.56 32.99 -34.61
CA TRP B 904 -0.10 34.28 -34.58
C TRP B 904 -0.06 34.91 -35.98
N GLY B 905 -0.38 36.19 -36.07
CA GLY B 905 -0.35 36.88 -37.35
C GLY B 905 -0.98 38.25 -37.29
N VAL B 906 -0.56 39.16 -38.16
CA VAL B 906 -1.06 40.54 -38.15
C VAL B 906 -1.45 40.93 -39.57
N THR B 907 -2.61 41.57 -39.71
CA THR B 907 -3.07 42.02 -41.02
C THR B 907 -2.52 43.40 -41.31
N GLY B 908 -1.97 43.58 -42.52
CA GLY B 908 -1.43 44.85 -42.93
C GLY B 908 -2.50 45.84 -43.32
N PRO B 909 -2.14 46.83 -44.15
CA PRO B 909 -3.15 47.79 -44.60
C PRO B 909 -4.14 47.18 -45.58
N ASP B 910 -3.75 46.13 -46.29
CA ASP B 910 -4.62 45.40 -47.20
C ASP B 910 -4.66 43.93 -46.77
N GLY B 911 -5.36 43.12 -47.56
CA GLY B 911 -5.52 41.72 -47.21
C GLY B 911 -4.27 40.90 -47.42
N ARG B 912 -3.24 41.17 -46.63
CA ARG B 912 -1.96 40.48 -46.71
C ARG B 912 -1.50 40.20 -45.28
N ILE B 913 -1.85 39.02 -44.78
CA ILE B 913 -1.60 38.67 -43.38
C ILE B 913 -0.15 38.22 -43.23
N GLN B 914 0.62 38.95 -42.42
CA GLN B 914 2.00 38.57 -42.15
C GLN B 914 2.03 37.67 -40.92
N PRO B 915 2.55 36.45 -41.04
CA PRO B 915 2.62 35.56 -39.87
C PRO B 915 3.84 35.83 -39.01
N LEU B 916 3.72 35.53 -37.72
CA LEU B 916 4.80 35.76 -36.78
C LEU B 916 4.56 34.95 -35.51
N GLY B 917 5.51 34.09 -35.15
CA GLY B 917 5.50 33.46 -33.85
C GLY B 917 4.60 32.26 -33.69
N GLN B 918 5.13 31.18 -33.14
CA GLN B 918 4.37 29.98 -32.81
C GLN B 918 4.63 29.62 -31.35
N VAL B 919 3.60 29.12 -30.68
CA VAL B 919 3.64 28.92 -29.23
C VAL B 919 3.14 27.53 -28.88
N PHE B 920 3.63 27.01 -27.84
CA PHE B 920 3.12 25.72 -27.41
C PHE B 920 1.88 25.90 -26.54
N PRO B 921 1.00 24.92 -26.49
CA PRO B 921 -0.21 25.06 -25.66
C PRO B 921 0.09 24.82 -24.19
N ILE B 922 -0.80 25.34 -23.36
CA ILE B 922 -0.85 24.94 -21.95
C ILE B 922 -1.89 23.84 -21.83
N ASP B 923 -1.47 22.68 -21.35
CA ASP B 923 -2.28 21.47 -21.32
C ASP B 923 -2.18 20.85 -19.93
N ILE B 924 -3.33 20.53 -19.33
CA ILE B 924 -3.35 20.01 -17.97
C ILE B 924 -4.12 18.71 -17.81
N GLY B 925 -5.05 18.37 -18.71
CA GLY B 925 -5.99 17.30 -18.45
C GLY B 925 -5.44 15.91 -18.64
N PRO B 926 -6.32 14.92 -18.56
CA PRO B 926 -5.89 13.53 -18.80
C PRO B 926 -5.47 13.32 -20.24
N GLN B 927 -4.76 12.21 -20.48
CA GLN B 927 -4.01 12.10 -21.73
C GLN B 927 -4.91 12.00 -22.95
N PRO B 928 -5.71 10.93 -23.14
CA PRO B 928 -6.44 10.81 -24.41
C PRO B 928 -7.78 11.52 -24.43
N ALA B 929 -8.36 11.83 -23.27
CA ALA B 929 -9.69 12.43 -23.23
C ALA B 929 -9.67 13.84 -23.80
N TRP B 930 -10.87 14.38 -24.03
CA TRP B 930 -10.97 15.75 -24.50
C TRP B 930 -10.59 16.72 -23.39
N ARG B 931 -10.10 17.90 -23.79
CA ARG B 931 -9.69 18.91 -22.83
C ARG B 931 -9.49 20.23 -23.57
N ASN B 932 -9.22 21.28 -22.81
CA ASN B 932 -8.95 22.61 -23.36
C ASN B 932 -7.46 22.91 -23.27
N LEU B 933 -6.86 23.25 -24.41
CA LEU B 933 -5.51 23.77 -24.47
C LEU B 933 -5.58 25.28 -24.51
N ARG B 934 -4.75 25.92 -23.69
CA ARG B 934 -4.86 27.35 -23.42
C ARG B 934 -3.67 28.11 -23.99
N PHE B 935 -3.98 29.24 -24.62
CA PHE B 935 -2.97 30.18 -25.13
C PHE B 935 -3.37 31.55 -24.61
N PRO B 936 -2.74 32.04 -23.54
CA PRO B 936 -3.08 33.37 -23.04
C PRO B 936 -2.80 34.45 -24.07
N LEU B 937 -3.64 35.49 -24.06
CA LEU B 937 -3.47 36.61 -24.96
C LEU B 937 -2.43 37.60 -24.47
N ALA B 938 -1.67 37.25 -23.44
CA ALA B 938 -0.50 38.02 -23.03
C ALA B 938 0.77 37.55 -23.73
N TRP B 939 0.75 36.34 -24.28
CA TRP B 939 1.84 35.89 -25.14
C TRP B 939 1.83 36.59 -26.49
N ALA B 940 0.70 37.10 -26.92
CA ALA B 940 0.60 37.69 -28.25
C ALA B 940 1.27 39.05 -28.28
N PRO B 941 1.92 39.41 -29.38
CA PRO B 941 2.42 40.77 -29.53
C PRO B 941 1.29 41.77 -29.57
N PRO B 942 1.56 43.05 -29.31
CA PRO B 942 0.48 44.04 -29.33
C PRO B 942 -0.24 44.14 -30.67
N GLU B 943 0.34 43.64 -31.75
CA GLU B 943 -0.32 43.58 -33.05
C GLU B 943 -0.38 42.10 -33.47
N ALA B 944 -1.49 41.46 -33.10
CA ALA B 944 -1.77 40.09 -33.54
C ALA B 944 -3.28 39.92 -33.51
N ASP B 945 -3.91 40.07 -34.69
CA ASP B 945 -5.36 40.06 -34.77
C ASP B 945 -5.91 38.87 -35.56
N VAL B 946 -5.08 37.87 -35.86
CA VAL B 946 -5.52 36.62 -36.47
C VAL B 946 -4.69 35.48 -35.86
N ALA B 947 -5.15 34.26 -36.08
CA ALA B 947 -4.44 33.08 -35.59
C ALA B 947 -4.73 31.90 -36.50
N ARG B 948 -3.96 30.84 -36.34
CA ARG B 948 -4.16 29.63 -37.14
C ARG B 948 -3.40 28.48 -36.50
N ILE B 949 -3.98 27.30 -36.59
CA ILE B 949 -3.39 26.11 -35.99
C ILE B 949 -2.37 25.49 -36.95
N VAL B 950 -1.34 24.86 -36.38
CA VAL B 950 -0.29 24.21 -37.15
C VAL B 950 -0.12 22.81 -36.57
N ALA B 951 -0.69 21.80 -37.25
CA ALA B 951 -0.68 20.43 -36.77
C ALA B 951 0.29 19.59 -37.59
N TYR B 952 0.94 18.64 -36.91
CA TYR B 952 1.95 17.81 -37.56
C TYR B 952 2.16 16.56 -36.72
N ASP B 953 1.82 15.40 -37.28
CA ASP B 953 1.96 14.11 -36.58
C ASP B 953 2.83 13.17 -37.40
N PRO B 954 4.12 13.05 -37.08
CA PRO B 954 4.98 12.16 -37.87
C PRO B 954 5.15 10.77 -37.27
N ASN B 955 4.66 10.55 -36.06
CA ASN B 955 4.86 9.28 -35.39
C ASN B 955 3.82 8.26 -35.84
N LEU B 956 4.27 7.02 -36.05
CA LEU B 956 3.45 5.98 -36.64
C LEU B 956 2.88 5.00 -35.62
N SER B 957 3.06 5.27 -34.32
CA SER B 957 2.46 4.40 -33.32
C SER B 957 0.94 4.51 -33.39
N PRO B 958 0.22 3.43 -33.09
CA PRO B 958 -1.24 3.47 -33.16
C PRO B 958 -1.89 4.30 -32.06
N GLU B 959 -1.14 4.81 -31.10
CA GLU B 959 -1.69 5.58 -29.99
C GLU B 959 -1.17 7.01 -29.95
N GLN B 960 -0.83 7.57 -31.11
CA GLN B 960 -0.36 8.95 -31.20
C GLN B 960 -1.15 9.70 -32.27
N TRP B 961 -1.98 10.63 -31.83
CA TRP B 961 -2.90 11.40 -32.68
C TRP B 961 -3.51 12.47 -31.79
N PHE B 962 -4.10 13.52 -32.39
CA PHE B 962 -4.69 14.49 -31.45
C PHE B 962 -6.08 15.04 -31.80
N ALA B 963 -6.52 15.09 -33.05
CA ALA B 963 -7.93 15.39 -33.31
C ALA B 963 -8.44 16.70 -32.70
N PHE B 964 -7.97 17.84 -33.20
CA PHE B 964 -8.29 19.13 -32.58
C PHE B 964 -9.63 19.68 -33.06
N THR B 965 -9.90 20.94 -32.71
CA THR B 965 -11.15 21.65 -33.01
C THR B 965 -10.81 23.13 -33.08
N PRO B 966 -11.63 23.94 -33.76
CA PRO B 966 -11.23 25.34 -34.02
C PRO B 966 -11.09 26.14 -32.74
N PRO B 967 -10.40 27.27 -32.78
CA PRO B 967 -10.18 28.07 -31.56
C PRO B 967 -11.35 29.00 -31.27
N ARG B 968 -11.37 29.48 -30.02
CA ARG B 968 -12.40 30.38 -29.56
C ARG B 968 -11.85 31.23 -28.41
N VAL B 969 -12.36 32.45 -28.31
CA VAL B 969 -12.04 33.33 -27.20
C VAL B 969 -13.24 33.34 -26.25
N PRO B 970 -13.24 32.54 -25.19
CA PRO B 970 -14.45 32.35 -24.39
C PRO B 970 -14.88 33.62 -23.67
N VAL B 971 -16.17 33.65 -23.35
CA VAL B 971 -16.78 34.71 -22.54
C VAL B 971 -17.04 34.11 -21.16
N LEU B 972 -16.29 34.56 -20.16
CA LEU B 972 -16.28 33.94 -18.85
C LEU B 972 -17.13 34.72 -17.86
N GLU B 973 -17.60 34.01 -16.84
CA GLU B 973 -18.32 34.66 -15.74
C GLU B 973 -18.02 33.89 -14.46
N SER B 974 -18.07 34.60 -13.33
CA SER B 974 -17.69 33.97 -12.07
C SER B 974 -18.57 32.77 -11.77
N LEU B 975 -18.07 31.89 -10.90
CA LEU B 975 -18.87 30.74 -10.49
C LEU B 975 -19.94 31.13 -9.48
N GLN B 976 -19.72 32.19 -8.71
CA GLN B 976 -20.72 32.68 -7.79
C GLN B 976 -21.93 33.26 -8.52
N ARG B 977 -21.72 33.81 -9.71
CA ARG B 977 -22.82 34.28 -10.53
C ARG B 977 -23.51 33.16 -11.29
N LEU B 978 -22.83 32.04 -11.49
CA LEU B 978 -23.42 30.90 -12.18
C LEU B 978 -24.29 30.07 -11.24
N ILE B 979 -23.71 29.60 -10.12
CA ILE B 979 -24.45 28.75 -9.20
C ILE B 979 -25.36 29.60 -8.33
N GLY B 980 -24.79 30.50 -7.53
CA GLY B 980 -25.54 31.56 -6.91
C GLY B 980 -25.88 31.44 -5.43
N SER B 981 -25.35 30.43 -4.74
CA SER B 981 -25.52 30.27 -3.28
C SER B 981 -26.97 30.07 -2.86
N ALA B 982 -27.85 29.69 -3.77
CA ALA B 982 -29.23 29.41 -3.43
C ALA B 982 -29.75 28.08 -3.99
N THR B 983 -29.07 27.48 -4.95
CA THR B 983 -29.42 26.20 -5.54
C THR B 983 -28.71 25.07 -4.79
N PRO B 984 -29.29 23.87 -4.79
CA PRO B 984 -28.63 22.75 -4.13
C PRO B 984 -27.42 22.27 -4.92
N VAL B 985 -26.33 22.02 -4.20
CA VAL B 985 -25.07 21.59 -4.79
C VAL B 985 -24.61 20.35 -4.06
N LEU B 986 -23.80 19.54 -4.73
CA LEU B 986 -23.17 18.37 -4.13
C LEU B 986 -21.66 18.62 -4.15
N MET B 987 -21.16 19.30 -3.12
CA MET B 987 -19.72 19.44 -2.96
C MET B 987 -19.13 18.13 -2.47
N ASP B 988 -17.98 17.77 -3.02
CA ASP B 988 -17.29 16.57 -2.55
C ASP B 988 -16.65 16.87 -1.20
N ILE B 989 -15.86 15.93 -0.69
CA ILE B 989 -15.30 16.10 0.64
C ILE B 989 -14.18 17.12 0.63
N ALA B 990 -13.38 17.13 -0.44
CA ALA B 990 -12.26 18.06 -0.52
C ALA B 990 -12.72 19.48 -0.83
N THR B 991 -13.63 19.62 -1.79
CA THR B 991 -14.08 20.94 -2.24
C THR B 991 -15.31 21.41 -1.50
N ALA B 992 -15.27 21.43 -0.17
CA ALA B 992 -16.39 21.89 0.62
C ALA B 992 -16.04 22.94 1.65
N ALA B 993 -14.76 23.11 1.99
CA ALA B 993 -14.34 24.22 2.84
C ALA B 993 -13.96 25.45 2.05
N ASN B 994 -13.76 25.32 0.73
CA ASN B 994 -13.40 26.43 -0.12
C ASN B 994 -14.60 27.15 -0.71
N PHE B 995 -15.77 26.51 -0.72
CA PHE B 995 -17.01 27.09 -1.23
C PHE B 995 -17.98 27.19 -0.05
N PRO B 996 -17.87 28.23 0.78
CA PRO B 996 -18.74 28.34 1.95
C PRO B 996 -20.07 29.03 1.71
N CYS B 997 -20.30 29.57 0.52
CA CYS B 997 -21.59 30.19 0.22
C CYS B 997 -22.56 29.25 -0.48
N GLN B 998 -22.05 28.32 -1.28
CA GLN B 998 -22.91 27.33 -1.92
C GLN B 998 -23.47 26.38 -0.86
N ARG B 999 -24.75 26.05 -1.00
CA ARG B 999 -25.33 25.24 0.05
C ARG B 999 -25.58 23.81 -0.43
N PRO B 1000 -25.36 22.83 0.42
CA PRO B 1000 -25.60 21.43 0.03
C PRO B 1000 -27.08 21.09 0.10
N PHE B 1001 -27.44 20.02 -0.58
CA PHE B 1001 -28.84 19.61 -0.59
C PHE B 1001 -29.22 18.98 0.74
N SER B 1002 -30.47 19.20 1.14
CA SER B 1002 -30.94 18.78 2.44
C SER B 1002 -31.53 17.37 2.39
N GLU B 1003 -31.73 16.79 3.58
CA GLU B 1003 -32.32 15.46 3.72
C GLU B 1003 -33.32 15.54 4.87
N HIS B 1004 -34.58 15.85 4.53
CA HIS B 1004 -35.62 16.05 5.51
C HIS B 1004 -36.55 14.84 5.51
N LEU B 1005 -36.70 14.21 6.68
CA LEU B 1005 -37.60 13.07 6.88
C LEU B 1005 -37.15 11.85 6.08
N GLY B 1006 -35.83 11.65 5.98
CA GLY B 1006 -35.30 10.50 5.30
C GLY B 1006 -35.39 10.54 3.79
N ILE B 1007 -35.88 11.63 3.20
CA ILE B 1007 -35.98 11.78 1.76
C ILE B 1007 -35.03 12.89 1.34
N ALA B 1008 -34.23 12.63 0.33
CA ALA B 1008 -33.22 13.57 -0.12
C ALA B 1008 -33.81 14.54 -1.14
N GLU B 1009 -33.12 15.67 -1.31
CA GLU B 1009 -33.46 16.68 -2.30
C GLU B 1009 -32.44 16.62 -3.42
N LEU B 1010 -32.92 16.55 -4.66
CA LEU B 1010 -32.04 16.31 -5.78
C LEU B 1010 -31.18 17.54 -6.06
N PRO B 1011 -29.87 17.40 -6.16
CA PRO B 1011 -29.01 18.56 -6.45
C PRO B 1011 -29.11 18.95 -7.93
N GLN B 1012 -28.51 20.09 -8.23
CA GLN B 1012 -28.50 20.62 -9.59
C GLN B 1012 -27.12 20.80 -10.18
N TYR B 1013 -26.07 20.85 -9.36
CA TYR B 1013 -24.70 20.96 -9.81
C TYR B 1013 -23.85 19.97 -9.03
N ARG B 1014 -22.55 19.96 -9.33
CA ARG B 1014 -21.61 19.15 -8.58
C ARG B 1014 -20.22 19.74 -8.75
N ILE B 1015 -19.50 19.87 -7.64
CA ILE B 1015 -18.15 20.43 -7.64
C ILE B 1015 -17.20 19.32 -7.20
N LEU B 1016 -16.20 19.05 -8.02
CA LEU B 1016 -15.26 17.97 -7.80
C LEU B 1016 -13.87 18.51 -7.49
N PRO B 1017 -13.02 17.70 -6.86
CA PRO B 1017 -11.60 18.06 -6.77
C PRO B 1017 -10.84 17.66 -8.04
N ASP B 1018 -9.52 17.78 -8.01
CA ASP B 1018 -8.72 17.52 -9.20
C ASP B 1018 -8.81 16.05 -9.60
N HIS B 1019 -8.11 15.70 -10.69
CA HIS B 1019 -8.25 14.37 -11.27
C HIS B 1019 -7.65 13.31 -10.37
N LYS B 1020 -6.44 13.54 -9.87
CA LYS B 1020 -5.79 12.55 -9.01
C LYS B 1020 -6.54 12.35 -7.71
N GLN B 1021 -7.25 13.38 -7.24
CA GLN B 1021 -8.02 13.26 -6.01
C GLN B 1021 -9.36 12.59 -6.26
N THR B 1022 -10.04 12.96 -7.35
CA THR B 1022 -11.33 12.37 -7.67
C THR B 1022 -11.20 10.88 -7.98
N ALA B 1023 -10.19 10.51 -8.78
CA ALA B 1023 -10.04 9.11 -9.14
C ALA B 1023 -9.70 8.25 -7.94
N ALA B 1024 -9.04 8.82 -6.94
CA ALA B 1024 -8.52 8.02 -5.83
C ALA B 1024 -9.44 7.98 -4.63
N SER B 1025 -10.10 9.09 -4.29
CA SER B 1025 -10.85 9.15 -3.04
C SER B 1025 -12.33 9.46 -3.23
N SER B 1026 -12.66 10.48 -4.02
CA SER B 1026 -14.03 10.99 -4.03
C SER B 1026 -14.99 10.06 -4.74
N ASN B 1027 -14.51 9.28 -5.70
CA ASN B 1027 -15.40 8.42 -6.46
C ASN B 1027 -15.68 7.10 -5.75
N LEU B 1028 -14.75 6.65 -4.92
CA LEU B 1028 -14.90 5.38 -4.22
C LEU B 1028 -15.16 5.54 -2.73
N TRP B 1029 -15.25 6.76 -2.22
CA TRP B 1029 -15.78 6.94 -0.87
C TRP B 1029 -17.29 7.10 -0.89
N GLN B 1030 -17.80 7.96 -1.78
CA GLN B 1030 -19.23 8.17 -1.92
C GLN B 1030 -19.84 7.25 -2.97
N SER B 1031 -19.56 5.96 -2.87
CA SER B 1031 -20.11 5.01 -3.82
C SER B 1031 -21.59 4.80 -3.55
N SER B 1032 -22.21 3.92 -4.34
CA SER B 1032 -23.57 3.49 -4.07
C SER B 1032 -23.62 2.16 -3.34
N SER B 1033 -22.59 1.33 -3.50
CA SER B 1033 -22.48 0.10 -2.73
C SER B 1033 -22.08 0.35 -1.29
N THR B 1034 -21.72 1.59 -0.95
CA THR B 1034 -21.36 1.95 0.42
C THR B 1034 -22.30 2.96 1.04
N GLY B 1035 -23.25 3.50 0.29
CA GLY B 1035 -24.29 4.35 0.86
C GLY B 1035 -24.19 5.83 0.58
N GLY B 1036 -23.27 6.25 -0.29
CA GLY B 1036 -23.08 7.66 -0.54
C GLY B 1036 -24.22 8.24 -1.36
N PRO B 1037 -24.10 9.53 -1.68
CA PRO B 1037 -25.14 10.18 -2.50
C PRO B 1037 -25.23 9.64 -3.92
N PHE B 1038 -24.22 8.93 -4.40
CA PHE B 1038 -24.30 8.27 -5.69
C PHE B 1038 -25.36 7.19 -5.69
N LEU B 1039 -25.94 6.88 -4.53
CA LEU B 1039 -27.08 5.97 -4.46
C LEU B 1039 -28.22 6.47 -5.33
N PHE B 1040 -28.49 7.77 -5.31
CA PHE B 1040 -29.60 8.32 -6.06
C PHE B 1040 -29.23 9.45 -7.01
N THR B 1041 -28.01 9.96 -6.98
CA THR B 1041 -27.59 10.90 -8.02
C THR B 1041 -27.02 10.21 -9.24
N GLN B 1042 -27.11 8.89 -9.31
CA GLN B 1042 -26.74 8.14 -10.49
C GLN B 1042 -27.89 7.35 -11.08
N ALA B 1043 -28.94 7.08 -10.31
CA ALA B 1043 -30.12 6.39 -10.79
C ALA B 1043 -31.23 7.34 -11.22
N LEU B 1044 -31.12 8.63 -10.90
CA LEU B 1044 -32.19 9.59 -11.20
C LEU B 1044 -31.74 10.80 -12.00
N LEU B 1045 -30.43 11.02 -12.17
CA LEU B 1045 -29.93 12.21 -12.83
C LEU B 1045 -28.94 11.83 -13.92
N ARG B 1046 -28.70 12.77 -14.83
CA ARG B 1046 -27.74 12.62 -15.92
C ARG B 1046 -26.79 13.80 -15.88
N THR B 1047 -25.50 13.52 -15.96
CA THR B 1047 -24.49 14.54 -15.71
C THR B 1047 -23.89 15.07 -17.01
N SER B 1048 -23.32 16.27 -16.91
CA SER B 1048 -22.69 16.95 -18.03
C SER B 1048 -21.39 17.58 -17.51
N THR B 1049 -20.81 18.49 -18.27
CA THR B 1049 -19.58 19.14 -17.82
C THR B 1049 -19.56 20.59 -18.29
N ILE B 1050 -18.92 21.45 -17.49
CA ILE B 1050 -18.79 22.87 -17.76
C ILE B 1050 -17.31 23.21 -17.79
N ALA B 1051 -16.92 24.10 -18.70
CA ALA B 1051 -15.53 24.50 -18.87
C ALA B 1051 -15.22 25.62 -17.87
N THR B 1052 -14.36 25.31 -16.90
CA THR B 1052 -14.02 26.24 -15.83
C THR B 1052 -12.52 26.45 -15.79
N TYR B 1053 -12.12 27.67 -15.44
CA TYR B 1053 -10.73 28.08 -15.35
C TYR B 1053 -10.51 28.75 -14.00
N LEU B 1054 -9.27 28.74 -13.54
CA LEU B 1054 -8.90 29.45 -12.31
C LEU B 1054 -8.28 30.79 -12.71
N ARG B 1055 -8.87 31.88 -12.23
CA ARG B 1055 -8.50 33.20 -12.69
C ARG B 1055 -7.03 33.49 -12.46
N GLY B 1056 -6.32 33.86 -13.54
CA GLY B 1056 -4.93 34.25 -13.47
C GLY B 1056 -3.94 33.12 -13.48
N ASP B 1057 -4.34 31.91 -13.09
CA ASP B 1057 -3.44 30.76 -12.97
C ASP B 1057 -3.85 29.73 -14.02
N TRP B 1058 -3.28 29.83 -15.21
CA TRP B 1058 -3.67 29.00 -16.34
C TRP B 1058 -2.95 27.66 -16.36
N TYR B 1059 -2.10 27.38 -15.39
CA TYR B 1059 -1.39 26.12 -15.30
C TYR B 1059 -2.00 25.16 -14.28
N ARG B 1060 -3.13 25.51 -13.70
CA ARG B 1060 -3.62 24.85 -12.50
C ARG B 1060 -4.79 23.95 -12.83
N ASP B 1061 -4.69 22.68 -12.41
CA ASP B 1061 -5.76 21.70 -12.57
C ASP B 1061 -6.49 21.61 -11.23
N TRP B 1062 -7.30 22.62 -10.96
CA TRP B 1062 -8.25 22.53 -9.85
C TRP B 1062 -9.51 21.87 -10.37
N GLY B 1063 -10.00 20.87 -9.65
CA GLY B 1063 -11.39 20.45 -9.75
C GLY B 1063 -12.07 20.38 -11.10
N SER B 1064 -13.38 20.58 -11.09
CA SER B 1064 -14.28 20.66 -12.25
C SER B 1064 -15.68 20.87 -11.73
N VAL B 1065 -16.57 21.30 -12.62
CA VAL B 1065 -17.98 21.48 -12.30
C VAL B 1065 -18.80 20.68 -13.31
N GLU B 1066 -19.92 20.14 -12.84
CA GLU B 1066 -20.79 19.30 -13.66
C GLU B 1066 -22.25 19.65 -13.39
N GLN B 1067 -23.05 19.69 -14.44
CA GLN B 1067 -24.46 20.00 -14.32
C GLN B 1067 -25.28 18.73 -14.34
N TYR B 1068 -26.46 18.79 -13.71
CA TYR B 1068 -27.34 17.65 -13.53
C TYR B 1068 -28.67 17.92 -14.20
N HIS B 1069 -29.13 16.98 -15.02
CA HIS B 1069 -30.43 17.05 -15.67
C HIS B 1069 -31.26 15.84 -15.27
N ARG B 1070 -32.55 16.06 -15.04
CA ARG B 1070 -33.43 14.96 -14.66
C ARG B 1070 -33.57 13.95 -15.78
N LEU B 1071 -33.66 12.67 -15.43
CA LEU B 1071 -33.97 11.65 -16.41
C LEU B 1071 -35.45 11.65 -16.75
N VAL B 1072 -36.31 11.81 -15.74
CA VAL B 1072 -37.74 11.98 -15.91
C VAL B 1072 -38.09 13.39 -15.46
N PRO B 1073 -38.51 14.28 -16.36
CA PRO B 1073 -38.73 15.68 -15.98
C PRO B 1073 -39.81 15.83 -14.92
N ALA B 1074 -39.64 16.83 -14.07
CA ALA B 1074 -40.55 17.04 -12.96
C ALA B 1074 -41.91 17.59 -13.36
N ASP B 1075 -42.17 17.76 -14.65
CA ASP B 1075 -43.50 18.16 -15.09
C ASP B 1075 -44.45 16.97 -15.16
N GLN B 1076 -43.92 15.76 -15.18
CA GLN B 1076 -44.73 14.55 -15.15
C GLN B 1076 -44.39 13.62 -14.00
N ALA B 1077 -43.24 13.81 -13.33
CA ALA B 1077 -42.87 13.07 -12.13
C ALA B 1077 -42.60 14.05 -11.00
N PRO B 1078 -43.65 14.68 -10.46
CA PRO B 1078 -43.44 15.67 -9.39
C PRO B 1078 -43.02 15.04 -8.08
N ASP B 1079 -42.89 15.85 -7.03
CA ASP B 1079 -42.41 15.37 -5.75
C ASP B 1079 -43.53 14.69 -4.96
N ALA B 1080 -43.14 14.07 -3.86
CA ALA B 1080 -44.06 13.33 -3.02
C ALA B 1080 -44.66 14.21 -1.94
N VAL B 1081 -45.74 13.71 -1.34
CA VAL B 1081 -46.52 14.45 -0.35
C VAL B 1081 -46.42 13.65 0.95
N VAL B 1082 -45.23 13.12 1.22
CA VAL B 1082 -44.95 12.23 2.34
C VAL B 1082 -45.62 12.70 3.63
N GLU B 1083 -46.35 11.80 4.28
CA GLU B 1083 -47.03 12.08 5.53
C GLU B 1083 -46.05 12.17 6.68
N GLU B 1084 -46.58 12.32 7.89
CA GLU B 1084 -45.74 12.44 9.08
C GLU B 1084 -46.59 12.17 10.31
N GLY B 1085 -45.99 11.54 11.30
CA GLY B 1085 -46.66 11.21 12.53
C GLY B 1085 -45.68 11.14 13.68
N VAL B 1086 -46.09 10.44 14.74
CA VAL B 1086 -45.25 10.30 15.92
C VAL B 1086 -45.73 9.08 16.70
N ILE B 1087 -44.77 8.29 17.18
CA ILE B 1087 -45.04 7.12 18.01
C ILE B 1087 -44.12 7.16 19.22
N THR B 1088 -44.20 6.12 20.04
CA THR B 1088 -43.36 5.99 21.23
C THR B 1088 -42.78 4.59 21.25
N VAL B 1089 -41.46 4.48 21.19
CA VAL B 1089 -40.79 3.19 21.18
C VAL B 1089 -39.89 3.07 22.40
N PRO B 1090 -39.66 1.87 22.92
CA PRO B 1090 -38.70 1.72 24.03
C PRO B 1090 -37.26 1.83 23.55
N GLY B 1091 -36.30 1.64 24.44
CA GLY B 1091 -34.90 1.81 24.12
C GLY B 1091 -34.15 0.55 23.80
N TRP B 1092 -34.80 -0.61 23.84
CA TRP B 1092 -34.16 -1.88 23.51
C TRP B 1092 -34.68 -2.51 22.24
N GLY B 1093 -35.85 -2.09 21.74
CA GLY B 1093 -36.42 -2.73 20.57
C GLY B 1093 -35.70 -2.33 19.30
N ARG B 1094 -35.66 -3.27 18.36
CA ARG B 1094 -35.02 -3.07 17.07
C ARG B 1094 -35.84 -3.75 15.97
N PRO B 1095 -36.40 -2.99 15.02
CA PRO B 1095 -37.29 -3.55 14.00
C PRO B 1095 -36.56 -4.05 12.75
N GLY B 1096 -35.59 -4.95 12.95
CA GLY B 1096 -34.86 -5.51 11.84
C GLY B 1096 -33.72 -4.63 11.40
N PRO B 1097 -32.80 -5.18 10.61
CA PRO B 1097 -31.61 -4.43 10.23
C PRO B 1097 -31.86 -3.54 9.02
N ILE B 1098 -30.92 -2.63 8.81
CA ILE B 1098 -30.87 -1.82 7.60
C ILE B 1098 -30.12 -2.61 6.54
N ARG B 1099 -30.61 -2.59 5.30
CA ARG B 1099 -30.01 -3.35 4.22
C ARG B 1099 -28.70 -2.66 3.82
N ALA B 1100 -27.67 -2.89 4.64
CA ALA B 1100 -26.35 -2.32 4.40
C ALA B 1100 -25.46 -3.32 3.66
N LEU B 1101 -25.92 -3.69 2.46
CA LEU B 1101 -25.23 -4.67 1.65
C LEU B 1101 -24.78 -4.03 0.34
N PRO B 1102 -23.66 -4.52 -0.24
CA PRO B 1102 -23.14 -3.94 -1.48
C PRO B 1102 -23.96 -4.35 -2.70
N ALA C 2 15.45 8.63 67.00
CA ALA C 2 14.22 9.34 66.63
C ALA C 2 14.04 10.57 67.50
N ALA C 3 15.14 11.07 68.08
CA ALA C 3 15.07 12.22 68.97
C ALA C 3 15.31 13.53 68.23
N THR C 4 16.48 13.68 67.61
CA THR C 4 16.81 14.90 66.90
C THR C 4 18.02 14.65 66.02
N GLN C 5 17.97 15.20 64.79
CA GLN C 5 19.07 15.27 63.83
C GLN C 5 19.50 13.90 63.30
N GLU C 6 18.94 12.79 63.81
CA GLU C 6 19.26 11.48 63.27
C GLU C 6 18.19 10.96 62.31
N GLU C 7 16.96 11.45 62.45
CA GLU C 7 15.91 11.21 61.46
C GLU C 7 15.28 12.53 61.09
N ILE C 8 15.29 13.49 62.02
CA ILE C 8 14.64 14.79 61.83
C ILE C 8 15.15 15.48 60.57
N ILE C 9 16.39 15.19 60.17
CA ILE C 9 16.90 15.74 58.92
C ILE C 9 17.14 14.60 57.94
N ALA C 10 17.50 13.43 58.46
CA ALA C 10 17.84 12.30 57.60
C ALA C 10 16.66 11.73 56.85
N GLY C 11 15.43 12.13 57.18
CA GLY C 11 14.27 11.71 56.44
C GLY C 11 13.61 12.87 55.75
N LEU C 12 13.74 14.05 56.35
CA LEU C 12 13.22 15.26 55.72
C LEU C 12 13.99 15.59 54.44
N ALA C 13 15.31 15.45 54.47
CA ALA C 13 16.13 15.69 53.28
C ALA C 13 15.94 14.61 52.22
N GLU C 14 15.27 13.51 52.55
CA GLU C 14 14.89 12.51 51.55
C GLU C 14 13.50 12.76 50.99
N ILE C 15 12.56 13.17 51.84
CA ILE C 15 11.23 13.54 51.36
C ILE C 15 11.31 14.76 50.45
N ILE C 16 12.13 15.76 50.83
CA ILE C 16 12.26 16.96 50.03
C ILE C 16 12.90 16.64 48.69
N GLU C 17 13.90 15.76 48.68
CA GLU C 17 14.51 15.35 47.41
C GLU C 17 13.52 14.59 46.55
N GLU C 18 12.70 13.72 47.16
CA GLU C 18 11.74 12.95 46.38
C GLU C 18 10.64 13.83 45.81
N VAL C 19 10.31 14.93 46.49
CA VAL C 19 9.21 15.77 46.05
C VAL C 19 9.66 16.86 45.08
N THR C 20 10.76 17.55 45.38
CA THR C 20 11.17 18.70 44.58
C THR C 20 12.42 18.46 43.74
N GLY C 21 13.11 17.34 43.93
CA GLY C 21 14.36 17.13 43.24
C GLY C 21 15.55 17.87 43.84
N ILE C 22 15.34 18.65 44.90
CA ILE C 22 16.43 19.38 45.55
C ILE C 22 17.36 18.38 46.22
N GLU C 23 18.66 18.54 45.98
CA GLU C 23 19.62 17.59 46.48
C GLU C 23 19.68 17.63 48.01
N PRO C 24 19.86 16.49 48.67
CA PRO C 24 19.93 16.49 50.14
C PRO C 24 21.18 17.16 50.68
N SER C 25 22.20 17.37 49.85
CA SER C 25 23.41 18.05 50.31
C SER C 25 23.12 19.48 50.77
N GLU C 26 22.04 20.08 50.28
CA GLU C 26 21.68 21.45 50.60
C GLU C 26 20.36 21.50 51.36
N VAL C 27 20.20 20.62 52.34
CA VAL C 27 19.06 20.65 53.26
C VAL C 27 19.66 20.71 54.67
N THR C 28 19.81 21.93 55.17
CA THR C 28 20.41 22.19 56.47
C THR C 28 19.48 23.09 57.29
N PRO C 29 19.52 23.00 58.62
CA PRO C 29 18.43 23.54 59.43
C PRO C 29 18.46 25.05 59.66
N GLU C 30 19.21 25.81 58.86
CA GLU C 30 19.27 27.26 59.03
C GLU C 30 18.55 28.05 57.95
N LYS C 31 18.15 27.42 56.85
CA LYS C 31 17.56 28.13 55.72
C LYS C 31 16.07 27.85 55.62
N SER C 32 15.31 28.87 55.24
CA SER C 32 13.86 28.79 55.18
C SER C 32 13.40 28.28 53.82
N PHE C 33 12.16 27.78 53.80
CA PHE C 33 11.62 27.20 52.58
C PHE C 33 11.44 28.26 51.50
N VAL C 34 10.95 29.44 51.86
CA VAL C 34 10.60 30.44 50.87
C VAL C 34 11.83 31.22 50.40
N ASP C 35 12.85 31.34 51.25
CA ASP C 35 13.98 32.22 50.93
C ASP C 35 15.07 31.50 50.13
N ASP C 36 15.67 30.46 50.71
CA ASP C 36 16.74 29.76 50.01
C ASP C 36 16.16 28.77 49.00
N LEU C 37 15.38 27.80 49.48
CA LEU C 37 14.68 26.89 48.58
C LEU C 37 13.58 27.65 47.85
N ASP C 38 12.90 26.93 46.96
CA ASP C 38 11.76 27.48 46.21
C ASP C 38 10.64 26.47 46.39
N ILE C 39 9.83 26.67 47.42
CA ILE C 39 8.75 25.74 47.75
C ILE C 39 7.45 26.53 47.85
N ASP C 40 6.52 26.26 46.95
CA ASP C 40 5.23 26.92 46.92
C ASP C 40 4.22 26.14 47.76
N SER C 41 2.95 26.51 47.66
CA SER C 41 1.92 25.88 48.48
C SER C 41 1.75 24.41 48.13
N LEU C 42 1.81 24.07 46.85
CA LEU C 42 1.62 22.68 46.44
C LEU C 42 2.74 21.79 47.00
N SER C 43 3.98 22.25 46.92
CA SER C 43 5.09 21.46 47.43
C SER C 43 5.07 21.39 48.95
N MET C 44 4.69 22.49 49.61
CA MET C 44 4.59 22.46 51.07
C MET C 44 3.55 21.43 51.52
N VAL C 45 2.38 21.42 50.88
CA VAL C 45 1.36 20.45 51.28
C VAL C 45 1.79 19.04 50.91
N GLU C 46 2.49 18.85 49.79
CA GLU C 46 2.94 17.51 49.45
C GLU C 46 3.96 16.99 50.47
N ILE C 47 4.83 17.87 50.96
CA ILE C 47 5.78 17.46 51.99
C ILE C 47 5.04 17.11 53.28
N ALA C 48 4.08 17.95 53.67
CA ALA C 48 3.33 17.68 54.90
C ALA C 48 2.47 16.43 54.78
N VAL C 49 2.11 16.03 53.57
CA VAL C 49 1.30 14.82 53.38
C VAL C 49 2.20 13.58 53.37
N GLN C 50 3.36 13.67 52.72
CA GLN C 50 4.26 12.52 52.66
C GLN C 50 5.05 12.31 53.94
N THR C 51 5.11 13.32 54.83
CA THR C 51 5.71 13.09 56.13
C THR C 51 4.74 12.49 57.13
N GLU C 52 3.46 12.38 56.78
CA GLU C 52 2.48 11.72 57.63
C GLU C 52 2.42 10.22 57.38
N ASP C 53 2.98 9.73 56.29
CA ASP C 53 3.00 8.31 56.00
C ASP C 53 4.20 7.61 56.63
N LYS C 54 5.33 8.30 56.73
CA LYS C 54 6.51 7.71 57.37
C LYS C 54 6.38 7.70 58.89
N TYR C 55 6.29 8.90 59.48
CA TYR C 55 6.19 9.07 60.92
C TYR C 55 4.81 9.68 61.19
N GLY C 56 3.81 8.83 61.34
CA GLY C 56 2.43 9.30 61.35
C GLY C 56 2.15 10.32 62.42
N VAL C 57 2.06 11.59 62.02
CA VAL C 57 1.79 12.72 62.91
C VAL C 57 0.97 13.73 62.12
N LYS C 58 -0.20 14.07 62.62
CA LYS C 58 -1.11 14.94 61.88
C LYS C 58 -0.56 16.35 61.84
N ILE C 59 -0.21 16.83 60.64
CA ILE C 59 0.14 18.23 60.43
C ILE C 59 -1.02 18.88 59.69
N PRO C 60 -1.91 19.59 60.38
CA PRO C 60 -3.04 20.23 59.69
C PRO C 60 -2.56 21.38 58.82
N ASP C 61 -3.47 21.84 57.96
CA ASP C 61 -3.14 22.91 57.03
C ASP C 61 -3.06 24.27 57.72
N GLU C 62 -3.74 24.45 58.85
CA GLU C 62 -3.63 25.66 59.64
C GLU C 62 -2.41 25.65 60.56
N ASP C 63 -1.46 24.77 60.30
CA ASP C 63 -0.27 24.59 61.12
C ASP C 63 1.02 24.83 60.35
N LEU C 64 1.11 24.35 59.11
CA LEU C 64 2.30 24.56 58.30
C LEU C 64 2.44 26.00 57.82
N ALA C 65 1.53 26.90 58.20
CA ALA C 65 1.70 28.31 57.90
C ALA C 65 2.75 28.97 58.78
N GLY C 66 3.03 28.40 59.95
CA GLY C 66 4.04 28.91 60.86
C GLY C 66 5.35 28.17 60.86
N LEU C 67 5.55 27.24 59.94
CA LEU C 67 6.83 26.54 59.80
C LEU C 67 7.62 27.24 58.69
N ARG C 68 8.32 28.30 59.08
CA ARG C 68 8.99 29.15 58.11
C ARG C 68 10.29 28.55 57.62
N THR C 69 11.13 28.08 58.54
CA THR C 69 12.40 27.44 58.22
C THR C 69 12.27 25.94 58.41
N VAL C 70 13.25 25.21 57.86
CA VAL C 70 13.29 23.77 58.07
C VAL C 70 13.67 23.44 59.51
N GLY C 71 14.35 24.35 60.20
CA GLY C 71 14.55 24.19 61.63
C GLY C 71 13.28 24.42 62.42
N ASP C 72 12.32 25.16 61.85
CA ASP C 72 11.03 25.33 62.50
C ASP C 72 10.27 24.01 62.53
N VAL C 73 10.39 23.20 61.48
CA VAL C 73 9.84 21.86 61.50
C VAL C 73 10.51 21.04 62.60
N VAL C 74 11.82 21.23 62.77
CA VAL C 74 12.54 20.56 63.85
C VAL C 74 11.93 20.91 65.20
N ALA C 75 11.78 22.21 65.45
CA ALA C 75 11.24 22.65 66.74
C ALA C 75 9.80 22.17 66.94
N TYR C 76 8.98 22.22 65.89
CA TYR C 76 7.59 21.81 66.02
C TYR C 76 7.48 20.32 66.33
N ILE C 77 8.10 19.48 65.51
CA ILE C 77 8.02 18.05 65.75
C ILE C 77 8.78 17.65 67.00
N GLN C 78 9.68 18.50 67.50
CA GLN C 78 10.28 18.25 68.80
C GLN C 78 9.30 18.54 69.92
N LYS C 79 8.52 19.62 69.78
CA LYS C 79 7.44 19.88 70.72
C LYS C 79 6.44 18.74 70.74
N LEU C 80 6.14 18.17 69.57
CA LEU C 80 5.26 17.01 69.52
C LEU C 80 5.88 15.81 70.24
N GLU C 81 7.20 15.68 70.18
CA GLU C 81 7.89 14.56 70.82
C GLU C 81 7.86 14.69 72.34
#